data_5ER0
#
_entry.id   5ER0
#
_cell.length_a   67.968
_cell.length_b   86.350
_cell.length_c   93.327
_cell.angle_alpha   96.920
_cell.angle_beta   94.070
_cell.angle_gamma   92.400
#
_symmetry.space_group_name_H-M   'P 1'
#
loop_
_entity.id
_entity.type
_entity.pdbx_description
1 polymer 'NADH oxidase'
2 non-polymer 'FLAVIN-ADENINE DINUCLEOTIDE'
3 non-polymer 'OXYGEN MOLECULE'
4 non-polymer 1,2-ETHANEDIOL
5 water water
#
_entity_poly.entity_id   1
_entity_poly.type   'polypeptide(L)'
_entity_poly.pdbx_seq_one_letter_code
;MHHHHHHSSGLVPRGSGMKETAAAKFERQHMDSPDLGTDDDDKAMADIGSMKVTVVGCTHAGTFAIKQILAEHPDAEVTV
YERNDVISFLSCGIALYLGGKVADPQGLFYSSPEELQKLGANVQMNHNVLAIDPDQKTVTVEDLTNHAQTTESYDKLVMT
SGSWPIVPKIPGIDSDRVKLCKNWAHAQALIEDAKEAKRITVIGAGYIGAELAEAYSTTGHDVTLIDAMARVMPKYFDAD
FTDVIEQDYRDHGVQLALGETVESFTDSATGLTIKTDKNSYETDLAILCIGFRPNTDLLKGKVDMAPNGAIITDDYMRSS
NPDIFAAGDSAAVHYNPTHQNAYIPLATNAVRQGILVGKNLVKPTVKYMGTQSSSGLALYDRTIVSTGLTLAAAKQQGLN
AEQVIVEDNYRPEFMPSTEPVLMSLVFDPDTHRILGGALMSKYDVSQSANTLSVCIQNENTIDDLAMVDMLFQPNFDRPF
NYLNILAQAAQAKVAQSVNAGGSGGSGGSMDYKDDDDK
;
_entity_poly.pdbx_strand_id   A,B,C,D
#
loop_
_chem_comp.id
_chem_comp.type
_chem_comp.name
_chem_comp.formula
EDO non-polymer 1,2-ETHANEDIOL 'C2 H6 O2'
FAD non-polymer 'FLAVIN-ADENINE DINUCLEOTIDE' 'C27 H33 N9 O15 P2'
OXY non-polymer 'OXYGEN MOLECULE' O2
#
# COMPACT_ATOMS: atom_id res chain seq x y z
N SER A 50 39.86 4.39 -14.61
CA SER A 50 38.89 4.36 -13.52
C SER A 50 39.58 4.11 -12.18
N MET A 51 38.86 4.42 -11.10
CA MET A 51 39.42 4.28 -9.76
C MET A 51 39.62 2.81 -9.41
N LYS A 52 40.81 2.48 -8.89
CA LYS A 52 41.17 1.11 -8.54
C LYS A 52 41.16 0.98 -7.02
N VAL A 53 40.40 0.01 -6.52
CA VAL A 53 40.25 -0.22 -5.09
C VAL A 53 40.73 -1.63 -4.78
N THR A 54 41.63 -1.74 -3.80
CA THR A 54 42.13 -3.02 -3.31
C THR A 54 41.60 -3.26 -1.90
N VAL A 55 40.95 -4.40 -1.68
CA VAL A 55 40.41 -4.77 -0.39
C VAL A 55 41.24 -5.94 0.13
N VAL A 56 41.84 -5.76 1.31
CA VAL A 56 42.65 -6.79 1.95
C VAL A 56 41.78 -7.45 3.01
N GLY A 57 41.47 -8.73 2.82
CA GLY A 57 40.65 -9.46 3.76
C GLY A 57 39.16 -9.30 3.50
N CYS A 58 38.41 -10.40 3.58
CA CYS A 58 36.99 -10.35 3.23
C CYS A 58 36.26 -11.41 4.06
N THR A 59 35.78 -11.00 5.24
CA THR A 59 34.84 -11.81 6.02
C THR A 59 33.54 -11.04 6.19
N HIS A 60 33.51 -10.01 7.03
CA HIS A 60 32.32 -9.19 7.21
C HIS A 60 32.54 -7.73 6.82
N ALA A 61 33.58 -7.10 7.33
CA ALA A 61 33.83 -5.69 7.00
C ALA A 61 34.16 -5.53 5.52
N GLY A 62 34.96 -6.44 4.97
CA GLY A 62 35.26 -6.38 3.55
C GLY A 62 34.05 -6.67 2.69
N THR A 63 33.21 -7.62 3.10
CA THR A 63 32.02 -7.97 2.33
C THR A 63 31.08 -6.78 2.19
N PHE A 64 30.78 -6.10 3.31
CA PHE A 64 29.89 -4.95 3.25
C PHE A 64 30.55 -3.78 2.53
N ALA A 65 31.87 -3.63 2.63
CA ALA A 65 32.55 -2.56 1.92
C ALA A 65 32.49 -2.75 0.41
N ILE A 66 32.72 -3.99 -0.05
CA ILE A 66 32.72 -4.26 -1.48
C ILE A 66 31.33 -4.02 -2.07
N LYS A 67 30.29 -4.58 -1.44
CA LYS A 67 28.94 -4.39 -1.94
C LYS A 67 28.56 -2.90 -1.97
N GLN A 68 28.97 -2.15 -0.96
CA GLN A 68 28.65 -0.73 -0.92
C GLN A 68 29.41 0.04 -2.00
N ILE A 69 30.68 -0.30 -2.21
CA ILE A 69 31.48 0.40 -3.22
C ILE A 69 30.93 0.13 -4.62
N LEU A 70 30.56 -1.13 -4.89
CA LEU A 70 30.01 -1.46 -6.20
C LEU A 70 28.65 -0.82 -6.44
N ALA A 71 27.87 -0.61 -5.37
CA ALA A 71 26.53 -0.06 -5.53
C ALA A 71 26.56 1.44 -5.80
N GLU A 72 27.48 2.17 -5.18
CA GLU A 72 27.53 3.62 -5.30
C GLU A 72 28.62 4.12 -6.23
N HIS A 73 29.57 3.26 -6.61
CA HIS A 73 30.61 3.61 -7.57
C HIS A 73 30.78 2.45 -8.54
N PRO A 74 29.79 2.22 -9.41
CA PRO A 74 29.83 1.03 -10.28
C PRO A 74 30.96 1.04 -11.29
N ASP A 75 31.67 2.16 -11.46
CA ASP A 75 32.78 2.22 -12.40
C ASP A 75 34.13 1.92 -11.75
N ALA A 76 34.17 1.75 -10.43
CA ALA A 76 35.41 1.46 -9.74
C ALA A 76 35.84 0.02 -9.97
N GLU A 77 37.15 -0.19 -10.04
CA GLU A 77 37.73 -1.52 -10.19
C GLU A 77 38.06 -2.06 -8.80
N VAL A 78 37.27 -3.01 -8.33
CA VAL A 78 37.42 -3.55 -6.98
C VAL A 78 38.11 -4.91 -7.06
N THR A 79 39.31 -5.00 -6.51
CA THR A 79 40.03 -6.25 -6.35
C THR A 79 40.11 -6.59 -4.88
N VAL A 80 39.70 -7.81 -4.52
CA VAL A 80 39.67 -8.25 -3.13
C VAL A 80 40.50 -9.52 -3.00
N TYR A 81 41.36 -9.56 -1.99
CA TYR A 81 42.17 -10.73 -1.67
C TYR A 81 41.75 -11.27 -0.32
N GLU A 82 41.62 -12.60 -0.23
CA GLU A 82 41.23 -13.26 1.01
C GLU A 82 41.99 -14.58 1.13
N ARG A 83 42.62 -14.80 2.29
CA ARG A 83 43.41 -16.01 2.50
C ARG A 83 42.55 -17.26 2.42
N ASN A 84 41.37 -17.24 3.05
CA ASN A 84 40.49 -18.39 3.03
C ASN A 84 39.83 -18.52 1.66
N ASP A 85 39.12 -19.63 1.47
CA ASP A 85 38.32 -19.85 0.27
C ASP A 85 36.85 -19.56 0.51
N VAL A 86 36.54 -18.77 1.52
CA VAL A 86 35.16 -18.54 1.94
C VAL A 86 35.06 -17.14 2.54
N ILE A 87 33.84 -16.58 2.52
CA ILE A 87 33.57 -15.28 3.11
C ILE A 87 32.27 -15.34 3.91
N SER A 88 32.03 -14.29 4.69
CA SER A 88 30.76 -14.05 5.40
C SER A 88 30.45 -15.15 6.42
N PHE A 89 31.46 -15.82 6.95
CA PHE A 89 31.23 -16.84 7.97
C PHE A 89 30.89 -16.18 9.30
N LEU A 90 29.80 -16.61 9.92
CA LEU A 90 29.35 -16.08 11.20
C LEU A 90 29.96 -16.94 12.31
N SER A 91 31.06 -16.46 12.89
CA SER A 91 31.72 -17.19 13.98
C SER A 91 30.82 -17.31 15.21
N CYS A 92 29.82 -16.44 15.34
CA CYS A 92 28.88 -16.53 16.45
C CYS A 92 28.12 -17.84 16.48
N GLY A 93 28.06 -18.55 15.35
CA GLY A 93 27.36 -19.81 15.26
C GLY A 93 28.17 -21.04 15.61
N ILE A 94 29.46 -20.87 15.90
CA ILE A 94 30.29 -22.01 16.26
C ILE A 94 29.77 -22.66 17.55
N ALA A 95 29.64 -21.86 18.60
CA ALA A 95 29.12 -22.40 19.86
C ALA A 95 27.69 -22.90 19.71
N LEU A 96 26.90 -22.27 18.84
CA LEU A 96 25.53 -22.70 18.62
C LEU A 96 25.47 -24.08 17.98
N TYR A 97 26.38 -24.36 17.05
CA TYR A 97 26.42 -25.71 16.47
C TYR A 97 26.87 -26.73 17.50
N LEU A 98 28.03 -26.49 18.12
CA LEU A 98 28.54 -27.42 19.13
C LEU A 98 27.53 -27.66 20.23
N GLY A 99 26.75 -26.64 20.57
CA GLY A 99 25.63 -26.78 21.49
C GLY A 99 24.42 -27.46 20.91
N GLY A 100 24.49 -27.89 19.64
CA GLY A 100 23.40 -28.59 19.00
C GLY A 100 22.42 -27.74 18.23
N LYS A 101 22.45 -26.42 18.40
CA LYS A 101 21.40 -25.54 17.91
C LYS A 101 21.48 -25.24 16.41
N VAL A 102 22.39 -25.85 15.66
CA VAL A 102 22.55 -25.56 14.23
C VAL A 102 22.50 -26.86 13.46
N ALA A 103 21.47 -27.03 12.64
CA ALA A 103 21.32 -28.25 11.85
C ALA A 103 22.14 -28.18 10.56
N ASP A 104 21.95 -27.12 9.79
CA ASP A 104 22.63 -26.96 8.50
C ASP A 104 23.74 -25.93 8.61
N PRO A 105 25.01 -26.34 8.68
CA PRO A 105 26.11 -25.35 8.79
C PRO A 105 26.25 -24.46 7.57
N GLN A 106 25.59 -24.78 6.45
CA GLN A 106 25.63 -23.91 5.29
C GLN A 106 24.90 -22.59 5.54
N GLY A 107 24.00 -22.55 6.52
CA GLY A 107 23.30 -21.32 6.86
C GLY A 107 24.14 -20.30 7.59
N LEU A 108 25.36 -20.66 7.99
CA LEU A 108 26.26 -19.73 8.68
C LEU A 108 26.98 -18.78 7.74
N PHE A 109 26.59 -18.74 6.46
CA PHE A 109 27.16 -17.83 5.48
C PHE A 109 26.01 -17.05 4.82
N TYR A 110 26.20 -15.74 4.68
CA TYR A 110 25.21 -14.91 4.00
C TYR A 110 25.68 -14.37 2.66
N SER A 111 26.93 -14.57 2.29
CA SER A 111 27.45 -14.14 1.01
C SER A 111 28.40 -15.21 0.48
N SER A 112 28.99 -14.95 -0.68
CA SER A 112 29.87 -15.93 -1.32
C SER A 112 30.80 -15.19 -2.26
N PRO A 113 31.98 -15.76 -2.56
CA PRO A 113 32.83 -15.17 -3.60
C PRO A 113 32.14 -15.06 -4.95
N GLU A 114 31.30 -16.04 -5.29
CA GLU A 114 30.56 -15.98 -6.55
C GLU A 114 29.60 -14.80 -6.57
N GLU A 115 29.02 -14.45 -5.42
CA GLU A 115 28.09 -13.32 -5.38
C GLU A 115 28.81 -12.00 -5.58
N LEU A 116 29.97 -11.81 -4.93
CA LEU A 116 30.72 -10.58 -5.11
C LEU A 116 31.24 -10.47 -6.55
N GLN A 117 31.65 -11.59 -7.15
CA GLN A 117 32.07 -11.58 -8.54
C GLN A 117 30.91 -11.19 -9.45
N LYS A 118 29.73 -11.76 -9.20
CA LYS A 118 28.56 -11.41 -9.99
C LYS A 118 28.21 -9.94 -9.89
N LEU A 119 28.48 -9.33 -8.72
CA LEU A 119 28.23 -7.90 -8.55
C LEU A 119 29.26 -7.03 -9.26
N GLY A 120 30.36 -7.60 -9.75
CA GLY A 120 31.33 -6.85 -10.52
C GLY A 120 32.69 -6.71 -9.88
N ALA A 121 32.97 -7.54 -8.87
CA ALA A 121 34.23 -7.48 -8.14
C ALA A 121 35.19 -8.54 -8.64
N ASN A 122 36.48 -8.20 -8.63
CA ASN A 122 37.56 -9.13 -8.97
C ASN A 122 37.92 -9.89 -7.70
N VAL A 123 37.33 -11.09 -7.55
CA VAL A 123 37.46 -11.86 -6.32
C VAL A 123 38.65 -12.81 -6.44
N GLN A 124 39.64 -12.63 -5.57
CA GLN A 124 40.85 -13.44 -5.55
C GLN A 124 40.93 -14.17 -4.22
N MET A 125 40.23 -15.29 -4.13
CA MET A 125 40.28 -16.11 -2.93
C MET A 125 41.59 -16.90 -2.91
N ASN A 126 41.90 -17.44 -1.73
CA ASN A 126 43.15 -18.20 -1.51
C ASN A 126 44.36 -17.37 -1.88
N HIS A 127 44.31 -16.08 -1.57
CA HIS A 127 45.42 -15.17 -1.82
C HIS A 127 45.86 -14.54 -0.50
N ASN A 128 47.17 -14.47 -0.30
CA ASN A 128 47.76 -13.90 0.91
C ASN A 128 48.53 -12.65 0.53
N VAL A 129 48.02 -11.49 0.96
CA VAL A 129 48.72 -10.23 0.74
C VAL A 129 50.01 -10.24 1.54
N LEU A 130 51.14 -10.07 0.86
CA LEU A 130 52.46 -10.14 1.48
C LEU A 130 53.00 -8.80 1.91
N ALA A 131 52.67 -7.71 1.20
CA ALA A 131 53.21 -6.40 1.53
C ALA A 131 52.28 -5.32 0.99
N ILE A 132 52.33 -4.16 1.62
CA ILE A 132 51.60 -2.98 1.18
C ILE A 132 52.57 -1.81 1.16
N ASP A 133 52.74 -1.19 -0.01
CA ASP A 133 53.66 -0.08 -0.19
C ASP A 133 52.85 1.21 -0.32
N PRO A 134 52.66 1.97 0.75
CA PRO A 134 51.78 3.15 0.65
C PRO A 134 52.37 4.27 -0.18
N ASP A 135 53.70 4.48 -0.12
CA ASP A 135 54.30 5.58 -0.86
C ASP A 135 54.28 5.34 -2.35
N GLN A 136 54.39 4.07 -2.78
CA GLN A 136 54.22 3.72 -4.18
C GLN A 136 52.79 3.29 -4.51
N LYS A 137 51.93 3.16 -3.51
CA LYS A 137 50.54 2.76 -3.68
C LYS A 137 50.45 1.45 -4.46
N THR A 138 51.18 0.45 -3.98
CA THR A 138 51.17 -0.88 -4.57
C THR A 138 50.93 -1.92 -3.49
N VAL A 139 50.59 -3.13 -3.92
CA VAL A 139 50.36 -4.26 -3.03
C VAL A 139 50.93 -5.51 -3.70
N THR A 140 51.56 -6.37 -2.91
CA THR A 140 52.16 -7.61 -3.41
C THR A 140 51.42 -8.78 -2.80
N VAL A 141 50.85 -9.64 -3.65
CA VAL A 141 49.96 -10.70 -3.23
C VAL A 141 50.51 -12.04 -3.71
N GLU A 142 50.30 -13.07 -2.89
CA GLU A 142 50.74 -14.43 -3.21
C GLU A 142 49.52 -15.32 -3.42
N ASP A 143 49.46 -15.97 -4.58
CA ASP A 143 48.45 -17.00 -4.83
C ASP A 143 48.83 -18.25 -4.03
N LEU A 144 48.03 -18.57 -3.01
CA LEU A 144 48.34 -19.70 -2.15
C LEU A 144 48.23 -21.05 -2.86
N THR A 145 47.62 -21.09 -4.04
CA THR A 145 47.47 -22.35 -4.76
C THR A 145 48.72 -22.72 -5.57
N ASN A 146 49.66 -21.80 -5.76
CA ASN A 146 50.85 -22.11 -6.56
C ASN A 146 52.02 -21.19 -6.25
N HIS A 147 51.92 -20.40 -5.17
CA HIS A 147 52.95 -19.48 -4.72
C HIS A 147 53.19 -18.31 -5.69
N ALA A 148 52.36 -18.16 -6.72
CA ALA A 148 52.58 -17.09 -7.69
C ALA A 148 52.39 -15.73 -7.03
N GLN A 149 53.37 -14.85 -7.22
CA GLN A 149 53.34 -13.51 -6.64
C GLN A 149 53.12 -12.47 -7.73
N THR A 150 52.33 -11.45 -7.40
CA THR A 150 52.08 -10.33 -8.30
C THR A 150 52.20 -9.03 -7.50
N THR A 151 52.40 -7.93 -8.22
CA THR A 151 52.42 -6.60 -7.64
C THR A 151 51.43 -5.73 -8.41
N GLU A 152 50.46 -5.16 -7.68
CA GLU A 152 49.37 -4.42 -8.29
C GLU A 152 49.31 -3.01 -7.73
N SER A 153 48.80 -2.09 -8.54
CA SER A 153 48.58 -0.71 -8.13
C SER A 153 47.15 -0.51 -7.64
N TYR A 154 46.99 0.45 -6.72
CA TYR A 154 45.68 0.82 -6.22
C TYR A 154 45.61 2.34 -6.12
N ASP A 155 44.38 2.86 -6.19
CA ASP A 155 44.10 4.25 -5.85
C ASP A 155 43.56 4.40 -4.45
N LYS A 156 42.74 3.44 -4.01
CA LYS A 156 42.28 3.33 -2.64
C LYS A 156 42.54 1.91 -2.16
N LEU A 157 42.92 1.77 -0.90
CA LEU A 157 43.10 0.47 -0.27
C LEU A 157 42.18 0.39 0.93
N VAL A 158 41.46 -0.72 1.04
CA VAL A 158 40.53 -0.97 2.14
C VAL A 158 41.12 -2.06 3.00
N MET A 159 41.52 -1.70 4.23
CA MET A 159 42.20 -2.62 5.15
C MET A 159 41.15 -3.27 6.03
N THR A 160 40.61 -4.39 5.58
CA THR A 160 39.67 -5.17 6.37
C THR A 160 40.28 -6.52 6.72
N SER A 161 41.52 -6.51 7.22
CA SER A 161 42.24 -7.73 7.54
C SER A 161 41.83 -8.34 8.86
N GLY A 162 40.93 -7.70 9.61
CA GLY A 162 40.35 -8.33 10.78
C GLY A 162 41.35 -8.56 11.89
N SER A 163 41.21 -9.70 12.58
CA SER A 163 41.98 -10.00 13.77
C SER A 163 42.37 -11.47 13.77
N TRP A 164 43.13 -11.86 14.79
CA TRP A 164 43.57 -13.24 14.97
C TRP A 164 43.68 -13.50 16.46
N PRO A 165 43.34 -14.70 16.93
CA PRO A 165 43.37 -14.96 18.37
C PRO A 165 44.74 -14.73 18.99
N ILE A 166 44.74 -14.33 20.25
CA ILE A 166 45.96 -14.12 21.00
C ILE A 166 46.51 -15.46 21.44
N VAL A 167 47.74 -15.76 21.05
CA VAL A 167 48.42 -17.00 21.40
C VAL A 167 49.64 -16.66 22.24
N PRO A 168 49.56 -16.86 23.56
CA PRO A 168 50.66 -16.45 24.44
C PRO A 168 51.83 -17.44 24.38
N LYS A 169 52.99 -16.94 24.79
CA LYS A 169 54.22 -17.73 24.80
C LYS A 169 54.24 -18.63 26.03
N ILE A 170 53.41 -19.66 25.98
CA ILE A 170 53.29 -20.65 27.06
C ILE A 170 53.91 -21.95 26.57
N PRO A 171 54.76 -22.61 27.37
CA PRO A 171 55.37 -23.87 26.92
C PRO A 171 54.32 -24.93 26.64
N GLY A 172 54.45 -25.57 25.48
CA GLY A 172 53.56 -26.65 25.10
C GLY A 172 52.24 -26.22 24.49
N ILE A 173 52.05 -24.92 24.24
CA ILE A 173 50.78 -24.44 23.69
C ILE A 173 50.56 -24.88 22.25
N ASP A 174 51.60 -25.34 21.56
CA ASP A 174 51.46 -25.88 20.22
C ASP A 174 50.96 -27.33 20.20
N SER A 175 50.49 -27.83 21.33
CA SER A 175 49.94 -29.18 21.39
C SER A 175 48.75 -29.32 20.46
N ASP A 176 48.59 -30.52 19.89
CA ASP A 176 47.47 -30.79 19.01
C ASP A 176 46.14 -30.85 19.76
N ARG A 177 46.18 -30.93 21.09
CA ARG A 177 44.96 -30.87 21.89
C ARG A 177 44.58 -29.44 22.26
N VAL A 178 45.35 -28.45 21.82
CA VAL A 178 45.01 -27.04 22.00
C VAL A 178 44.52 -26.51 20.66
N LYS A 179 43.33 -25.91 20.66
CA LYS A 179 42.66 -25.50 19.44
C LYS A 179 42.23 -24.04 19.51
N LEU A 180 42.24 -23.38 18.36
CA LEU A 180 41.70 -22.05 18.22
C LEU A 180 40.22 -22.13 17.86
N CYS A 181 39.54 -20.98 17.95
CA CYS A 181 38.11 -20.94 17.64
C CYS A 181 37.76 -19.56 17.07
N LYS A 182 37.98 -19.42 15.77
CA LYS A 182 37.64 -18.16 15.09
C LYS A 182 36.92 -18.39 13.76
N ASN A 183 37.57 -19.07 12.83
CA ASN A 183 37.09 -19.13 11.46
C ASN A 183 36.41 -20.48 11.17
N TRP A 184 35.98 -20.64 9.92
CA TRP A 184 35.29 -21.85 9.51
C TRP A 184 36.20 -23.08 9.59
N ALA A 185 37.50 -22.90 9.37
CA ALA A 185 38.43 -24.01 9.52
C ALA A 185 38.50 -24.48 10.98
N HIS A 186 38.58 -23.53 11.91
CA HIS A 186 38.60 -23.89 13.34
C HIS A 186 37.31 -24.58 13.74
N ALA A 187 36.17 -24.17 13.17
CA ALA A 187 34.89 -24.75 13.54
C ALA A 187 34.80 -26.21 13.10
N GLN A 188 35.15 -26.48 11.84
CA GLN A 188 35.08 -27.85 11.34
C GLN A 188 35.98 -28.80 12.13
N ALA A 189 37.13 -28.31 12.60
CA ALA A 189 38.00 -29.15 13.43
C ALA A 189 37.34 -29.46 14.77
N LEU A 190 36.81 -28.44 15.44
CA LEU A 190 36.15 -28.65 16.73
C LEU A 190 34.89 -29.50 16.57
N ILE A 191 34.23 -29.41 15.41
CA ILE A 191 33.02 -30.21 15.19
C ILE A 191 33.35 -31.69 15.23
N GLU A 192 34.43 -32.10 14.54
CA GLU A 192 34.78 -33.51 14.48
C GLU A 192 35.54 -33.96 15.72
N ASP A 193 36.30 -33.06 16.36
CA ASP A 193 37.12 -33.43 17.50
C ASP A 193 36.34 -33.46 18.81
N ALA A 194 35.13 -32.89 18.85
CA ALA A 194 34.37 -32.83 20.10
C ALA A 194 33.77 -34.18 20.47
N LYS A 195 33.40 -35.00 19.49
CA LYS A 195 32.75 -36.27 19.77
C LYS A 195 33.64 -37.20 20.60
N GLU A 196 34.96 -37.06 20.46
CA GLU A 196 35.90 -37.89 21.19
C GLU A 196 36.51 -37.21 22.42
N ALA A 197 36.34 -35.90 22.56
CA ALA A 197 36.93 -35.16 23.67
C ALA A 197 35.89 -35.04 24.78
N LYS A 198 35.90 -36.02 25.69
CA LYS A 198 34.97 -35.99 26.81
C LYS A 198 35.26 -34.83 27.75
N ARG A 199 36.53 -34.56 28.03
CA ARG A 199 36.93 -33.47 28.91
C ARG A 199 37.35 -32.28 28.05
N ILE A 200 36.64 -31.17 28.22
CA ILE A 200 36.91 -29.93 27.47
C ILE A 200 37.34 -28.87 28.46
N THR A 201 38.43 -28.16 28.14
CA THR A 201 38.90 -27.05 28.95
C THR A 201 38.93 -25.79 28.10
N VAL A 202 38.20 -24.77 28.53
CA VAL A 202 38.18 -23.47 27.86
C VAL A 202 39.08 -22.53 28.64
N ILE A 203 40.02 -21.91 27.94
CA ILE A 203 40.98 -20.98 28.54
C ILE A 203 40.59 -19.58 28.13
N GLY A 204 40.16 -18.77 29.09
CA GLY A 204 39.68 -17.43 28.80
C GLY A 204 38.17 -17.32 29.02
N ALA A 205 37.77 -16.49 29.98
CA ALA A 205 36.37 -16.38 30.39
C ALA A 205 35.68 -15.16 29.81
N GLY A 206 36.02 -14.77 28.58
CA GLY A 206 35.24 -13.79 27.87
C GLY A 206 33.94 -14.40 27.39
N TYR A 207 33.19 -13.61 26.61
CA TYR A 207 31.89 -14.08 26.15
C TYR A 207 32.03 -15.29 25.22
N ILE A 208 33.09 -15.33 24.40
CA ILE A 208 33.31 -16.48 23.55
C ILE A 208 33.61 -17.72 24.39
N GLY A 209 34.57 -17.60 25.32
CA GLY A 209 34.84 -18.70 26.22
C GLY A 209 33.65 -19.10 27.06
N ALA A 210 32.83 -18.13 27.46
CA ALA A 210 31.62 -18.44 28.21
C ALA A 210 30.63 -19.24 27.36
N GLU A 211 30.47 -18.87 26.09
CA GLU A 211 29.54 -19.59 25.22
C GLU A 211 29.99 -21.02 24.98
N LEU A 212 31.29 -21.24 24.77
CA LEU A 212 31.80 -22.58 24.51
C LEU A 212 31.60 -23.48 25.73
N ALA A 213 31.97 -22.98 26.91
CA ALA A 213 31.81 -23.78 28.12
C ALA A 213 30.35 -24.16 28.35
N GLU A 214 29.43 -23.22 28.13
CA GLU A 214 28.01 -23.52 28.28
C GLU A 214 27.53 -24.51 27.23
N ALA A 215 27.99 -24.34 25.98
CA ALA A 215 27.55 -25.24 24.91
C ALA A 215 28.08 -26.65 25.12
N TYR A 216 29.32 -26.79 25.59
CA TYR A 216 29.86 -28.12 25.85
C TYR A 216 29.29 -28.74 27.11
N SER A 217 28.94 -27.93 28.12
CA SER A 217 28.40 -28.49 29.35
C SER A 217 27.02 -29.09 29.11
N THR A 218 26.22 -28.48 28.24
CA THR A 218 24.87 -28.95 27.97
C THR A 218 24.83 -30.08 26.95
N THR A 219 25.99 -30.61 26.54
CA THR A 219 26.04 -31.70 25.57
C THR A 219 26.85 -32.89 26.08
N GLY A 220 26.98 -33.03 27.40
CA GLY A 220 27.59 -34.22 27.96
C GLY A 220 29.11 -34.21 27.99
N HIS A 221 29.71 -33.07 28.33
CA HIS A 221 31.15 -32.97 28.49
C HIS A 221 31.50 -32.54 29.91
N ASP A 222 32.71 -32.89 30.33
CA ASP A 222 33.26 -32.41 31.60
C ASP A 222 34.08 -31.16 31.31
N VAL A 223 33.53 -30.00 31.67
CA VAL A 223 34.05 -28.71 31.25
C VAL A 223 34.77 -28.04 32.41
N THR A 224 35.95 -27.49 32.12
CA THR A 224 36.68 -26.65 33.05
C THR A 224 36.96 -25.32 32.38
N LEU A 225 36.65 -24.22 33.08
CA LEU A 225 36.81 -22.88 32.56
C LEU A 225 37.93 -22.18 33.32
N ILE A 226 39.02 -21.85 32.63
CA ILE A 226 40.20 -21.25 33.24
C ILE A 226 40.38 -19.84 32.70
N ASP A 227 40.70 -18.91 33.59
CA ASP A 227 41.05 -17.55 33.19
C ASP A 227 41.83 -16.90 34.33
N ALA A 228 42.74 -16.01 33.97
CA ALA A 228 43.53 -15.29 34.96
C ALA A 228 42.75 -14.16 35.63
N MET A 229 41.69 -13.67 35.00
CA MET A 229 40.88 -12.63 35.60
C MET A 229 40.03 -13.21 36.73
N ALA A 230 39.53 -12.31 37.59
CA ALA A 230 38.81 -12.75 38.78
C ALA A 230 37.39 -13.20 38.49
N ARG A 231 36.74 -12.62 37.49
CA ARG A 231 35.35 -12.91 37.19
C ARG A 231 35.20 -13.27 35.71
N VAL A 232 34.07 -13.90 35.39
CA VAL A 232 33.72 -14.16 33.99
C VAL A 232 33.18 -12.88 33.37
N MET A 233 33.43 -12.72 32.07
CA MET A 233 32.95 -11.62 31.24
C MET A 233 32.94 -10.26 31.98
N PRO A 234 34.09 -9.84 32.53
CA PRO A 234 34.10 -8.59 33.31
C PRO A 234 33.93 -7.34 32.47
N LYS A 235 34.08 -7.42 31.14
CA LYS A 235 33.91 -6.25 30.30
C LYS A 235 32.44 -5.92 30.07
N TYR A 236 31.56 -6.92 30.16
CA TYR A 236 30.14 -6.73 29.88
C TYR A 236 29.31 -6.46 31.13
N PHE A 237 29.58 -7.17 32.23
CA PHE A 237 28.68 -7.17 33.37
C PHE A 237 29.45 -6.91 34.65
N ASP A 238 28.77 -6.30 35.62
CA ASP A 238 29.32 -6.06 36.94
C ASP A 238 29.20 -7.33 37.79
N ALA A 239 29.71 -7.25 39.02
CA ALA A 239 29.84 -8.44 39.86
C ALA A 239 28.49 -9.07 40.19
N ASP A 240 27.44 -8.26 40.34
CA ASP A 240 26.13 -8.81 40.68
C ASP A 240 25.63 -9.76 39.60
N PHE A 241 25.90 -9.43 38.33
CA PHE A 241 25.51 -10.29 37.23
C PHE A 241 26.40 -11.52 37.14
N THR A 242 27.73 -11.31 37.19
CA THR A 242 28.65 -12.42 37.00
C THR A 242 28.60 -13.42 38.14
N ASP A 243 28.19 -12.98 39.33
CA ASP A 243 27.98 -13.90 40.44
C ASP A 243 26.87 -14.90 40.14
N VAL A 244 25.78 -14.42 39.52
CA VAL A 244 24.69 -15.30 39.16
C VAL A 244 25.10 -16.24 38.04
N ILE A 245 25.85 -15.72 37.06
CA ILE A 245 26.30 -16.54 35.93
C ILE A 245 27.27 -17.61 36.40
N GLU A 246 28.25 -17.21 37.23
CA GLU A 246 29.21 -18.19 37.74
C GLU A 246 28.51 -19.27 38.57
N GLN A 247 27.45 -18.90 39.28
CA GLN A 247 26.67 -19.91 40.01
C GLN A 247 25.96 -20.84 39.05
N ASP A 248 25.49 -20.31 37.91
CA ASP A 248 24.88 -21.16 36.89
C ASP A 248 25.86 -22.19 36.35
N TYR A 249 27.10 -21.79 36.10
CA TYR A 249 28.11 -22.74 35.64
C TYR A 249 28.36 -23.82 36.69
N ARG A 250 28.43 -23.44 37.97
CA ARG A 250 28.63 -24.43 39.02
C ARG A 250 27.45 -25.38 39.13
N ASP A 251 26.23 -24.86 39.04
CA ASP A 251 25.05 -25.71 39.10
C ASP A 251 24.99 -26.71 37.96
N HIS A 252 25.64 -26.43 36.83
CA HIS A 252 25.65 -27.32 35.68
C HIS A 252 26.94 -28.14 35.60
N GLY A 253 27.72 -28.20 36.68
CA GLY A 253 28.88 -29.05 36.74
C GLY A 253 30.16 -28.50 36.14
N VAL A 254 30.16 -27.25 35.70
CA VAL A 254 31.36 -26.66 35.13
C VAL A 254 32.31 -26.28 36.26
N GLN A 255 33.56 -26.74 36.17
CA GLN A 255 34.57 -26.38 37.15
C GLN A 255 35.14 -25.01 36.80
N LEU A 256 35.07 -24.08 37.73
CA LEU A 256 35.54 -22.72 37.53
C LEU A 256 36.94 -22.59 38.11
N ALA A 257 37.89 -22.20 37.27
CA ALA A 257 39.26 -21.98 37.70
C ALA A 257 39.67 -20.53 37.46
N LEU A 258 38.94 -19.60 38.05
CA LEU A 258 39.22 -18.18 37.89
C LEU A 258 40.39 -17.76 38.78
N GLY A 259 41.05 -16.68 38.37
CA GLY A 259 42.21 -16.21 39.11
C GLY A 259 43.43 -17.09 39.00
N GLU A 260 43.53 -17.90 37.95
CA GLU A 260 44.64 -18.82 37.77
C GLU A 260 45.29 -18.57 36.41
N THR A 261 46.61 -18.63 36.38
CA THR A 261 47.39 -18.36 35.17
C THR A 261 47.97 -19.67 34.67
N VAL A 262 47.68 -20.00 33.40
CA VAL A 262 48.26 -21.19 32.79
C VAL A 262 49.76 -21.02 32.64
N GLU A 263 50.51 -22.07 33.01
CA GLU A 263 51.97 -22.02 32.95
C GLU A 263 52.58 -22.97 31.92
N SER A 264 51.94 -24.11 31.63
CA SER A 264 52.51 -25.05 30.69
C SER A 264 51.45 -26.04 30.23
N PHE A 265 51.62 -26.53 29.01
CA PHE A 265 50.84 -27.64 28.46
C PHE A 265 51.76 -28.82 28.26
N THR A 266 51.39 -29.97 28.81
CA THR A 266 52.20 -31.19 28.71
C THR A 266 51.32 -32.33 28.24
N ASP A 267 51.68 -32.93 27.11
CA ASP A 267 50.92 -34.03 26.53
C ASP A 267 51.38 -35.36 27.10
N SER A 268 50.42 -36.23 27.37
CA SER A 268 50.69 -37.62 27.73
C SER A 268 49.63 -38.49 27.04
N ALA A 269 49.75 -39.81 27.23
CA ALA A 269 48.83 -40.72 26.58
C ALA A 269 47.40 -40.53 27.08
N THR A 270 47.22 -40.17 28.35
CA THR A 270 45.91 -40.07 28.94
C THR A 270 45.23 -38.72 28.71
N GLY A 271 45.92 -37.77 28.09
CA GLY A 271 45.33 -36.49 27.76
C GLY A 271 46.33 -35.37 27.91
N LEU A 272 45.82 -34.15 27.89
CA LEU A 272 46.63 -32.94 28.01
C LEU A 272 46.59 -32.42 29.44
N THR A 273 47.75 -32.21 30.04
CA THR A 273 47.86 -31.74 31.40
C THR A 273 48.14 -30.23 31.40
N ILE A 274 47.24 -29.46 31.99
CA ILE A 274 47.36 -28.01 32.06
C ILE A 274 47.75 -27.63 33.49
N LYS A 275 48.93 -27.03 33.63
CA LYS A 275 49.41 -26.59 34.93
C LYS A 275 49.20 -25.09 35.07
N THR A 276 48.53 -24.68 36.14
CA THR A 276 48.39 -23.29 36.50
C THR A 276 49.18 -23.01 37.77
N ASP A 277 49.26 -21.74 38.13
CA ASP A 277 49.97 -21.35 39.35
C ASP A 277 49.26 -21.82 40.62
N LYS A 278 48.04 -22.34 40.50
CA LYS A 278 47.26 -22.77 41.67
C LYS A 278 46.79 -24.21 41.62
N ASN A 279 46.87 -24.88 40.47
CA ASN A 279 46.30 -26.22 40.35
C ASN A 279 46.86 -26.89 39.10
N SER A 280 46.35 -28.09 38.83
CA SER A 280 46.73 -28.87 37.66
C SER A 280 45.50 -29.62 37.17
N TYR A 281 45.27 -29.59 35.86
CA TYR A 281 44.10 -30.21 35.25
C TYR A 281 44.53 -31.06 34.07
N GLU A 282 43.85 -32.19 33.89
CA GLU A 282 44.02 -33.01 32.70
C GLU A 282 42.73 -32.97 31.89
N THR A 283 42.86 -32.75 30.59
CA THR A 283 41.72 -32.64 29.70
C THR A 283 42.03 -33.37 28.41
N ASP A 284 41.00 -33.57 27.59
CA ASP A 284 41.16 -34.17 26.28
C ASP A 284 41.28 -33.13 25.17
N LEU A 285 40.84 -31.90 25.42
CA LEU A 285 40.91 -30.83 24.44
C LEU A 285 40.91 -29.50 25.16
N ALA A 286 41.72 -28.56 24.67
CA ALA A 286 41.78 -27.21 25.22
C ALA A 286 41.52 -26.20 24.11
N ILE A 287 40.73 -25.17 24.43
CA ILE A 287 40.34 -24.15 23.46
C ILE A 287 40.80 -22.80 23.99
N LEU A 288 41.47 -22.02 23.13
CA LEU A 288 42.00 -20.71 23.49
C LEU A 288 40.95 -19.64 23.19
N CYS A 289 40.57 -18.89 24.23
CA CYS A 289 39.60 -17.81 24.10
C CYS A 289 40.02 -16.64 24.98
N ILE A 290 41.25 -16.16 24.80
CA ILE A 290 41.78 -15.11 25.67
C ILE A 290 41.92 -13.79 24.92
N GLY A 291 41.03 -13.55 23.97
CA GLY A 291 40.95 -12.27 23.30
C GLY A 291 41.51 -12.33 21.88
N PHE A 292 41.43 -11.19 21.21
CA PHE A 292 41.86 -11.06 19.83
C PHE A 292 42.86 -9.91 19.69
N ARG A 293 43.66 -10.00 18.62
CA ARG A 293 44.68 -9.02 18.33
C ARG A 293 44.50 -8.55 16.89
N PRO A 294 44.53 -7.25 16.63
CA PRO A 294 44.37 -6.77 15.26
C PRO A 294 45.46 -7.31 14.33
N ASN A 295 45.02 -7.82 13.18
CA ASN A 295 45.93 -8.42 12.19
C ASN A 295 46.31 -7.33 11.19
N THR A 296 47.21 -6.44 11.63
CA THR A 296 47.54 -5.24 10.85
C THR A 296 49.04 -5.06 10.66
N ASP A 297 49.83 -6.13 10.74
CA ASP A 297 51.28 -6.00 10.59
C ASP A 297 51.68 -5.54 9.19
N LEU A 298 50.81 -5.71 8.20
CA LEU A 298 51.10 -5.20 6.86
C LEU A 298 51.26 -3.69 6.85
N LEU A 299 50.62 -2.99 7.78
CA LEU A 299 50.65 -1.54 7.82
C LEU A 299 51.38 -1.01 9.06
N LYS A 300 52.01 -1.87 9.85
CA LYS A 300 52.69 -1.42 11.06
C LYS A 300 53.80 -0.43 10.70
N GLY A 301 53.79 0.72 11.38
CA GLY A 301 54.73 1.77 11.09
C GLY A 301 54.37 2.64 9.91
N LYS A 302 53.30 2.32 9.18
CA LYS A 302 52.89 3.06 8.00
C LYS A 302 51.62 3.88 8.21
N VAL A 303 50.73 3.45 9.09
CA VAL A 303 49.57 4.23 9.49
C VAL A 303 49.52 4.27 11.01
N ASP A 304 48.87 5.30 11.54
CA ASP A 304 48.75 5.44 12.98
C ASP A 304 47.93 4.29 13.56
N MET A 305 48.33 3.84 14.75
CA MET A 305 47.73 2.67 15.36
C MET A 305 47.62 2.86 16.87
N ALA A 306 46.62 2.21 17.46
CA ALA A 306 46.55 2.04 18.89
C ALA A 306 47.64 1.06 19.33
N PRO A 307 47.99 1.06 20.63
CA PRO A 307 49.07 0.17 21.08
C PRO A 307 48.91 -1.29 20.69
N ASN A 308 47.68 -1.81 20.64
CA ASN A 308 47.48 -3.21 20.28
C ASN A 308 47.52 -3.46 18.78
N GLY A 309 47.76 -2.43 17.97
CA GLY A 309 47.80 -2.57 16.53
C GLY A 309 46.52 -2.20 15.81
N ALA A 310 45.50 -1.72 16.52
CA ALA A 310 44.27 -1.31 15.88
C ALA A 310 44.50 -0.01 15.11
N ILE A 311 44.03 0.03 13.87
CA ILE A 311 44.23 1.19 13.01
C ILE A 311 43.30 2.30 13.46
N ILE A 312 43.85 3.49 13.68
CA ILE A 312 43.07 4.65 14.10
C ILE A 312 42.53 5.36 12.86
N THR A 313 41.25 5.69 12.89
CA THR A 313 40.58 6.33 11.76
C THR A 313 39.96 7.65 12.19
N ASP A 314 39.56 8.44 11.20
CA ASP A 314 38.75 9.62 11.45
C ASP A 314 37.29 9.21 11.45
N ASP A 315 36.38 10.18 11.45
CA ASP A 315 34.95 9.85 11.47
C ASP A 315 34.45 9.27 10.15
N TYR A 316 35.29 9.21 9.12
CA TYR A 316 34.89 8.67 7.82
C TYR A 316 35.67 7.40 7.47
N MET A 317 36.30 6.78 8.46
CA MET A 317 37.00 5.50 8.34
C MET A 317 38.30 5.62 7.56
N ARG A 318 38.85 6.83 7.42
CA ARG A 318 40.14 7.03 6.77
C ARG A 318 41.25 6.96 7.81
N SER A 319 42.31 6.22 7.50
CA SER A 319 43.46 6.13 8.39
C SER A 319 44.27 7.42 8.31
N SER A 320 45.42 7.45 8.98
CA SER A 320 46.31 8.60 8.85
C SER A 320 46.77 8.78 7.41
N ASN A 321 46.79 7.70 6.62
CA ASN A 321 46.97 7.80 5.19
C ASN A 321 45.62 7.98 4.53
N PRO A 322 45.35 9.12 3.87
CA PRO A 322 43.98 9.39 3.40
C PRO A 322 43.51 8.47 2.29
N ASP A 323 44.37 7.64 1.73
CA ASP A 323 43.97 6.70 0.69
C ASP A 323 43.82 5.28 1.20
N ILE A 324 44.04 5.04 2.49
CA ILE A 324 43.90 3.72 3.09
C ILE A 324 42.77 3.79 4.11
N PHE A 325 41.72 3.00 3.87
CA PHE A 325 40.60 2.89 4.79
C PHE A 325 40.75 1.64 5.64
N ALA A 326 40.14 1.67 6.82
CA ALA A 326 40.13 0.53 7.73
C ALA A 326 38.72 0.34 8.28
N ALA A 327 38.32 -0.91 8.45
CA ALA A 327 36.99 -1.22 8.96
C ALA A 327 37.02 -2.61 9.58
N GLY A 328 36.27 -2.77 10.67
CA GLY A 328 36.16 -4.07 11.33
C GLY A 328 37.21 -4.33 12.38
N ASP A 329 37.53 -5.60 12.61
CA ASP A 329 38.46 -5.99 13.66
C ASP A 329 39.86 -5.43 13.48
N SER A 330 40.17 -4.87 12.31
CA SER A 330 41.48 -4.26 12.09
C SER A 330 41.57 -2.84 12.61
N ALA A 331 40.45 -2.23 13.00
CA ALA A 331 40.41 -0.82 13.32
C ALA A 331 39.97 -0.60 14.76
N ALA A 332 40.20 0.62 15.24
CA ALA A 332 39.65 1.09 16.49
C ALA A 332 38.30 1.75 16.25
N VAL A 333 37.51 1.85 17.30
CA VAL A 333 36.18 2.45 17.21
C VAL A 333 36.09 3.59 18.21
N HIS A 334 35.34 4.63 17.84
CA HIS A 334 35.04 5.69 18.77
C HIS A 334 34.03 5.18 19.79
N TYR A 335 34.43 5.13 21.06
CA TYR A 335 33.59 4.67 22.15
C TYR A 335 32.83 5.87 22.70
N ASN A 336 31.52 5.92 22.43
CA ASN A 336 30.73 7.09 22.83
C ASN A 336 30.72 7.37 24.32
N PRO A 337 30.58 6.38 25.22
CA PRO A 337 30.52 6.72 26.66
C PRO A 337 31.77 7.44 27.17
N THR A 338 32.93 7.19 26.58
CA THR A 338 34.17 7.86 26.99
C THR A 338 34.70 8.85 25.97
N HIS A 339 34.12 8.90 24.78
CA HIS A 339 34.57 9.80 23.71
C HIS A 339 36.04 9.59 23.39
N GLN A 340 36.47 8.33 23.40
CA GLN A 340 37.83 7.96 23.08
C GLN A 340 37.82 6.70 22.22
N ASN A 341 38.96 6.41 21.62
CA ASN A 341 39.09 5.19 20.83
C ASN A 341 39.23 3.97 21.74
N ALA A 342 38.70 2.85 21.28
CA ALA A 342 38.82 1.58 21.99
C ALA A 342 38.86 0.47 20.95
N TYR A 343 39.28 -0.71 21.40
CA TYR A 343 39.28 -1.90 20.54
C TYR A 343 38.09 -2.75 20.95
N ILE A 344 37.03 -2.70 20.14
CA ILE A 344 35.83 -3.49 20.37
C ILE A 344 35.57 -4.34 19.14
N PRO A 345 36.13 -5.56 19.07
CA PRO A 345 35.99 -6.42 17.87
C PRO A 345 34.66 -7.17 17.83
N LEU A 346 33.63 -6.49 17.34
CA LEU A 346 32.30 -7.07 17.21
C LEU A 346 31.84 -6.97 15.76
N ALA A 347 30.99 -7.93 15.37
CA ALA A 347 30.46 -7.95 14.01
C ALA A 347 29.64 -6.70 13.71
N THR A 348 29.01 -6.11 14.75
CA THR A 348 28.23 -4.90 14.55
C THR A 348 29.09 -3.76 14.02
N ASN A 349 30.32 -3.63 14.53
CA ASN A 349 31.22 -2.60 14.05
C ASN A 349 31.69 -2.92 12.62
N ALA A 350 31.88 -4.19 12.31
CA ALA A 350 32.43 -4.56 11.02
C ALA A 350 31.45 -4.23 9.89
N VAL A 351 30.18 -4.59 10.07
CA VAL A 351 29.20 -4.33 9.02
C VAL A 351 28.94 -2.84 8.89
N ARG A 352 29.00 -2.09 9.99
CA ARG A 352 28.73 -0.66 9.92
C ARG A 352 29.90 0.09 9.29
N GLN A 353 31.12 -0.14 9.79
CA GLN A 353 32.28 0.54 9.25
C GLN A 353 32.51 0.17 7.78
N GLY A 354 32.21 -1.08 7.42
CA GLY A 354 32.33 -1.48 6.02
C GLY A 354 31.42 -0.68 5.12
N ILE A 355 30.18 -0.44 5.56
CA ILE A 355 29.26 0.41 4.80
C ILE A 355 29.84 1.81 4.65
N LEU A 356 30.37 2.37 5.73
CA LEU A 356 30.90 3.74 5.69
C LEU A 356 32.10 3.85 4.74
N VAL A 357 32.89 2.78 4.62
CA VAL A 357 33.99 2.79 3.66
C VAL A 357 33.46 3.04 2.25
N GLY A 358 32.38 2.35 1.89
CA GLY A 358 31.77 2.59 0.60
C GLY A 358 31.17 3.98 0.48
N LYS A 359 30.58 4.49 1.57
CA LYS A 359 29.99 5.82 1.54
C LYS A 359 31.05 6.90 1.35
N ASN A 360 32.23 6.72 1.95
CA ASN A 360 33.25 7.76 2.00
C ASN A 360 34.47 7.44 1.14
N LEU A 361 34.34 6.52 0.18
CA LEU A 361 35.49 6.12 -0.61
C LEU A 361 36.05 7.30 -1.41
N VAL A 362 35.17 8.09 -2.02
CA VAL A 362 35.63 9.23 -2.83
C VAL A 362 35.85 10.45 -1.95
N LYS A 363 34.84 10.82 -1.16
CA LYS A 363 34.93 11.98 -0.29
C LYS A 363 34.05 11.73 0.93
N PRO A 364 34.28 12.46 2.02
CA PRO A 364 33.44 12.28 3.22
C PRO A 364 31.97 12.53 2.93
N THR A 365 31.13 11.55 3.31
CA THR A 365 29.71 11.62 3.05
C THR A 365 28.90 11.36 4.32
N VAL A 366 29.19 10.26 5.02
CA VAL A 366 28.47 9.85 6.21
C VAL A 366 29.46 9.69 7.35
N LYS A 367 29.16 10.34 8.48
CA LYS A 367 30.03 10.25 9.65
C LYS A 367 29.73 9.00 10.46
N TYR A 368 30.76 8.47 11.12
CA TYR A 368 30.61 7.33 12.02
C TYR A 368 29.94 7.80 13.31
N MET A 369 28.94 7.05 13.77
CA MET A 369 28.16 7.42 14.94
C MET A 369 28.79 6.94 16.24
N GLY A 370 29.97 6.33 16.20
CA GLY A 370 30.52 5.74 17.40
C GLY A 370 29.82 4.43 17.72
N THR A 371 30.12 3.91 18.91
CA THR A 371 29.49 2.68 19.37
C THR A 371 29.40 2.69 20.89
N GLN A 372 28.46 1.90 21.40
CA GLN A 372 28.31 1.65 22.83
C GLN A 372 28.74 0.24 23.22
N SER A 373 29.28 -0.53 22.27
CA SER A 373 29.69 -1.92 22.50
C SER A 373 28.51 -2.78 22.96
N SER A 374 27.31 -2.49 22.45
CA SER A 374 26.12 -3.25 22.84
C SER A 374 26.28 -4.72 22.50
N SER A 375 25.93 -5.58 23.45
CA SER A 375 26.09 -7.01 23.26
C SER A 375 24.98 -7.75 23.98
N GLY A 376 24.80 -9.01 23.61
CA GLY A 376 23.79 -9.85 24.22
C GLY A 376 24.23 -11.30 24.17
N LEU A 377 23.78 -12.07 25.16
CA LEU A 377 24.16 -13.47 25.28
C LEU A 377 22.97 -14.28 25.79
N ALA A 378 22.97 -15.57 25.43
CA ALA A 378 22.00 -16.53 25.94
C ALA A 378 22.78 -17.67 26.58
N LEU A 379 22.69 -17.78 27.90
CA LEU A 379 23.43 -18.77 28.67
C LEU A 379 22.50 -19.43 29.68
N TYR A 380 22.36 -20.75 29.57
CA TYR A 380 21.56 -21.55 30.51
C TYR A 380 20.15 -20.98 30.65
N ASP A 381 19.52 -20.70 29.51
CA ASP A 381 18.16 -20.18 29.40
C ASP A 381 18.01 -18.75 29.91
N ARG A 382 19.10 -18.07 30.20
CA ARG A 382 19.05 -16.66 30.60
C ARG A 382 19.47 -15.77 29.44
N THR A 383 18.74 -14.69 29.25
CA THR A 383 19.15 -13.62 28.35
C THR A 383 19.94 -12.59 29.15
N ILE A 384 21.18 -12.34 28.75
CA ILE A 384 22.07 -11.42 29.47
C ILE A 384 22.60 -10.43 28.45
N VAL A 385 22.17 -9.18 28.54
CA VAL A 385 22.53 -8.15 27.59
C VAL A 385 23.10 -6.95 28.34
N SER A 386 23.84 -6.12 27.61
CA SER A 386 24.46 -4.94 28.21
C SER A 386 24.86 -3.98 27.10
N THR A 387 25.17 -2.75 27.50
CA THR A 387 25.64 -1.72 26.59
C THR A 387 26.35 -0.65 27.40
N GLY A 388 27.37 -0.05 26.80
CA GLY A 388 28.10 1.00 27.49
C GLY A 388 28.97 0.46 28.62
N LEU A 389 29.33 1.37 29.52
CA LEU A 389 30.28 1.08 30.58
C LEU A 389 29.64 0.36 31.75
N THR A 390 30.35 -0.63 32.28
CA THR A 390 30.04 -1.14 33.60
C THR A 390 30.50 -0.14 34.66
N LEU A 391 30.09 -0.37 35.91
CA LEU A 391 30.61 0.44 37.00
C LEU A 391 32.10 0.20 37.19
N ALA A 392 32.54 -1.05 37.10
CA ALA A 392 33.95 -1.37 37.29
C ALA A 392 34.81 -0.66 36.24
N ALA A 393 34.40 -0.72 34.97
CA ALA A 393 35.17 -0.08 33.91
C ALA A 393 35.15 1.44 34.05
N ALA A 394 34.01 2.00 34.43
CA ALA A 394 33.91 3.45 34.57
C ALA A 394 34.82 3.95 35.69
N LYS A 395 34.82 3.28 36.84
CA LYS A 395 35.71 3.67 37.92
C LYS A 395 37.16 3.34 37.60
N GLN A 396 37.40 2.23 36.91
CA GLN A 396 38.75 1.87 36.49
C GLN A 396 39.37 2.94 35.60
N GLN A 397 38.55 3.74 34.91
CA GLN A 397 39.02 4.80 34.04
C GLN A 397 38.84 6.18 34.67
N GLY A 398 38.60 6.24 35.97
CA GLY A 398 38.53 7.52 36.66
C GLY A 398 37.33 8.37 36.36
N LEU A 399 36.24 7.76 35.90
CA LEU A 399 35.00 8.50 35.62
C LEU A 399 34.15 8.56 36.88
N ASN A 400 33.44 9.69 37.03
CA ASN A 400 32.52 9.86 38.14
C ASN A 400 31.26 9.07 37.82
N ALA A 401 31.10 7.92 38.48
CA ALA A 401 30.04 6.98 38.13
C ALA A 401 29.46 6.34 39.38
N GLU A 402 28.16 6.08 39.34
CA GLU A 402 27.47 5.32 40.37
C GLU A 402 26.55 4.31 39.70
N GLN A 403 26.07 3.35 40.49
CA GLN A 403 25.30 2.23 39.95
C GLN A 403 24.10 1.97 40.83
N VAL A 404 22.98 1.59 40.19
CA VAL A 404 21.81 1.08 40.89
C VAL A 404 21.51 -0.31 40.32
N ILE A 405 21.09 -1.21 41.21
CA ILE A 405 20.73 -2.58 40.85
C ILE A 405 19.28 -2.81 41.24
N VAL A 406 18.45 -3.18 40.27
CA VAL A 406 17.02 -3.35 40.47
C VAL A 406 16.60 -4.71 39.96
N GLU A 407 15.87 -5.46 40.77
CA GLU A 407 15.26 -6.72 40.36
C GLU A 407 13.75 -6.61 40.51
N ASP A 408 13.03 -6.93 39.45
CA ASP A 408 11.57 -6.84 39.44
C ASP A 408 11.03 -7.82 38.41
N ASN A 409 9.81 -8.28 38.64
CA ASN A 409 9.12 -9.04 37.60
C ASN A 409 8.81 -8.11 36.44
N TYR A 410 9.11 -8.56 35.22
CA TYR A 410 9.04 -7.66 34.08
C TYR A 410 7.60 -7.31 33.71
N ARG A 411 6.66 -8.18 34.04
CA ARG A 411 5.25 -7.92 33.79
C ARG A 411 4.45 -8.33 35.02
N PRO A 412 3.23 -7.83 35.17
CA PRO A 412 2.50 -8.01 36.43
C PRO A 412 2.30 -9.46 36.82
N GLU A 413 2.16 -9.68 38.13
CA GLU A 413 2.02 -11.03 38.68
C GLU A 413 0.66 -11.66 38.41
N PHE A 414 -0.37 -10.86 38.16
CA PHE A 414 -1.68 -11.45 37.90
C PHE A 414 -1.77 -12.13 36.54
N MET A 415 -0.74 -12.00 35.71
CA MET A 415 -0.70 -12.65 34.40
C MET A 415 -0.45 -14.15 34.58
N PRO A 416 -0.67 -14.95 33.54
CA PRO A 416 -0.45 -16.40 33.68
C PRO A 416 0.98 -16.76 34.03
N SER A 417 1.93 -15.93 33.65
CA SER A 417 3.34 -16.15 34.01
C SER A 417 4.06 -14.82 33.99
N THR A 418 5.14 -14.75 34.76
CA THR A 418 6.03 -13.61 34.75
C THR A 418 7.43 -14.10 35.06
N GLU A 419 8.41 -13.20 34.97
CA GLU A 419 9.78 -13.60 35.17
C GLU A 419 10.57 -12.44 35.75
N PRO A 420 11.42 -12.69 36.74
CA PRO A 420 12.26 -11.61 37.27
C PRO A 420 13.29 -11.16 36.24
N VAL A 421 13.53 -9.86 36.18
CA VAL A 421 14.61 -9.29 35.40
C VAL A 421 15.52 -8.53 36.34
N LEU A 422 16.81 -8.88 36.31
CA LEU A 422 17.83 -8.19 37.10
C LEU A 422 18.41 -7.08 36.23
N MET A 423 18.36 -5.85 36.72
CA MET A 423 18.74 -4.68 35.93
C MET A 423 19.85 -3.89 36.61
N SER A 424 20.71 -3.32 35.79
CA SER A 424 21.80 -2.46 36.24
C SER A 424 21.80 -1.19 35.39
N LEU A 425 22.05 -0.06 36.04
CA LEU A 425 22.16 1.22 35.33
C LEU A 425 23.34 1.98 35.92
N VAL A 426 24.32 2.31 35.07
CA VAL A 426 25.51 3.04 35.46
C VAL A 426 25.40 4.45 34.92
N PHE A 427 25.63 5.45 35.77
CA PHE A 427 25.32 6.83 35.42
C PHE A 427 26.27 7.77 36.15
N ASP A 428 26.42 8.96 35.56
CA ASP A 428 27.18 10.04 36.19
C ASP A 428 26.31 10.69 37.26
N PRO A 429 26.69 10.65 38.54
CA PRO A 429 25.80 11.20 39.58
C PRO A 429 25.66 12.72 39.53
N ASP A 430 26.56 13.43 38.84
CA ASP A 430 26.51 14.89 38.82
C ASP A 430 25.77 15.42 37.58
N THR A 431 26.06 14.87 36.42
CA THR A 431 25.37 15.28 35.20
C THR A 431 24.11 14.46 34.92
N HIS A 432 23.95 13.33 35.60
CA HIS A 432 22.86 12.36 35.43
C HIS A 432 22.91 11.65 34.08
N ARG A 433 23.95 11.88 33.29
CA ARG A 433 24.07 11.22 32.00
C ARG A 433 24.26 9.72 32.17
N ILE A 434 23.49 8.94 31.40
CA ILE A 434 23.60 7.49 31.45
C ILE A 434 24.90 7.06 30.79
N LEU A 435 25.65 6.18 31.48
CA LEU A 435 26.90 5.66 30.95
C LEU A 435 26.81 4.20 30.50
N GLY A 436 25.86 3.43 31.03
CA GLY A 436 25.76 2.03 30.65
C GLY A 436 24.63 1.36 31.42
N GLY A 437 24.32 0.15 30.99
CA GLY A 437 23.26 -0.61 31.62
C GLY A 437 23.27 -2.05 31.15
N ALA A 438 22.56 -2.89 31.90
CA ALA A 438 22.52 -4.31 31.60
C ALA A 438 21.24 -4.90 32.17
N LEU A 439 20.78 -5.98 31.53
CA LEU A 439 19.57 -6.68 31.96
C LEU A 439 19.80 -8.18 31.86
N MET A 440 19.25 -8.91 32.83
CA MET A 440 19.35 -10.36 32.85
C MET A 440 18.00 -10.94 33.25
N SER A 441 17.50 -11.88 32.45
CA SER A 441 16.19 -12.48 32.71
C SER A 441 16.04 -13.72 31.84
N LYS A 442 15.20 -14.65 32.31
CA LYS A 442 14.79 -15.76 31.46
C LYS A 442 13.90 -15.29 30.32
N TYR A 443 13.18 -14.19 30.52
CA TYR A 443 12.43 -13.54 29.45
C TYR A 443 13.39 -12.76 28.55
N ASP A 444 13.15 -12.83 27.25
CA ASP A 444 14.03 -12.19 26.26
C ASP A 444 13.94 -10.68 26.42
N VAL A 445 14.89 -10.10 27.14
CA VAL A 445 14.97 -8.66 27.35
C VAL A 445 16.00 -8.01 26.44
N SER A 446 16.40 -8.70 25.36
CA SER A 446 17.54 -8.25 24.56
C SER A 446 17.29 -6.88 23.93
N GLN A 447 16.06 -6.63 23.48
CA GLN A 447 15.76 -5.37 22.81
C GLN A 447 15.91 -4.17 23.73
N SER A 448 15.87 -4.37 25.06
CA SER A 448 16.01 -3.25 25.97
C SER A 448 17.43 -2.69 25.96
N ALA A 449 18.42 -3.53 25.70
CA ALA A 449 19.79 -3.03 25.57
C ALA A 449 19.91 -2.07 24.40
N ASN A 450 19.18 -2.34 23.31
CA ASN A 450 19.18 -1.42 22.17
C ASN A 450 18.48 -0.11 22.51
N THR A 451 17.43 -0.16 23.33
CA THR A 451 16.83 1.06 23.85
C THR A 451 17.85 1.87 24.64
N LEU A 452 18.62 1.21 25.51
CA LEU A 452 19.65 1.91 26.26
C LEU A 452 20.74 2.46 25.35
N SER A 453 21.09 1.72 24.30
CA SER A 453 22.08 2.21 23.35
C SER A 453 21.64 3.52 22.70
N VAL A 454 20.36 3.60 22.30
CA VAL A 454 19.84 4.83 21.72
C VAL A 454 19.85 5.96 22.75
N CYS A 455 19.56 5.63 24.02
CA CYS A 455 19.63 6.64 25.07
C CYS A 455 21.05 7.21 25.18
N ILE A 456 22.05 6.33 25.21
CA ILE A 456 23.43 6.79 25.35
C ILE A 456 23.87 7.54 24.10
N GLN A 457 23.44 7.07 22.92
CA GLN A 457 23.78 7.76 21.68
C GLN A 457 23.30 9.20 21.71
N ASN A 458 22.14 9.46 22.32
CA ASN A 458 21.58 10.80 22.46
C ASN A 458 21.96 11.46 23.77
N GLU A 459 22.82 10.82 24.57
CA GLU A 459 23.31 11.40 25.84
C GLU A 459 22.17 11.72 26.79
N ASN A 460 21.14 10.87 26.78
CA ASN A 460 20.02 11.06 27.69
C ASN A 460 20.46 10.82 29.13
N THR A 461 19.71 11.41 30.05
CA THR A 461 19.99 11.28 31.47
C THR A 461 19.09 10.23 32.10
N ILE A 462 19.35 9.91 33.37
CA ILE A 462 18.47 9.04 34.11
C ILE A 462 17.10 9.68 34.28
N ASP A 463 17.02 11.00 34.23
CA ASP A 463 15.73 11.67 34.30
C ASP A 463 14.96 11.56 32.99
N ASP A 464 15.67 11.55 31.86
CA ASP A 464 15.02 11.27 30.57
C ASP A 464 14.42 9.86 30.57
N LEU A 465 15.20 8.88 31.02
CA LEU A 465 14.75 7.49 30.94
C LEU A 465 13.65 7.21 31.96
N ALA A 466 13.66 7.91 33.09
CA ALA A 466 12.67 7.64 34.14
C ALA A 466 11.25 8.01 33.71
N MET A 467 11.08 8.92 32.76
CA MET A 467 9.77 9.43 32.41
C MET A 467 9.44 9.38 30.92
N VAL A 468 10.37 8.93 30.07
CA VAL A 468 10.11 8.90 28.64
C VAL A 468 8.94 7.96 28.35
N ASP A 469 8.12 8.33 27.38
CA ASP A 469 6.94 7.55 27.03
C ASP A 469 7.33 6.14 26.61
N MET A 470 6.76 5.15 27.30
CA MET A 470 6.91 3.75 26.93
C MET A 470 5.55 3.07 27.10
N LEU A 471 5.29 2.09 26.24
CA LEU A 471 3.97 1.46 26.20
C LEU A 471 3.70 0.69 27.49
N PHE A 472 2.42 0.56 27.83
CA PHE A 472 1.99 -0.31 28.91
C PHE A 472 0.89 -1.25 28.42
N GLN A 473 1.09 -2.54 28.66
CA GLN A 473 0.08 -3.57 28.50
C GLN A 473 0.58 -4.77 29.29
N PRO A 474 -0.25 -5.37 30.16
CA PRO A 474 0.26 -6.41 31.06
C PRO A 474 0.86 -7.61 30.35
N ASN A 475 0.59 -7.80 29.06
CA ASN A 475 1.30 -8.82 28.30
C ASN A 475 2.81 -8.54 28.25
N PHE A 476 3.22 -7.29 28.47
CA PHE A 476 4.61 -6.90 28.26
C PHE A 476 5.27 -6.27 29.47
N ASP A 477 4.56 -5.48 30.28
CA ASP A 477 5.21 -4.76 31.37
C ASP A 477 4.16 -4.22 32.34
N ARG A 478 4.66 -3.56 33.38
CA ARG A 478 3.85 -2.80 34.33
C ARG A 478 3.51 -1.44 33.73
N PRO A 479 2.63 -0.65 34.38
CA PRO A 479 2.34 0.71 33.86
C PRO A 479 3.57 1.52 33.51
N PHE A 480 4.58 1.54 34.38
CA PHE A 480 5.90 1.99 34.00
C PHE A 480 6.71 0.80 33.51
N ASN A 481 7.34 0.94 32.34
CA ASN A 481 8.23 -0.09 31.85
C ASN A 481 9.39 -0.29 32.82
N TYR A 482 9.93 -1.52 32.83
CA TYR A 482 11.02 -1.82 33.77
C TYR A 482 12.24 -0.94 33.53
N LEU A 483 12.40 -0.42 32.31
CA LEU A 483 13.47 0.55 32.07
C LEU A 483 13.17 1.88 32.77
N ASN A 484 11.90 2.30 32.77
CA ASN A 484 11.52 3.48 33.55
C ASN A 484 11.76 3.25 35.03
N ILE A 485 11.35 2.09 35.54
CA ILE A 485 11.53 1.77 36.95
C ILE A 485 13.02 1.76 37.31
N LEU A 486 13.85 1.23 36.42
CA LEU A 486 15.29 1.22 36.65
C LEU A 486 15.83 2.64 36.81
N ALA A 487 15.44 3.55 35.91
CA ALA A 487 15.95 4.91 35.99
C ALA A 487 15.36 5.67 37.18
N GLN A 488 14.14 5.33 37.58
CA GLN A 488 13.56 5.97 38.77
C GLN A 488 14.32 5.56 40.03
N ALA A 489 14.87 4.35 40.05
CA ALA A 489 15.70 3.95 41.18
C ALA A 489 16.99 4.75 41.23
N ALA A 490 17.57 5.04 40.06
CA ALA A 490 18.77 5.87 40.01
C ALA A 490 18.46 7.28 40.50
N GLN A 491 17.28 7.80 40.16
CA GLN A 491 16.86 9.09 40.70
C GLN A 491 16.79 9.06 42.22
N ALA A 492 16.22 7.98 42.79
CA ALA A 492 16.07 7.89 44.24
C ALA A 492 17.44 7.77 44.91
N LYS A 493 18.38 7.07 44.28
CA LYS A 493 19.72 7.00 44.82
C LYS A 493 20.40 8.37 44.79
N VAL A 494 20.20 9.12 43.71
CA VAL A 494 20.72 10.48 43.64
C VAL A 494 20.03 11.37 44.66
N ALA A 495 18.74 11.15 44.88
CA ALA A 495 17.99 11.97 45.84
C ALA A 495 18.41 11.65 47.28
N GLN A 496 18.61 10.37 47.58
CA GLN A 496 19.09 9.95 48.90
C GLN A 496 20.44 10.57 49.25
N SER A 497 21.16 11.13 48.28
CA SER A 497 22.44 11.75 48.53
C SER A 497 22.35 13.24 48.86
N VAL A 498 21.40 13.95 48.23
CA VAL A 498 21.28 15.39 48.49
C VAL A 498 20.80 15.64 49.91
N ASN A 499 19.83 14.86 50.38
CA ASN A 499 19.38 14.96 51.76
C ASN A 499 20.07 13.89 52.62
N SER B 50 0.02 25.10 56.80
CA SER B 50 0.09 23.91 55.96
C SER B 50 -0.66 24.12 54.65
N MET B 51 -0.10 23.62 53.56
CA MET B 51 -0.74 23.74 52.25
C MET B 51 -1.85 22.72 52.12
N LYS B 52 -3.06 23.19 51.80
CA LYS B 52 -4.22 22.32 51.65
C LYS B 52 -4.40 21.95 50.19
N VAL B 53 -4.47 20.65 49.92
CA VAL B 53 -4.58 20.13 48.56
C VAL B 53 -5.82 19.26 48.47
N THR B 54 -6.65 19.54 47.46
CA THR B 54 -7.84 18.75 47.17
C THR B 54 -7.63 17.99 45.87
N VAL B 55 -7.76 16.66 45.93
CA VAL B 55 -7.64 15.80 44.77
C VAL B 55 -9.03 15.30 44.40
N VAL B 56 -9.47 15.60 43.18
CA VAL B 56 -10.77 15.17 42.68
C VAL B 56 -10.54 13.97 41.78
N GLY B 57 -10.99 12.79 42.23
CA GLY B 57 -10.82 11.58 41.47
C GLY B 57 -9.52 10.87 41.77
N CYS B 58 -9.55 9.55 41.91
CA CYS B 58 -8.36 8.81 42.31
C CYS B 58 -8.46 7.39 41.76
N THR B 59 -7.91 7.19 40.55
CA THR B 59 -7.68 5.85 40.02
C THR B 59 -6.19 5.63 39.79
N HIS B 60 -5.58 6.31 38.81
CA HIS B 60 -4.16 6.19 38.58
C HIS B 60 -3.45 7.53 38.72
N ALA B 61 -3.88 8.56 37.97
CA ALA B 61 -3.23 9.86 38.06
C ALA B 61 -3.31 10.43 39.47
N GLY B 62 -4.48 10.31 40.10
CA GLY B 62 -4.62 10.78 41.47
C GLY B 62 -3.79 9.98 42.46
N THR B 63 -3.69 8.67 42.23
CA THR B 63 -2.91 7.81 43.12
C THR B 63 -1.44 8.20 43.12
N PHE B 64 -0.87 8.39 41.93
CA PHE B 64 0.53 8.79 41.84
C PHE B 64 0.75 10.21 42.31
N ALA B 65 -0.23 11.09 42.09
CA ALA B 65 -0.09 12.47 42.55
C ALA B 65 -0.09 12.53 44.07
N ILE B 66 -0.97 11.77 44.72
CA ILE B 66 -1.06 11.80 46.18
C ILE B 66 0.22 11.27 46.80
N LYS B 67 0.71 10.14 46.30
CA LYS B 67 1.95 9.58 46.83
C LYS B 67 3.12 10.52 46.60
N GLN B 68 3.14 11.21 45.46
CA GLN B 68 4.25 12.12 45.18
C GLN B 68 4.18 13.37 46.03
N ILE B 69 2.97 13.91 46.23
CA ILE B 69 2.80 15.11 47.06
C ILE B 69 3.17 14.80 48.50
N LEU B 70 2.69 13.67 49.02
CA LEU B 70 2.99 13.31 50.41
C LEU B 70 4.47 13.03 50.61
N ALA B 71 5.14 12.50 49.60
CA ALA B 71 6.56 12.17 49.75
C ALA B 71 7.43 13.42 49.77
N GLU B 72 7.13 14.39 48.92
CA GLU B 72 7.95 15.59 48.77
C GLU B 72 7.43 16.77 49.58
N HIS B 73 6.22 16.69 50.10
CA HIS B 73 5.68 17.71 51.00
C HIS B 73 4.94 16.98 52.11
N PRO B 74 5.68 16.33 53.01
CA PRO B 74 5.04 15.50 54.05
C PRO B 74 4.06 16.27 54.91
N ASP B 75 4.14 17.60 54.91
CA ASP B 75 3.30 18.46 55.74
C ASP B 75 2.19 19.13 54.94
N ALA B 76 1.70 18.49 53.89
CA ALA B 76 0.55 18.98 53.16
C ALA B 76 -0.70 18.29 53.66
N GLU B 77 -1.79 19.04 53.75
CA GLU B 77 -3.10 18.45 54.05
C GLU B 77 -3.71 18.04 52.73
N VAL B 78 -3.66 16.74 52.43
CA VAL B 78 -4.14 16.21 51.17
C VAL B 78 -5.47 15.53 51.41
N THR B 79 -6.52 16.03 50.77
CA THR B 79 -7.85 15.44 50.83
C THR B 79 -8.24 14.98 49.44
N VAL B 80 -8.62 13.72 49.32
CA VAL B 80 -8.96 13.11 48.04
C VAL B 80 -10.40 12.61 48.09
N TYR B 81 -11.17 12.93 47.05
CA TYR B 81 -12.53 12.45 46.90
C TYR B 81 -12.61 11.54 45.68
N GLU B 82 -13.29 10.41 45.84
CA GLU B 82 -13.47 9.45 44.75
C GLU B 82 -14.84 8.82 44.85
N ARG B 83 -15.58 8.86 43.74
CA ARG B 83 -16.94 8.29 43.71
C ARG B 83 -16.92 6.81 44.09
N ASN B 84 -15.99 6.06 43.51
CA ASN B 84 -15.92 4.63 43.75
C ASN B 84 -15.45 4.35 45.17
N ASP B 85 -15.51 3.07 45.56
CA ASP B 85 -15.00 2.61 46.84
C ASP B 85 -13.67 1.87 46.69
N VAL B 86 -12.94 2.12 45.61
CA VAL B 86 -11.69 1.43 45.33
C VAL B 86 -10.84 2.30 44.43
N ILE B 87 -9.52 2.09 44.49
CA ILE B 87 -8.58 2.87 43.69
C ILE B 87 -7.61 1.92 42.97
N SER B 88 -6.97 2.47 41.93
CA SER B 88 -5.87 1.81 41.22
C SER B 88 -6.30 0.56 40.47
N PHE B 89 -7.55 0.50 40.02
CA PHE B 89 -7.99 -0.63 39.21
C PHE B 89 -7.43 -0.52 37.81
N LEU B 90 -6.89 -1.63 37.29
CA LEU B 90 -6.29 -1.68 35.96
C LEU B 90 -7.35 -2.18 34.98
N SER B 91 -7.92 -1.25 34.21
CA SER B 91 -8.98 -1.59 33.27
C SER B 91 -8.51 -2.50 32.16
N CYS B 92 -7.21 -2.54 31.88
CA CYS B 92 -6.67 -3.45 30.89
C CYS B 92 -6.88 -4.91 31.27
N GLY B 93 -7.03 -5.20 32.57
CA GLY B 93 -7.26 -6.55 33.02
C GLY B 93 -8.64 -7.10 32.77
N ILE B 94 -9.58 -6.26 32.33
CA ILE B 94 -10.93 -6.73 32.05
C ILE B 94 -10.91 -7.74 30.91
N ALA B 95 -10.39 -7.33 29.74
CA ALA B 95 -10.29 -8.24 28.62
C ALA B 95 -9.35 -9.40 28.92
N LEU B 96 -8.33 -9.17 29.74
CA LEU B 96 -7.39 -10.24 30.07
C LEU B 96 -8.05 -11.31 30.91
N TYR B 97 -8.97 -10.94 31.81
CA TYR B 97 -9.71 -11.95 32.55
C TYR B 97 -10.70 -12.67 31.65
N LEU B 98 -11.50 -11.92 30.89
CA LEU B 98 -12.48 -12.51 30.00
C LEU B 98 -11.83 -13.41 28.96
N GLY B 99 -10.53 -13.25 28.71
CA GLY B 99 -9.77 -14.13 27.86
C GLY B 99 -9.10 -15.28 28.59
N GLY B 100 -9.36 -15.44 29.89
CA GLY B 100 -8.84 -16.55 30.65
C GLY B 100 -7.42 -16.39 31.16
N LYS B 101 -6.84 -15.19 31.08
CA LYS B 101 -5.45 -14.98 31.43
C LYS B 101 -5.26 -14.44 32.85
N VAL B 102 -6.33 -14.23 33.61
CA VAL B 102 -6.25 -13.68 34.95
C VAL B 102 -6.96 -14.64 35.90
N ALA B 103 -6.18 -15.31 36.76
CA ALA B 103 -6.77 -16.23 37.72
C ALA B 103 -7.47 -15.48 38.85
N ASP B 104 -6.77 -14.53 39.47
CA ASP B 104 -7.33 -13.76 40.57
C ASP B 104 -7.58 -12.32 40.13
N PRO B 105 -8.83 -11.91 39.91
CA PRO B 105 -9.10 -10.50 39.59
C PRO B 105 -8.78 -9.54 40.72
N GLN B 106 -8.55 -10.04 41.93
CA GLN B 106 -8.18 -9.16 43.04
C GLN B 106 -6.79 -8.57 42.85
N GLY B 107 -5.96 -9.17 41.99
CA GLY B 107 -4.63 -8.66 41.72
C GLY B 107 -4.55 -7.55 40.72
N LEU B 108 -5.69 -7.08 40.22
CA LEU B 108 -5.74 -5.96 39.28
C LEU B 108 -5.66 -4.60 39.96
N PHE B 109 -5.27 -4.56 41.24
CA PHE B 109 -5.06 -3.33 41.98
C PHE B 109 -3.65 -3.31 42.52
N TYR B 110 -3.03 -2.13 42.53
CA TYR B 110 -1.69 -1.97 43.09
C TYR B 110 -1.63 -1.06 44.30
N SER B 111 -2.73 -0.40 44.66
CA SER B 111 -2.79 0.43 45.85
C SER B 111 -4.17 0.26 46.48
N SER B 112 -4.45 1.05 47.51
CA SER B 112 -5.71 0.96 48.23
C SER B 112 -5.95 2.26 48.98
N PRO B 113 -7.21 2.57 49.31
CA PRO B 113 -7.47 3.74 50.16
C PRO B 113 -6.77 3.65 51.51
N GLU B 114 -6.69 2.44 52.08
CA GLU B 114 -6.01 2.26 53.35
C GLU B 114 -4.53 2.62 53.24
N GLU B 115 -3.93 2.37 52.08
CA GLU B 115 -2.51 2.70 51.91
C GLU B 115 -2.30 4.21 51.83
N LEU B 116 -3.16 4.91 51.09
CA LEU B 116 -3.04 6.36 50.98
C LEU B 116 -3.26 7.03 52.33
N GLN B 117 -4.24 6.54 53.10
CA GLN B 117 -4.47 7.07 54.43
C GLN B 117 -3.25 6.82 55.32
N LYS B 118 -2.68 5.62 55.27
CA LYS B 118 -1.47 5.32 56.02
C LYS B 118 -0.32 6.26 55.66
N LEU B 119 -0.25 6.67 54.39
CA LEU B 119 0.78 7.61 53.96
C LEU B 119 0.51 9.04 54.41
N GLY B 120 -0.68 9.34 54.91
CA GLY B 120 -0.96 10.64 55.49
C GLY B 120 -2.08 11.42 54.84
N ALA B 121 -2.80 10.80 53.91
CA ALA B 121 -3.82 11.50 53.16
C ALA B 121 -5.19 11.34 53.81
N ASN B 122 -6.00 12.40 53.70
CA ASN B 122 -7.39 12.37 54.14
C ASN B 122 -8.23 11.77 53.02
N VAL B 123 -8.43 10.46 53.09
CA VAL B 123 -9.05 9.70 52.02
C VAL B 123 -10.56 9.66 52.24
N GLN B 124 -11.31 10.15 51.27
CA GLN B 124 -12.77 10.23 51.35
C GLN B 124 -13.37 9.47 50.17
N MET B 125 -13.43 8.14 50.31
CA MET B 125 -14.07 7.33 49.29
C MET B 125 -15.59 7.52 49.35
N ASN B 126 -16.26 7.04 48.30
CA ASN B 126 -17.71 7.14 48.18
C ASN B 126 -18.20 8.59 48.27
N HIS B 127 -17.38 9.51 47.77
CA HIS B 127 -17.72 10.93 47.76
C HIS B 127 -17.76 11.44 46.33
N ASN B 128 -18.80 12.21 46.02
CA ASN B 128 -18.99 12.80 44.69
C ASN B 128 -18.85 14.30 44.80
N VAL B 129 -17.83 14.85 44.14
CA VAL B 129 -17.65 16.30 44.11
C VAL B 129 -18.73 16.91 43.20
N LEU B 130 -19.53 17.82 43.77
CA LEU B 130 -20.65 18.40 43.04
C LEU B 130 -20.32 19.73 42.37
N ALA B 131 -19.37 20.48 42.90
CA ALA B 131 -19.07 21.79 42.34
C ALA B 131 -17.65 22.18 42.69
N ILE B 132 -17.03 22.98 41.82
CA ILE B 132 -15.73 23.58 42.05
C ILE B 132 -15.82 25.06 41.71
N ASP B 133 -15.43 25.92 42.65
CA ASP B 133 -15.36 27.35 42.41
C ASP B 133 -13.90 27.78 42.42
N PRO B 134 -13.25 27.93 41.27
CA PRO B 134 -11.83 28.29 41.27
C PRO B 134 -11.57 29.71 41.77
N ASP B 135 -12.54 30.62 41.66
CA ASP B 135 -12.33 31.98 42.14
C ASP B 135 -12.20 32.01 43.65
N GLN B 136 -13.18 31.46 44.37
CA GLN B 136 -13.12 31.39 45.82
C GLN B 136 -12.27 30.24 46.33
N LYS B 137 -11.80 29.36 45.44
CA LYS B 137 -10.97 28.21 45.81
C LYS B 137 -11.69 27.34 46.83
N THR B 138 -12.90 26.90 46.47
CA THR B 138 -13.72 26.06 47.32
C THR B 138 -14.27 24.90 46.51
N VAL B 139 -14.61 23.82 47.23
CA VAL B 139 -15.18 22.63 46.61
C VAL B 139 -16.41 22.22 47.41
N THR B 140 -17.36 21.59 46.72
CA THR B 140 -18.60 21.11 47.32
C THR B 140 -18.73 19.62 47.04
N VAL B 141 -18.81 18.81 48.09
CA VAL B 141 -18.76 17.37 47.98
C VAL B 141 -20.03 16.76 48.57
N GLU B 142 -20.37 15.58 48.08
CA GLU B 142 -21.52 14.81 48.55
C GLU B 142 -21.04 13.45 49.02
N ASP B 143 -21.34 13.10 50.27
CA ASP B 143 -21.12 11.74 50.76
C ASP B 143 -22.21 10.85 50.18
N LEU B 144 -21.82 9.93 49.30
CA LEU B 144 -22.79 9.08 48.62
C LEU B 144 -23.42 8.05 49.55
N THR B 145 -22.91 7.89 50.77
CA THR B 145 -23.49 6.93 51.70
C THR B 145 -24.66 7.50 52.48
N ASN B 146 -24.81 8.83 52.54
CA ASN B 146 -25.94 9.41 53.26
C ASN B 146 -26.41 10.73 52.68
N HIS B 147 -25.95 11.13 51.49
CA HIS B 147 -26.30 12.37 50.80
C HIS B 147 -25.78 13.62 51.51
N ALA B 148 -24.99 13.48 52.56
CA ALA B 148 -24.48 14.63 53.29
C ALA B 148 -23.56 15.46 52.41
N GLN B 149 -23.76 16.78 52.43
CA GLN B 149 -22.97 17.70 51.64
C GLN B 149 -22.14 18.60 52.54
N THR B 150 -20.90 18.87 52.12
CA THR B 150 -20.01 19.78 52.81
C THR B 150 -19.35 20.70 51.80
N THR B 151 -18.68 21.74 52.30
CA THR B 151 -17.99 22.70 51.45
C THR B 151 -16.65 23.02 52.08
N GLU B 152 -15.56 22.77 51.34
CA GLU B 152 -14.21 22.92 51.85
C GLU B 152 -13.39 23.83 50.94
N SER B 153 -12.35 24.42 51.50
CA SER B 153 -11.42 25.26 50.77
C SER B 153 -10.15 24.48 50.41
N TYR B 154 -9.35 25.05 49.54
CA TYR B 154 -8.09 24.44 49.12
C TYR B 154 -7.10 25.52 48.72
N ASP B 155 -5.82 25.20 48.85
CA ASP B 155 -4.75 26.02 48.28
C ASP B 155 -4.45 25.61 46.83
N LYS B 156 -4.33 24.30 46.60
CA LYS B 156 -4.16 23.74 45.27
C LYS B 156 -5.18 22.64 45.06
N LEU B 157 -5.64 22.50 43.83
CA LEU B 157 -6.60 21.46 43.47
C LEU B 157 -6.03 20.62 42.34
N VAL B 158 -6.01 19.31 42.54
CA VAL B 158 -5.52 18.35 41.56
C VAL B 158 -6.72 17.73 40.87
N MET B 159 -6.91 18.05 39.59
CA MET B 159 -8.07 17.58 38.83
C MET B 159 -7.69 16.30 38.11
N THR B 160 -7.97 15.16 38.76
CA THR B 160 -7.71 13.86 38.18
C THR B 160 -9.03 13.10 38.03
N SER B 161 -10.02 13.75 37.43
CA SER B 161 -11.35 13.19 37.31
C SER B 161 -11.48 12.19 36.17
N GLY B 162 -10.43 12.01 35.38
CA GLY B 162 -10.42 10.97 34.36
C GLY B 162 -11.44 11.19 33.26
N SER B 163 -12.01 10.08 32.78
CA SER B 163 -12.89 10.08 31.63
C SER B 163 -14.07 9.16 31.89
N TRP B 164 -15.03 9.20 30.97
CA TRP B 164 -16.20 8.33 31.00
C TRP B 164 -16.51 7.88 29.57
N PRO B 165 -16.99 6.66 29.40
CA PRO B 165 -17.29 6.17 28.04
C PRO B 165 -18.27 7.06 27.31
N ILE B 166 -18.11 7.11 25.99
CA ILE B 166 -19.01 7.87 25.13
C ILE B 166 -20.28 7.05 24.90
N VAL B 167 -21.42 7.62 25.28
CA VAL B 167 -22.72 6.98 25.10
C VAL B 167 -23.54 7.82 24.13
N PRO B 168 -23.68 7.37 22.89
CA PRO B 168 -24.44 8.14 21.90
C PRO B 168 -25.94 8.00 22.12
N LYS B 169 -26.68 8.99 21.60
CA LYS B 169 -28.14 9.00 21.70
C LYS B 169 -28.71 8.08 20.64
N ILE B 170 -28.64 6.78 20.92
CA ILE B 170 -29.20 5.73 20.07
C ILE B 170 -30.41 5.16 20.79
N PRO B 171 -31.54 4.99 20.12
CA PRO B 171 -32.73 4.43 20.78
C PRO B 171 -32.46 3.04 21.33
N GLY B 172 -32.81 2.84 22.59
CA GLY B 172 -32.65 1.54 23.24
C GLY B 172 -31.30 1.31 23.87
N ILE B 173 -30.35 2.23 23.73
CA ILE B 173 -29.02 2.04 24.29
C ILE B 173 -29.02 2.00 25.80
N ASP B 174 -30.13 2.35 26.44
CA ASP B 174 -30.28 2.24 27.89
C ASP B 174 -30.69 0.84 28.34
N SER B 175 -30.71 -0.12 27.43
CA SER B 175 -31.07 -1.49 27.77
C SER B 175 -30.11 -2.06 28.80
N ASP B 176 -30.62 -2.99 29.61
CA ASP B 176 -29.78 -3.68 30.58
C ASP B 176 -28.80 -4.65 29.93
N ARG B 177 -28.97 -4.93 28.64
CA ARG B 177 -28.04 -5.77 27.90
C ARG B 177 -26.96 -4.97 27.19
N VAL B 178 -26.96 -3.64 27.33
CA VAL B 178 -25.89 -2.78 26.83
C VAL B 178 -25.03 -2.38 28.01
N LYS B 179 -23.76 -2.79 27.99
CA LYS B 179 -22.87 -2.66 29.13
C LYS B 179 -21.68 -1.76 28.80
N LEU B 180 -21.26 -0.98 29.78
CA LEU B 180 -20.02 -0.23 29.69
C LEU B 180 -18.85 -1.10 30.13
N CYS B 181 -17.64 -0.62 29.86
CA CYS B 181 -16.43 -1.41 30.15
C CYS B 181 -15.31 -0.44 30.51
N LYS B 182 -15.33 0.05 31.75
CA LYS B 182 -14.28 0.95 32.20
C LYS B 182 -13.72 0.56 33.56
N ASN B 183 -14.54 0.66 34.61
CA ASN B 183 -14.04 0.57 35.97
C ASN B 183 -14.30 -0.81 36.57
N TRP B 184 -14.03 -0.94 37.87
CA TRP B 184 -14.15 -2.22 38.56
C TRP B 184 -15.60 -2.68 38.65
N ALA B 185 -16.54 -1.74 38.78
CA ALA B 185 -17.95 -2.12 38.81
C ALA B 185 -18.39 -2.69 37.47
N HIS B 186 -17.94 -2.09 36.37
CA HIS B 186 -18.24 -2.62 35.06
C HIS B 186 -17.60 -3.99 34.86
N ALA B 187 -16.39 -4.19 35.39
CA ALA B 187 -15.70 -5.46 35.23
C ALA B 187 -16.45 -6.59 35.92
N GLN B 188 -16.91 -6.35 37.15
CA GLN B 188 -17.62 -7.39 37.89
C GLN B 188 -18.90 -7.81 37.17
N ALA B 189 -19.60 -6.85 36.56
CA ALA B 189 -20.81 -7.18 35.83
C ALA B 189 -20.51 -8.05 34.61
N LEU B 190 -19.44 -7.73 33.87
CA LEU B 190 -19.08 -8.54 32.72
C LEU B 190 -18.57 -9.92 33.12
N ILE B 191 -17.86 -10.00 34.24
CA ILE B 191 -17.39 -11.30 34.73
C ILE B 191 -18.58 -12.21 35.04
N GLU B 192 -19.63 -11.67 35.66
CA GLU B 192 -20.79 -12.47 36.01
C GLU B 192 -21.71 -12.72 34.82
N ASP B 193 -21.77 -11.78 33.87
CA ASP B 193 -22.65 -11.94 32.72
C ASP B 193 -22.08 -12.87 31.66
N ALA B 194 -20.75 -13.00 31.60
CA ALA B 194 -20.12 -13.74 30.50
C ALA B 194 -20.54 -15.20 30.47
N LYS B 195 -20.91 -15.77 31.62
CA LYS B 195 -21.31 -17.16 31.66
C LYS B 195 -22.62 -17.40 30.93
N GLU B 196 -23.52 -16.41 30.95
CA GLU B 196 -24.85 -16.54 30.36
C GLU B 196 -24.97 -15.86 29.01
N ALA B 197 -23.85 -15.43 28.42
CA ALA B 197 -23.86 -14.64 27.18
C ALA B 197 -22.97 -15.35 26.14
N LYS B 198 -23.54 -16.34 25.46
CA LYS B 198 -22.83 -16.99 24.36
C LYS B 198 -22.57 -16.01 23.23
N ARG B 199 -23.56 -15.18 22.90
CA ARG B 199 -23.46 -14.22 21.81
C ARG B 199 -23.06 -12.87 22.37
N ILE B 200 -21.91 -12.37 21.94
CA ILE B 200 -21.39 -11.07 22.38
C ILE B 200 -21.24 -10.17 21.17
N THR B 201 -21.62 -8.91 21.32
CA THR B 201 -21.46 -7.91 20.28
C THR B 201 -20.68 -6.74 20.84
N VAL B 202 -19.53 -6.45 20.22
CA VAL B 202 -18.68 -5.34 20.61
C VAL B 202 -18.95 -4.19 19.65
N ILE B 203 -19.17 -2.99 20.21
CA ILE B 203 -19.48 -1.81 19.43
C ILE B 203 -18.32 -0.83 19.57
N GLY B 204 -17.56 -0.67 18.49
CA GLY B 204 -16.35 0.14 18.51
C GLY B 204 -15.12 -0.71 18.30
N ALA B 205 -14.39 -0.47 17.21
CA ALA B 205 -13.27 -1.30 16.81
C ALA B 205 -11.92 -0.67 17.14
N GLY B 206 -11.86 0.15 18.19
CA GLY B 206 -10.59 0.60 18.71
C GLY B 206 -9.90 -0.53 19.44
N TYR B 207 -8.78 -0.18 20.08
CA TYR B 207 -7.97 -1.21 20.74
C TYR B 207 -8.72 -1.86 21.89
N ILE B 208 -9.61 -1.11 22.55
CA ILE B 208 -10.38 -1.69 23.66
C ILE B 208 -11.38 -2.70 23.12
N GLY B 209 -12.15 -2.32 22.11
CA GLY B 209 -13.10 -3.25 21.52
C GLY B 209 -12.44 -4.41 20.81
N ALA B 210 -11.27 -4.17 20.20
CA ALA B 210 -10.54 -5.26 19.56
C ALA B 210 -10.07 -6.29 20.57
N GLU B 211 -9.63 -5.84 21.75
CA GLU B 211 -9.18 -6.77 22.78
C GLU B 211 -10.35 -7.56 23.34
N LEU B 212 -11.49 -6.92 23.56
CA LEU B 212 -12.66 -7.62 24.07
C LEU B 212 -13.17 -8.65 23.06
N ALA B 213 -13.23 -8.26 21.78
CA ALA B 213 -13.66 -9.20 20.75
C ALA B 213 -12.75 -10.41 20.69
N GLU B 214 -11.43 -10.20 20.79
CA GLU B 214 -10.49 -11.31 20.77
C GLU B 214 -10.63 -12.17 22.02
N ALA B 215 -10.82 -11.54 23.18
CA ALA B 215 -10.90 -12.29 24.43
C ALA B 215 -12.14 -13.18 24.46
N TYR B 216 -13.30 -12.64 24.09
CA TYR B 216 -14.51 -13.45 24.05
C TYR B 216 -14.42 -14.56 23.00
N SER B 217 -13.84 -14.25 21.84
CA SER B 217 -13.86 -15.21 20.74
C SER B 217 -12.97 -16.41 21.03
N THR B 218 -11.84 -16.19 21.72
CA THR B 218 -10.96 -17.30 22.06
C THR B 218 -11.47 -18.12 23.24
N THR B 219 -12.55 -17.70 23.88
CA THR B 219 -13.10 -18.40 25.04
C THR B 219 -14.49 -18.99 24.75
N GLY B 220 -14.78 -19.27 23.48
CA GLY B 220 -15.99 -19.98 23.13
C GLY B 220 -17.23 -19.13 22.99
N HIS B 221 -17.08 -17.84 22.68
CA HIS B 221 -18.22 -16.96 22.47
C HIS B 221 -18.37 -16.66 20.98
N ASP B 222 -19.62 -16.48 20.55
CA ASP B 222 -19.89 -15.96 19.21
C ASP B 222 -19.84 -14.43 19.28
N VAL B 223 -18.94 -13.84 18.50
CA VAL B 223 -18.60 -12.43 18.62
C VAL B 223 -18.89 -11.72 17.30
N THR B 224 -19.55 -10.57 17.39
CA THR B 224 -19.70 -9.63 16.29
C THR B 224 -19.06 -8.31 16.69
N LEU B 225 -18.21 -7.77 15.81
CA LEU B 225 -17.52 -6.51 16.05
C LEU B 225 -18.08 -5.47 15.08
N ILE B 226 -18.83 -4.50 15.62
CA ILE B 226 -19.49 -3.48 14.83
C ILE B 226 -18.77 -2.15 15.02
N ASP B 227 -18.58 -1.43 13.92
CA ASP B 227 -18.06 -0.07 13.98
C ASP B 227 -18.34 0.62 12.65
N ALA B 228 -18.48 1.94 12.71
CA ALA B 228 -18.77 2.73 11.52
C ALA B 228 -17.52 3.08 10.73
N MET B 229 -16.35 3.07 11.36
CA MET B 229 -15.12 3.34 10.63
C MET B 229 -14.72 2.12 9.79
N ALA B 230 -13.80 2.34 8.86
CA ALA B 230 -13.50 1.34 7.85
C ALA B 230 -12.59 0.24 8.35
N ARG B 231 -11.66 0.55 9.25
CA ARG B 231 -10.67 -0.41 9.72
C ARG B 231 -10.75 -0.52 11.24
N VAL B 232 -10.13 -1.56 11.77
CA VAL B 232 -9.97 -1.73 13.21
C VAL B 232 -8.73 -0.96 13.65
N MET B 233 -8.80 -0.35 14.83
CA MET B 233 -7.71 0.37 15.46
C MET B 233 -6.93 1.26 14.49
N PRO B 234 -7.58 2.16 13.74
CA PRO B 234 -6.85 2.96 12.75
C PRO B 234 -6.00 4.07 13.36
N LYS B 235 -6.12 4.31 14.66
CA LYS B 235 -5.28 5.31 15.31
C LYS B 235 -3.89 4.79 15.61
N TYR B 236 -3.72 3.47 15.73
CA TYR B 236 -2.42 2.88 16.04
C TYR B 236 -1.70 2.34 14.80
N PHE B 237 -2.44 1.77 13.84
CA PHE B 237 -1.82 1.00 12.76
C PHE B 237 -2.38 1.40 11.41
N ASP B 238 -1.56 1.22 10.38
CA ASP B 238 -1.95 1.45 9.00
C ASP B 238 -2.59 0.20 8.41
N ALA B 239 -3.04 0.31 7.16
CA ALA B 239 -3.85 -0.74 6.56
C ALA B 239 -3.09 -2.07 6.44
N ASP B 240 -1.79 -2.02 6.18
CA ASP B 240 -1.02 -3.25 6.04
C ASP B 240 -1.08 -4.09 7.31
N PHE B 241 -1.11 -3.44 8.47
CA PHE B 241 -1.20 -4.16 9.74
C PHE B 241 -2.63 -4.61 10.02
N THR B 242 -3.59 -3.70 9.85
CA THR B 242 -4.98 -4.02 10.21
C THR B 242 -5.62 -5.00 9.25
N ASP B 243 -5.14 -5.10 8.01
CA ASP B 243 -5.61 -6.14 7.11
C ASP B 243 -5.30 -7.52 7.69
N VAL B 244 -4.08 -7.72 8.16
CA VAL B 244 -3.70 -8.99 8.77
C VAL B 244 -4.48 -9.23 10.05
N ILE B 245 -4.67 -8.18 10.84
CA ILE B 245 -5.43 -8.31 12.10
C ILE B 245 -6.86 -8.69 11.81
N GLU B 246 -7.52 -7.95 10.90
CA GLU B 246 -8.90 -8.26 10.54
C GLU B 246 -9.03 -9.66 9.96
N GLN B 247 -8.00 -10.13 9.25
CA GLN B 247 -8.03 -11.49 8.74
C GLN B 247 -7.96 -12.52 9.86
N ASP B 248 -7.22 -12.21 10.93
CA ASP B 248 -7.18 -13.12 12.08
C ASP B 248 -8.55 -13.25 12.72
N TYR B 249 -9.28 -12.13 12.84
CA TYR B 249 -10.63 -12.19 13.39
C TYR B 249 -11.52 -13.11 12.56
N ARG B 250 -11.45 -12.98 11.24
CA ARG B 250 -12.27 -13.83 10.37
C ARG B 250 -11.85 -15.29 10.47
N ASP B 251 -10.53 -15.56 10.51
CA ASP B 251 -10.06 -16.93 10.65
C ASP B 251 -10.52 -17.55 11.97
N HIS B 252 -10.73 -16.73 12.99
CA HIS B 252 -11.16 -17.21 14.30
C HIS B 252 -12.66 -17.13 14.48
N GLY B 253 -13.42 -16.84 13.43
CA GLY B 253 -14.87 -16.87 13.50
C GLY B 253 -15.53 -15.60 13.98
N VAL B 254 -14.81 -14.49 14.07
CA VAL B 254 -15.41 -13.23 14.48
C VAL B 254 -16.07 -12.58 13.28
N GLN B 255 -17.30 -12.10 13.45
CA GLN B 255 -18.03 -11.41 12.41
C GLN B 255 -17.68 -9.93 12.46
N LEU B 256 -16.96 -9.45 11.45
CA LEU B 256 -16.57 -8.05 11.37
C LEU B 256 -17.67 -7.27 10.67
N ALA B 257 -18.27 -6.32 11.40
CA ALA B 257 -19.29 -5.45 10.83
C ALA B 257 -18.78 -4.03 10.73
N LEU B 258 -17.65 -3.85 10.05
CA LEU B 258 -17.06 -2.53 9.87
C LEU B 258 -17.86 -1.74 8.84
N GLY B 259 -17.76 -0.41 8.95
CA GLY B 259 -18.52 0.46 8.08
C GLY B 259 -20.01 0.45 8.30
N GLU B 260 -20.46 -0.06 9.45
CA GLU B 260 -21.88 -0.13 9.78
C GLU B 260 -22.17 0.77 10.98
N THR B 261 -23.32 1.42 10.95
CA THR B 261 -23.71 2.39 11.96
C THR B 261 -24.91 1.89 12.73
N VAL B 262 -24.76 1.69 14.03
CA VAL B 262 -25.86 1.21 14.87
C VAL B 262 -26.97 2.25 14.89
N GLU B 263 -28.21 1.79 14.73
CA GLU B 263 -29.37 2.68 14.69
C GLU B 263 -30.34 2.48 15.83
N SER B 264 -30.44 1.28 16.41
CA SER B 264 -31.36 1.07 17.51
C SER B 264 -31.01 -0.22 18.25
N PHE B 265 -31.35 -0.26 19.53
CA PHE B 265 -31.29 -1.46 20.35
C PHE B 265 -32.72 -1.78 20.79
N THR B 266 -33.19 -2.99 20.47
CA THR B 266 -34.54 -3.40 20.81
C THR B 266 -34.47 -4.72 21.57
N ASP B 267 -34.99 -4.72 22.80
CA ASP B 267 -35.09 -5.95 23.56
C ASP B 267 -36.15 -6.86 22.97
N SER B 268 -35.86 -8.16 22.95
CA SER B 268 -36.78 -9.15 22.40
C SER B 268 -36.79 -10.35 23.35
N ALA B 269 -37.44 -11.42 22.91
CA ALA B 269 -37.52 -12.63 23.73
C ALA B 269 -36.19 -13.37 23.75
N THR B 270 -35.54 -13.50 22.59
CA THR B 270 -34.29 -14.24 22.46
C THR B 270 -33.07 -13.33 22.53
N GLY B 271 -33.15 -12.23 23.30
CA GLY B 271 -31.99 -11.40 23.57
C GLY B 271 -32.20 -9.98 23.09
N LEU B 272 -31.10 -9.37 22.65
CA LEU B 272 -31.06 -7.97 22.25
C LEU B 272 -30.86 -7.88 20.73
N THR B 273 -31.70 -7.11 20.07
CA THR B 273 -31.64 -6.92 18.62
C THR B 273 -30.94 -5.61 18.31
N ILE B 274 -29.85 -5.68 17.56
CA ILE B 274 -29.07 -4.52 17.17
C ILE B 274 -29.27 -4.29 15.68
N LYS B 275 -29.84 -3.15 15.32
CA LYS B 275 -30.11 -2.81 13.94
C LYS B 275 -29.11 -1.75 13.48
N THR B 276 -28.38 -2.05 12.42
CA THR B 276 -27.50 -1.10 11.76
C THR B 276 -28.09 -0.71 10.42
N ASP B 277 -27.38 0.14 9.68
CA ASP B 277 -27.85 0.57 8.37
C ASP B 277 -27.62 -0.47 7.29
N LYS B 278 -26.93 -1.56 7.59
CA LYS B 278 -26.63 -2.58 6.59
C LYS B 278 -27.00 -4.00 7.01
N ASN B 279 -27.35 -4.23 8.27
CA ASN B 279 -27.63 -5.58 8.74
C ASN B 279 -28.38 -5.48 10.07
N SER B 280 -28.82 -6.64 10.55
CA SER B 280 -29.48 -6.76 11.85
C SER B 280 -28.88 -7.93 12.61
N TYR B 281 -28.62 -7.74 13.89
CA TYR B 281 -27.96 -8.74 14.72
C TYR B 281 -28.74 -8.95 16.01
N GLU B 282 -28.79 -10.20 16.46
CA GLU B 282 -29.33 -10.53 17.76
C GLU B 282 -28.21 -11.09 18.63
N THR B 283 -28.14 -10.61 19.87
CA THR B 283 -27.04 -10.94 20.75
C THR B 283 -27.56 -11.04 22.18
N ASP B 284 -26.73 -11.59 23.05
CA ASP B 284 -27.03 -11.63 24.48
C ASP B 284 -26.45 -10.45 25.23
N LEU B 285 -25.40 -9.82 24.71
CA LEU B 285 -24.73 -8.73 25.41
C LEU B 285 -24.09 -7.81 24.39
N ALA B 286 -24.26 -6.50 24.59
CA ALA B 286 -23.61 -5.48 23.78
C ALA B 286 -22.73 -4.64 24.68
N ILE B 287 -21.49 -4.41 24.27
CA ILE B 287 -20.51 -3.66 25.04
C ILE B 287 -20.11 -2.43 24.23
N LEU B 288 -20.18 -1.26 24.86
CA LEU B 288 -19.87 0.00 24.19
C LEU B 288 -18.39 0.30 24.35
N CYS B 289 -17.69 0.42 23.21
CA CYS B 289 -16.26 0.68 23.19
C CYS B 289 -15.92 1.68 22.08
N ILE B 290 -16.65 2.80 22.05
CA ILE B 290 -16.54 3.75 20.97
C ILE B 290 -15.77 5.00 21.37
N GLY B 291 -15.02 4.95 22.45
CA GLY B 291 -14.15 6.04 22.85
C GLY B 291 -14.47 6.56 24.23
N PHE B 292 -13.74 7.63 24.59
CA PHE B 292 -13.85 8.23 25.91
C PHE B 292 -13.91 9.74 25.78
N ARG B 293 -14.60 10.35 26.74
CA ARG B 293 -14.71 11.80 26.86
C ARG B 293 -14.16 12.24 28.21
N PRO B 294 -13.35 13.30 28.25
CA PRO B 294 -12.86 13.82 29.52
C PRO B 294 -14.01 14.17 30.45
N ASN B 295 -13.93 13.67 31.69
CA ASN B 295 -14.97 13.88 32.69
C ASN B 295 -14.66 15.15 33.48
N THR B 296 -14.85 16.29 32.81
CA THR B 296 -14.37 17.57 33.32
C THR B 296 -15.46 18.64 33.38
N ASP B 297 -16.74 18.25 33.46
CA ASP B 297 -17.79 19.26 33.47
C ASP B 297 -17.77 20.12 34.73
N LEU B 298 -17.13 19.65 35.80
CA LEU B 298 -16.97 20.47 37.00
C LEU B 298 -16.20 21.76 36.74
N LEU B 299 -15.37 21.79 35.69
CA LEU B 299 -14.56 22.96 35.37
C LEU B 299 -14.87 23.55 34.01
N LYS B 300 -15.97 23.14 33.37
CA LYS B 300 -16.32 23.67 32.05
C LYS B 300 -16.58 25.17 32.13
N GLY B 301 -15.92 25.93 31.26
CA GLY B 301 -16.04 27.37 31.27
C GLY B 301 -15.18 28.06 32.31
N LYS B 302 -14.43 27.31 33.12
CA LYS B 302 -13.60 27.88 34.17
C LYS B 302 -12.12 27.77 33.91
N VAL B 303 -11.67 26.74 33.18
CA VAL B 303 -10.30 26.63 32.74
C VAL B 303 -10.31 26.33 31.24
N ASP B 304 -9.17 26.58 30.60
CA ASP B 304 -9.07 26.34 29.16
C ASP B 304 -9.19 24.85 28.86
N MET B 305 -9.91 24.52 27.80
CA MET B 305 -10.18 23.14 27.44
C MET B 305 -10.06 22.96 25.93
N ALA B 306 -9.77 21.73 25.54
CA ALA B 306 -9.88 21.33 24.15
C ALA B 306 -11.37 21.20 23.79
N PRO B 307 -11.70 21.16 22.49
CA PRO B 307 -13.11 21.03 22.11
C PRO B 307 -13.83 19.83 22.72
N ASN B 308 -13.11 18.78 23.11
CA ASN B 308 -13.73 17.62 23.73
C ASN B 308 -13.80 17.73 25.25
N GLY B 309 -13.29 18.79 25.84
CA GLY B 309 -13.30 18.97 27.27
C GLY B 309 -11.99 18.66 27.99
N ALA B 310 -10.97 18.21 27.26
CA ALA B 310 -9.68 17.93 27.88
C ALA B 310 -9.04 19.21 28.38
N ILE B 311 -8.55 19.20 29.61
CA ILE B 311 -7.97 20.38 30.22
C ILE B 311 -6.59 20.62 29.63
N ILE B 312 -6.33 21.85 29.20
CA ILE B 312 -5.05 22.23 28.60
C ILE B 312 -4.13 22.70 29.71
N THR B 313 -2.93 22.15 29.75
CA THR B 313 -1.94 22.46 30.78
C THR B 313 -0.68 23.01 30.15
N ASP B 314 0.17 23.63 30.98
CA ASP B 314 1.51 24.01 30.56
C ASP B 314 2.41 22.78 30.69
N ASP B 315 3.72 22.99 30.58
CA ASP B 315 4.65 21.87 30.70
C ASP B 315 4.81 21.38 32.14
N TYR B 316 4.12 22.00 33.10
CA TYR B 316 4.20 21.58 34.50
C TYR B 316 2.86 21.11 35.03
N MET B 317 1.90 20.83 34.14
CA MET B 317 0.58 20.28 34.46
C MET B 317 -0.33 21.29 35.15
N ARG B 318 -0.05 22.58 35.02
CA ARG B 318 -0.92 23.63 35.53
C ARG B 318 -1.92 24.04 34.46
N SER B 319 -3.19 24.10 34.84
CA SER B 319 -4.21 24.59 33.92
C SER B 319 -4.09 26.10 33.76
N SER B 320 -5.02 26.68 33.00
CA SER B 320 -5.04 28.14 32.87
C SER B 320 -5.30 28.82 34.22
N ASN B 321 -5.85 28.10 35.18
CA ASN B 321 -5.93 28.58 36.56
C ASN B 321 -4.69 28.09 37.29
N PRO B 322 -3.79 28.96 37.74
CA PRO B 322 -2.47 28.51 38.21
C PRO B 322 -2.50 27.68 39.48
N ASP B 323 -3.63 27.59 40.18
CA ASP B 323 -3.73 26.78 41.37
C ASP B 323 -4.46 25.47 41.14
N ILE B 324 -4.78 25.14 39.88
CA ILE B 324 -5.49 23.92 39.53
C ILE B 324 -4.62 23.11 38.58
N PHE B 325 -4.26 21.89 39.00
CA PHE B 325 -3.49 20.97 38.18
C PHE B 325 -4.41 19.94 37.57
N ALA B 326 -4.00 19.40 36.41
CA ALA B 326 -4.74 18.35 35.73
C ALA B 326 -3.77 17.28 35.27
N ALA B 327 -4.18 16.02 35.42
CA ALA B 327 -3.34 14.88 35.08
C ALA B 327 -4.21 13.70 34.71
N GLY B 328 -3.79 12.96 33.69
CA GLY B 328 -4.51 11.76 33.28
C GLY B 328 -5.58 12.03 32.24
N ASP B 329 -6.62 11.20 32.24
CA ASP B 329 -7.67 11.28 31.22
C ASP B 329 -8.43 12.60 31.24
N SER B 330 -8.28 13.40 32.29
CA SER B 330 -8.95 14.69 32.34
C SER B 330 -8.22 15.77 31.56
N ALA B 331 -7.00 15.50 31.09
CA ALA B 331 -6.15 16.52 30.49
C ALA B 331 -5.78 16.16 29.06
N ALA B 332 -5.31 17.17 28.33
CA ALA B 332 -4.69 16.96 27.03
C ALA B 332 -3.18 16.86 27.19
N VAL B 333 -2.57 16.08 26.31
CA VAL B 333 -1.13 15.80 26.39
C VAL B 333 -0.44 16.48 25.21
N HIS B 334 0.84 16.82 25.43
CA HIS B 334 1.67 17.34 24.34
C HIS B 334 2.12 16.17 23.48
N TYR B 335 1.73 16.18 22.21
CA TYR B 335 2.05 15.11 21.28
C TYR B 335 3.32 15.49 20.52
N ASN B 336 4.43 14.83 20.85
CA ASN B 336 5.72 15.20 20.27
C ASN B 336 5.78 15.09 18.75
N PRO B 337 5.25 14.04 18.10
CA PRO B 337 5.37 13.99 16.63
C PRO B 337 4.74 15.17 15.91
N THR B 338 3.76 15.83 16.52
CA THR B 338 3.14 17.02 15.93
C THR B 338 3.41 18.28 16.72
N HIS B 339 3.95 18.18 17.93
CA HIS B 339 4.20 19.33 18.81
C HIS B 339 2.92 20.12 19.07
N GLN B 340 1.80 19.43 19.14
CA GLN B 340 0.50 20.03 19.43
C GLN B 340 -0.19 19.25 20.55
N ASN B 341 -1.17 19.89 21.16
CA ASN B 341 -1.98 19.21 22.16
C ASN B 341 -2.89 18.19 21.50
N ALA B 342 -3.10 17.06 22.19
CA ALA B 342 -3.98 16.02 21.70
C ALA B 342 -4.63 15.35 22.90
N TYR B 343 -5.65 14.53 22.63
CA TYR B 343 -6.29 13.72 23.66
C TYR B 343 -5.85 12.28 23.46
N ILE B 344 -5.03 11.78 24.38
CA ILE B 344 -4.51 10.42 24.31
C ILE B 344 -4.71 9.78 25.67
N PRO B 345 -5.88 9.18 25.93
CA PRO B 345 -6.14 8.64 27.27
C PRO B 345 -5.52 7.27 27.49
N LEU B 346 -4.28 7.25 27.96
CA LEU B 346 -3.56 6.02 28.26
C LEU B 346 -3.09 6.04 29.72
N ALA B 347 -3.00 4.84 30.31
CA ALA B 347 -2.50 4.75 31.68
C ALA B 347 -1.08 5.26 31.79
N THR B 348 -0.31 5.19 30.70
CA THR B 348 1.06 5.69 30.73
C THR B 348 1.11 7.18 31.04
N ASN B 349 0.22 7.95 30.41
CA ASN B 349 0.20 9.39 30.65
C ASN B 349 -0.28 9.72 32.06
N ALA B 350 -1.23 8.95 32.58
CA ALA B 350 -1.82 9.26 33.88
C ALA B 350 -0.80 9.11 35.01
N VAL B 351 -0.01 8.05 34.99
CA VAL B 351 0.96 7.84 36.05
C VAL B 351 2.11 8.84 35.95
N ARG B 352 2.46 9.24 34.73
CA ARG B 352 3.54 10.22 34.56
C ARG B 352 3.09 11.61 35.01
N GLN B 353 1.97 12.08 34.48
CA GLN B 353 1.50 13.42 34.82
C GLN B 353 1.11 13.51 36.30
N GLY B 354 0.65 12.42 36.89
CA GLY B 354 0.40 12.42 38.33
C GLY B 354 1.66 12.70 39.13
N ILE B 355 2.78 12.08 38.74
CA ILE B 355 4.05 12.33 39.40
C ILE B 355 4.45 13.79 39.25
N LEU B 356 4.26 14.35 38.06
CA LEU B 356 4.69 15.73 37.80
C LEU B 356 3.85 16.73 38.58
N VAL B 357 2.60 16.39 38.91
CA VAL B 357 1.80 17.25 39.77
C VAL B 357 2.44 17.35 41.15
N GLY B 358 2.91 16.23 41.68
CA GLY B 358 3.56 16.26 42.98
C GLY B 358 4.85 17.05 42.99
N LYS B 359 5.62 16.96 41.89
CA LYS B 359 6.89 17.66 41.84
C LYS B 359 6.72 19.15 41.54
N ASN B 360 5.64 19.54 40.85
CA ASN B 360 5.40 20.91 40.48
C ASN B 360 4.31 21.58 41.31
N LEU B 361 3.99 20.99 42.47
CA LEU B 361 2.87 21.51 43.27
C LEU B 361 3.14 22.91 43.77
N VAL B 362 4.38 23.21 44.16
CA VAL B 362 4.73 24.50 44.73
C VAL B 362 5.23 25.44 43.64
N LYS B 363 6.26 25.02 42.92
CA LYS B 363 6.86 25.80 41.85
C LYS B 363 7.31 24.86 40.75
N PRO B 364 7.41 25.36 39.51
CA PRO B 364 7.85 24.51 38.39
C PRO B 364 9.19 23.86 38.67
N THR B 365 9.21 22.53 38.64
CA THR B 365 10.39 21.75 38.99
C THR B 365 10.82 20.81 37.87
N VAL B 366 9.90 20.02 37.31
CA VAL B 366 10.22 19.04 36.28
C VAL B 366 9.25 19.25 35.12
N LYS B 367 9.81 19.47 33.92
CA LYS B 367 8.99 19.65 32.73
C LYS B 367 8.43 18.31 32.24
N TYR B 368 7.29 18.38 31.58
CA TYR B 368 6.69 17.21 30.95
C TYR B 368 7.39 16.95 29.62
N MET B 369 7.76 15.69 29.38
CA MET B 369 8.50 15.32 28.18
C MET B 369 7.60 15.08 26.97
N GLY B 370 6.30 15.29 27.09
CA GLY B 370 5.42 14.93 26.00
C GLY B 370 5.25 13.41 25.92
N THR B 371 4.55 12.98 24.88
CA THR B 371 4.31 11.56 24.69
C THR B 371 4.29 11.23 23.20
N GLN B 372 4.52 9.95 22.92
CA GLN B 372 4.43 9.41 21.58
C GLN B 372 3.21 8.50 21.38
N SER B 373 2.39 8.33 22.42
CA SER B 373 1.26 7.40 22.39
C SER B 373 1.72 5.97 22.11
N SER B 374 2.87 5.61 22.68
CA SER B 374 3.38 4.25 22.53
C SER B 374 2.39 3.26 23.12
N SER B 375 2.06 2.23 22.35
CA SER B 375 1.10 1.23 22.79
C SER B 375 1.48 -0.13 22.20
N GLY B 376 0.87 -1.17 22.76
CA GLY B 376 1.11 -2.52 22.29
C GLY B 376 -0.02 -3.43 22.71
N LEU B 377 -0.25 -4.47 21.91
CA LEU B 377 -1.33 -5.41 22.17
C LEU B 377 -0.86 -6.82 21.87
N ALA B 378 -1.65 -7.79 22.34
CA ALA B 378 -1.49 -9.19 22.00
C ALA B 378 -2.82 -9.70 21.48
N LEU B 379 -2.91 -9.93 20.17
CA LEU B 379 -4.12 -10.41 19.53
C LEU B 379 -3.81 -11.68 18.77
N TYR B 380 -4.39 -12.80 19.20
CA TYR B 380 -4.24 -14.10 18.54
C TYR B 380 -2.77 -14.46 18.35
N ASP B 381 -2.04 -14.48 19.48
CA ASP B 381 -0.63 -14.83 19.57
C ASP B 381 0.29 -13.83 18.86
N ARG B 382 -0.24 -12.72 18.37
CA ARG B 382 0.56 -11.72 17.68
C ARG B 382 0.84 -10.54 18.61
N THR B 383 2.11 -10.17 18.72
CA THR B 383 2.51 -8.94 19.39
C THR B 383 2.46 -7.81 18.38
N ILE B 384 1.62 -6.81 18.64
CA ILE B 384 1.39 -5.69 17.73
C ILE B 384 1.61 -4.41 18.52
N VAL B 385 2.69 -3.70 18.20
CA VAL B 385 3.09 -2.51 18.94
C VAL B 385 3.29 -1.35 17.96
N SER B 386 3.15 -0.14 18.49
CA SER B 386 3.28 1.06 17.66
C SER B 386 3.63 2.25 18.54
N THR B 387 4.08 3.31 17.88
CA THR B 387 4.40 4.57 18.54
C THR B 387 4.41 5.66 17.48
N GLY B 388 3.99 6.85 17.87
CA GLY B 388 4.01 7.97 16.93
C GLY B 388 2.92 7.89 15.88
N LEU B 389 3.13 8.63 14.80
CA LEU B 389 2.12 8.82 13.78
C LEU B 389 2.10 7.67 12.78
N THR B 390 0.90 7.21 12.45
CA THR B 390 0.71 6.39 11.26
C THR B 390 0.82 7.27 10.03
N LEU B 391 0.99 6.63 8.86
CA LEU B 391 1.00 7.39 7.62
C LEU B 391 -0.35 8.03 7.35
N ALA B 392 -1.44 7.31 7.64
CA ALA B 392 -2.77 7.85 7.43
C ALA B 392 -2.99 9.11 8.28
N ALA B 393 -2.70 9.02 9.57
CA ALA B 393 -2.89 10.17 10.45
C ALA B 393 -1.99 11.33 10.05
N ALA B 394 -0.78 11.03 9.58
CA ALA B 394 0.15 12.10 9.18
C ALA B 394 -0.36 12.84 7.95
N LYS B 395 -0.82 12.11 6.94
CA LYS B 395 -1.39 12.74 5.76
C LYS B 395 -2.73 13.40 6.07
N GLN B 396 -3.53 12.79 6.95
CA GLN B 396 -4.82 13.35 7.31
C GLN B 396 -4.68 14.73 7.95
N GLN B 397 -3.54 15.01 8.57
CA GLN B 397 -3.23 16.31 9.13
C GLN B 397 -2.34 17.14 8.22
N GLY B 398 -2.12 16.70 6.99
CA GLY B 398 -1.33 17.45 6.03
C GLY B 398 0.14 17.58 6.40
N LEU B 399 0.75 16.52 6.90
CA LEU B 399 2.17 16.50 7.20
C LEU B 399 2.94 15.86 6.05
N ASN B 400 4.11 16.40 5.75
CA ASN B 400 5.00 15.80 4.75
C ASN B 400 5.51 14.48 5.32
N ALA B 401 4.97 13.37 4.83
CA ALA B 401 5.26 12.08 5.43
C ALA B 401 5.29 11.00 4.37
N GLU B 402 6.21 10.06 4.51
CA GLU B 402 6.26 8.85 3.70
C GLU B 402 6.42 7.65 4.63
N GLN B 403 6.22 6.46 4.07
CA GLN B 403 6.21 5.23 4.84
C GLN B 403 6.96 4.14 4.08
N VAL B 404 7.68 3.30 4.83
CA VAL B 404 8.28 2.10 4.27
C VAL B 404 7.76 0.90 5.05
N ILE B 405 7.61 -0.22 4.36
CA ILE B 405 7.12 -1.47 4.95
C ILE B 405 8.14 -2.56 4.67
N VAL B 406 8.52 -3.29 5.73
CA VAL B 406 9.53 -4.34 5.63
C VAL B 406 9.03 -5.56 6.38
N GLU B 407 9.19 -6.73 5.77
CA GLU B 407 8.97 -8.00 6.45
C GLU B 407 10.25 -8.82 6.37
N ASP B 408 10.70 -9.32 7.52
CA ASP B 408 11.92 -10.09 7.60
C ASP B 408 11.83 -11.03 8.80
N ASN B 409 12.56 -12.12 8.74
CA ASN B 409 12.74 -12.96 9.92
C ASN B 409 13.58 -12.20 10.93
N TYR B 410 13.16 -12.19 12.20
CA TYR B 410 13.81 -11.34 13.18
C TYR B 410 15.20 -11.83 13.55
N ARG B 411 15.48 -13.11 13.36
CA ARG B 411 16.80 -13.66 13.65
C ARG B 411 17.13 -14.68 12.56
N PRO B 412 18.42 -15.02 12.40
CA PRO B 412 18.83 -15.81 11.22
C PRO B 412 18.15 -17.16 11.14
N GLU B 413 18.00 -17.64 9.90
CA GLU B 413 17.26 -18.87 9.63
C GLU B 413 17.98 -20.12 10.13
N PHE B 414 19.31 -20.09 10.28
CA PHE B 414 20.01 -21.28 10.74
C PHE B 414 19.71 -21.61 12.20
N MET B 415 19.10 -20.69 12.95
CA MET B 415 18.71 -20.97 14.32
C MET B 415 17.63 -22.05 14.35
N PRO B 416 17.43 -22.69 15.51
CA PRO B 416 16.40 -23.74 15.58
C PRO B 416 15.02 -23.26 15.19
N SER B 417 14.73 -21.98 15.37
CA SER B 417 13.46 -21.41 14.96
C SER B 417 13.64 -19.93 14.72
N THR B 418 12.79 -19.37 13.85
CA THR B 418 12.74 -17.94 13.64
C THR B 418 11.30 -17.56 13.32
N GLU B 419 11.04 -16.24 13.30
CA GLU B 419 9.70 -15.74 13.17
C GLU B 419 9.69 -14.48 12.32
N PRO B 420 8.73 -14.34 11.41
CA PRO B 420 8.64 -13.11 10.62
C PRO B 420 8.17 -11.95 11.49
N VAL B 421 8.69 -10.76 11.19
CA VAL B 421 8.23 -9.53 11.82
C VAL B 421 7.91 -8.52 10.73
N LEU B 422 6.68 -8.00 10.76
CA LEU B 422 6.24 -6.98 9.82
C LEU B 422 6.46 -5.62 10.46
N MET B 423 7.20 -4.75 9.78
CA MET B 423 7.63 -3.49 10.36
C MET B 423 7.19 -2.31 9.50
N SER B 424 6.90 -1.20 10.16
CA SER B 424 6.49 0.04 9.52
C SER B 424 7.28 1.20 10.12
N LEU B 425 7.72 2.13 9.27
CA LEU B 425 8.41 3.33 9.73
C LEU B 425 7.88 4.52 8.96
N VAL B 426 7.34 5.50 9.68
CA VAL B 426 6.79 6.72 9.09
C VAL B 426 7.77 7.85 9.37
N PHE B 427 8.09 8.62 8.34
CA PHE B 427 9.15 9.61 8.45
C PHE B 427 8.87 10.79 7.52
N ASP B 428 9.51 11.90 7.82
CA ASP B 428 9.48 13.07 6.94
C ASP B 428 10.51 12.86 5.83
N PRO B 429 10.10 12.81 4.56
CA PRO B 429 11.08 12.59 3.49
C PRO B 429 12.03 13.76 3.29
N ASP B 430 11.71 14.94 3.82
CA ASP B 430 12.56 16.10 3.72
C ASP B 430 13.60 16.12 4.83
N THR B 431 13.16 16.21 6.08
CA THR B 431 14.06 16.31 7.22
C THR B 431 14.64 14.97 7.65
N HIS B 432 14.07 13.86 7.17
CA HIS B 432 14.41 12.48 7.55
C HIS B 432 14.02 12.16 8.98
N ARG B 433 13.35 13.08 9.69
CA ARG B 433 12.98 12.84 11.08
C ARG B 433 11.90 11.77 11.18
N ILE B 434 12.07 10.89 12.16
CA ILE B 434 11.12 9.78 12.35
C ILE B 434 9.83 10.32 12.95
N LEU B 435 8.70 9.96 12.34
CA LEU B 435 7.40 10.37 12.82
C LEU B 435 6.66 9.29 13.59
N GLY B 436 6.90 8.03 13.28
CA GLY B 436 6.23 6.94 13.96
C GLY B 436 6.68 5.62 13.38
N GLY B 437 6.29 4.55 14.08
CA GLY B 437 6.66 3.21 13.65
C GLY B 437 5.81 2.16 14.33
N ALA B 438 5.80 0.97 13.73
CA ALA B 438 5.02 -0.14 14.25
C ALA B 438 5.71 -1.44 13.90
N LEU B 439 5.49 -2.46 14.74
CA LEU B 439 6.05 -3.78 14.51
C LEU B 439 5.01 -4.83 14.89
N MET B 440 4.99 -5.93 14.14
CA MET B 440 4.05 -7.01 14.37
C MET B 440 4.75 -8.34 14.13
N SER B 441 4.66 -9.24 15.11
CA SER B 441 5.31 -10.54 15.02
C SER B 441 4.75 -11.45 16.10
N LYS B 442 4.84 -12.76 15.86
CA LYS B 442 4.53 -13.72 16.91
C LYS B 442 5.63 -13.71 17.97
N TYR B 443 6.85 -13.33 17.60
CA TYR B 443 7.89 -13.07 18.58
C TYR B 443 7.63 -11.73 19.26
N ASP B 444 7.89 -11.68 20.56
CA ASP B 444 7.61 -10.50 21.38
C ASP B 444 8.55 -9.38 20.97
N VAL B 445 8.06 -8.46 20.15
CA VAL B 445 8.84 -7.31 19.69
C VAL B 445 8.43 -6.03 20.42
N SER B 446 7.78 -6.16 21.58
CA SER B 446 7.20 -4.99 22.25
C SER B 446 8.26 -3.97 22.62
N GLN B 447 9.43 -4.43 23.07
CA GLN B 447 10.47 -3.50 23.52
C GLN B 447 10.96 -2.62 22.37
N SER B 448 10.84 -3.08 21.14
CA SER B 448 11.32 -2.29 20.01
C SER B 448 10.49 -1.01 19.82
N ALA B 449 9.21 -1.05 20.17
CA ALA B 449 8.41 0.17 20.11
C ALA B 449 8.91 1.22 21.09
N ASN B 450 9.37 0.79 22.26
CA ASN B 450 9.98 1.72 23.21
C ASN B 450 11.28 2.31 22.67
N THR B 451 12.05 1.52 21.92
CA THR B 451 13.24 2.07 21.26
C THR B 451 12.86 3.16 20.27
N LEU B 452 11.81 2.93 19.48
CA LEU B 452 11.34 3.96 18.55
C LEU B 452 10.82 5.18 19.29
N SER B 453 10.23 4.98 20.48
CA SER B 453 9.78 6.12 21.27
C SER B 453 10.94 7.00 21.69
N VAL B 454 12.03 6.40 22.16
CA VAL B 454 13.21 7.17 22.52
C VAL B 454 13.78 7.87 21.29
N CYS B 455 13.73 7.22 20.13
CA CYS B 455 14.17 7.85 18.89
C CYS B 455 13.34 9.10 18.59
N ILE B 456 12.01 8.99 18.71
CA ILE B 456 11.15 10.12 18.45
C ILE B 456 11.33 11.19 19.52
N GLN B 457 11.56 10.76 20.77
CA GLN B 457 11.77 11.72 21.85
C GLN B 457 12.98 12.60 21.59
N ASN B 458 14.04 12.03 21.02
CA ASN B 458 15.25 12.77 20.69
C ASN B 458 15.25 13.28 19.26
N GLU B 459 14.14 13.15 18.54
CA GLU B 459 14.00 13.65 17.17
C GLU B 459 15.07 13.08 16.25
N ASN B 460 15.38 11.80 16.43
CA ASN B 460 16.35 11.14 15.56
C ASN B 460 15.78 10.97 14.16
N THR B 461 16.69 10.74 13.21
CA THR B 461 16.32 10.57 11.81
C THR B 461 16.37 9.10 11.42
N ILE B 462 15.93 8.82 10.19
CA ILE B 462 16.09 7.47 9.65
C ILE B 462 17.56 7.14 9.45
N ASP B 463 18.42 8.15 9.30
CA ASP B 463 19.85 7.93 9.17
C ASP B 463 20.47 7.56 10.52
N ASP B 464 19.96 8.16 11.61
CA ASP B 464 20.43 7.78 12.94
C ASP B 464 20.07 6.33 13.25
N LEU B 465 18.82 5.95 12.98
CA LEU B 465 18.37 4.60 13.30
C LEU B 465 18.97 3.55 12.36
N ALA B 466 19.36 3.95 11.15
CA ALA B 466 19.91 2.97 10.21
C ALA B 466 21.28 2.46 10.63
N MET B 467 22.02 3.24 11.42
CA MET B 467 23.39 2.90 11.75
C MET B 467 23.69 2.89 13.25
N VAL B 468 22.73 3.22 14.10
CA VAL B 468 23.00 3.29 15.53
C VAL B 468 23.35 1.90 16.05
N ASP B 469 24.30 1.87 16.99
CA ASP B 469 24.77 0.61 17.53
C ASP B 469 23.64 -0.17 18.19
N MET B 470 23.48 -1.43 17.80
CA MET B 470 22.58 -2.36 18.44
C MET B 470 23.25 -3.73 18.49
N LEU B 471 22.96 -4.49 19.54
CA LEU B 471 23.67 -5.74 19.76
C LEU B 471 23.37 -6.74 18.64
N PHE B 472 24.30 -7.66 18.42
CA PHE B 472 24.09 -8.77 17.51
C PHE B 472 24.44 -10.07 18.21
N GLN B 473 23.50 -11.00 18.22
CA GLN B 473 23.71 -12.38 18.62
C GLN B 473 22.58 -13.19 17.98
N PRO B 474 22.90 -14.31 17.31
CA PRO B 474 21.87 -15.03 16.53
C PRO B 474 20.64 -15.42 17.32
N ASN B 475 20.75 -15.48 18.65
CA ASN B 475 19.58 -15.75 19.47
C ASN B 475 18.56 -14.63 19.39
N PHE B 476 18.95 -13.44 18.96
CA PHE B 476 18.09 -12.27 19.08
C PHE B 476 17.85 -11.55 17.76
N ASP B 477 18.84 -11.49 16.88
CA ASP B 477 18.70 -10.70 15.66
C ASP B 477 19.80 -11.10 14.67
N ARG B 478 19.75 -10.44 13.51
CA ARG B 478 20.79 -10.54 12.49
C ARG B 478 21.93 -9.60 12.84
N PRO B 479 23.06 -9.66 12.11
CA PRO B 479 24.13 -8.67 12.35
C PRO B 479 23.62 -7.24 12.45
N PHE B 480 22.71 -6.84 11.58
CA PHE B 480 21.94 -5.60 11.76
C PHE B 480 20.61 -5.95 12.41
N ASN B 481 20.29 -5.26 13.50
CA ASN B 481 18.99 -5.45 14.15
C ASN B 481 17.87 -5.06 13.20
N TYR B 482 16.71 -5.71 13.37
CA TYR B 482 15.60 -5.47 12.44
C TYR B 482 15.17 -4.01 12.44
N LEU B 483 15.40 -3.29 13.54
CA LEU B 483 15.15 -1.85 13.54
C LEU B 483 16.14 -1.12 12.64
N ASN B 484 17.41 -1.53 12.66
CA ASN B 484 18.38 -0.97 11.72
C ASN B 484 17.94 -1.21 10.28
N ILE B 485 17.57 -2.46 9.96
CA ILE B 485 17.16 -2.81 8.61
C ILE B 485 15.93 -2.00 8.20
N LEU B 486 15.03 -1.75 9.14
CA LEU B 486 13.84 -0.95 8.86
C LEU B 486 14.21 0.44 8.38
N ALA B 487 15.11 1.10 9.10
CA ALA B 487 15.49 2.47 8.73
C ALA B 487 16.38 2.49 7.49
N GLN B 488 17.12 1.40 7.23
CA GLN B 488 17.92 1.34 6.01
C GLN B 488 17.05 1.22 4.78
N ALA B 489 15.91 0.53 4.89
CA ALA B 489 14.98 0.48 3.77
C ALA B 489 14.33 1.85 3.54
N ALA B 490 14.14 2.63 4.59
CA ALA B 490 13.62 3.99 4.43
C ALA B 490 14.63 4.88 3.72
N GLN B 491 15.92 4.71 4.02
CA GLN B 491 16.95 5.41 3.27
C GLN B 491 16.89 5.04 1.79
N ALA B 492 16.66 3.77 1.49
CA ALA B 492 16.58 3.34 0.10
C ALA B 492 15.41 3.99 -0.62
N LYS B 493 14.27 4.11 0.06
CA LYS B 493 13.11 4.76 -0.56
C LYS B 493 13.38 6.24 -0.80
N VAL B 494 14.06 6.90 0.13
CA VAL B 494 14.46 8.29 -0.08
C VAL B 494 15.47 8.40 -1.20
N ALA B 495 16.36 7.41 -1.33
CA ALA B 495 17.41 7.49 -2.35
C ALA B 495 16.85 7.33 -3.75
N GLN B 496 15.83 6.47 -3.92
CA GLN B 496 15.27 6.24 -5.25
C GLN B 496 14.48 7.43 -5.77
N SER B 497 14.19 8.42 -4.94
CA SER B 497 13.48 9.62 -5.38
C SER B 497 14.43 10.75 -5.77
N VAL B 498 15.62 10.81 -5.17
CA VAL B 498 16.58 11.85 -5.52
C VAL B 498 17.23 11.57 -6.88
N ASN B 499 17.22 10.32 -7.33
CA ASN B 499 17.73 10.01 -8.67
C ASN B 499 16.76 9.10 -9.42
N SER C 50 -58.78 -3.02 -19.30
CA SER C 50 -57.67 -2.07 -19.23
C SER C 50 -56.99 -2.14 -17.86
N MET C 51 -55.67 -2.40 -17.88
CA MET C 51 -54.91 -2.55 -16.65
C MET C 51 -54.68 -1.20 -15.98
N LYS C 52 -54.95 -1.14 -14.68
CA LYS C 52 -54.73 0.08 -13.90
C LYS C 52 -53.34 0.04 -13.29
N VAL C 53 -52.56 1.08 -13.54
CA VAL C 53 -51.18 1.17 -13.06
C VAL C 53 -51.02 2.47 -12.29
N THR C 54 -50.56 2.36 -11.04
CA THR C 54 -50.27 3.51 -10.21
C THR C 54 -48.77 3.62 -10.01
N VAL C 55 -48.23 4.82 -10.24
CA VAL C 55 -46.81 5.09 -10.09
C VAL C 55 -46.64 6.11 -8.98
N VAL C 56 -45.91 5.74 -7.93
CA VAL C 56 -45.68 6.59 -6.77
C VAL C 56 -44.30 7.23 -6.92
N GLY C 57 -44.27 8.52 -7.22
CA GLY C 57 -43.01 9.23 -7.38
C GLY C 57 -42.50 9.18 -8.82
N CYS C 58 -42.02 10.31 -9.32
CA CYS C 58 -41.59 10.39 -10.72
C CYS C 58 -40.48 11.43 -10.84
N THR C 59 -39.24 10.98 -10.72
CA THR C 59 -38.08 11.77 -11.10
C THR C 59 -37.39 11.12 -12.29
N HIS C 60 -36.68 10.02 -12.09
CA HIS C 60 -36.02 9.30 -13.18
C HIS C 60 -36.58 7.90 -13.36
N ALA C 61 -36.60 7.08 -12.31
CA ALA C 61 -37.08 5.72 -12.43
C ALA C 61 -38.55 5.69 -12.82
N GLY C 62 -39.37 6.57 -12.22
CA GLY C 62 -40.77 6.63 -12.59
C GLY C 62 -40.96 7.15 -14.01
N THR C 63 -40.11 8.08 -14.44
CA THR C 63 -40.21 8.62 -15.79
C THR C 63 -39.98 7.54 -16.84
N PHE C 64 -38.86 6.81 -16.72
CA PHE C 64 -38.57 5.75 -17.68
C PHE C 64 -39.58 4.61 -17.59
N ALA C 65 -40.11 4.34 -16.39
CA ALA C 65 -41.12 3.29 -16.25
C ALA C 65 -42.40 3.68 -16.97
N ILE C 66 -42.80 4.94 -16.87
CA ILE C 66 -44.04 5.39 -17.50
C ILE C 66 -43.90 5.34 -19.02
N LYS C 67 -42.80 5.89 -19.56
CA LYS C 67 -42.62 5.88 -21.01
C LYS C 67 -42.56 4.47 -21.57
N GLN C 68 -42.01 3.52 -20.81
CA GLN C 68 -41.91 2.15 -21.29
C GLN C 68 -43.24 1.41 -21.18
N ILE C 69 -43.99 1.66 -20.11
CA ILE C 69 -45.30 1.02 -19.95
C ILE C 69 -46.24 1.49 -21.04
N LEU C 70 -46.25 2.79 -21.33
CA LEU C 70 -47.13 3.32 -22.36
C LEU C 70 -46.70 2.87 -23.76
N ALA C 71 -45.39 2.71 -23.98
CA ALA C 71 -44.90 2.34 -25.31
C ALA C 71 -45.23 0.89 -25.64
N GLU C 72 -45.17 0.01 -24.64
CA GLU C 72 -45.41 -1.41 -24.86
C GLU C 72 -46.81 -1.86 -24.49
N HIS C 73 -47.53 -1.09 -23.69
CA HIS C 73 -48.91 -1.40 -23.31
C HIS C 73 -49.73 -0.12 -23.42
N PRO C 74 -50.05 0.32 -24.63
CA PRO C 74 -50.81 1.57 -24.79
C PRO C 74 -52.24 1.48 -24.28
N ASP C 75 -52.78 0.27 -24.12
CA ASP C 75 -54.13 0.10 -23.61
C ASP C 75 -54.22 0.29 -22.09
N ALA C 76 -53.12 0.08 -21.38
CA ALA C 76 -53.13 0.23 -19.93
C ALA C 76 -53.34 1.68 -19.54
N GLU C 77 -53.91 1.89 -18.35
CA GLU C 77 -54.17 3.21 -17.81
C GLU C 77 -53.18 3.48 -16.68
N VAL C 78 -52.41 4.56 -16.82
CA VAL C 78 -51.30 4.86 -15.93
C VAL C 78 -51.58 6.17 -15.22
N THR C 79 -51.54 6.13 -13.89
CA THR C 79 -51.65 7.32 -13.06
C THR C 79 -50.35 7.47 -12.27
N VAL C 80 -49.80 8.69 -12.27
CA VAL C 80 -48.55 8.97 -11.60
C VAL C 80 -48.75 10.12 -10.63
N TYR C 81 -48.28 9.94 -9.39
CA TYR C 81 -48.34 10.97 -8.37
C TYR C 81 -46.92 11.41 -8.04
N GLU C 82 -46.73 12.73 -7.91
CA GLU C 82 -45.42 13.29 -7.58
C GLU C 82 -45.61 14.53 -6.71
N ARG C 83 -44.96 14.52 -5.55
CA ARG C 83 -45.04 15.67 -4.64
C ARG C 83 -44.57 16.95 -5.32
N ASN C 84 -43.47 16.88 -6.06
CA ASN C 84 -42.93 18.06 -6.71
C ASN C 84 -43.81 18.46 -7.90
N ASP C 85 -43.53 19.66 -8.43
CA ASP C 85 -44.22 20.16 -9.60
C ASP C 85 -43.41 19.95 -10.87
N VAL C 86 -42.40 19.08 -10.84
CA VAL C 86 -41.48 18.90 -11.94
C VAL C 86 -40.94 17.48 -11.90
N ILE C 87 -40.45 16.99 -13.04
CA ILE C 87 -39.89 15.65 -13.14
C ILE C 87 -38.57 15.71 -13.91
N SER C 88 -37.83 14.60 -13.85
CA SER C 88 -36.63 14.36 -14.66
C SER C 88 -35.53 15.40 -14.39
N PHE C 89 -35.45 15.92 -13.17
CA PHE C 89 -34.39 16.86 -12.83
C PHE C 89 -33.10 16.11 -12.54
N LEU C 90 -32.01 16.56 -13.14
CA LEU C 90 -30.69 15.92 -12.97
C LEU C 90 -29.98 16.58 -11.80
N SER C 91 -29.96 15.90 -10.66
CA SER C 91 -29.29 16.45 -9.48
C SER C 91 -27.79 16.57 -9.67
N CYS C 92 -27.22 15.77 -10.59
CA CYS C 92 -25.78 15.84 -10.86
C CYS C 92 -25.37 17.21 -11.37
N GLY C 93 -26.30 17.99 -11.92
CA GLY C 93 -26.00 19.32 -12.41
C GLY C 93 -26.02 20.42 -11.39
N ILE C 94 -26.30 20.09 -10.12
CA ILE C 94 -26.33 21.11 -9.08
C ILE C 94 -24.93 21.66 -8.84
N ALA C 95 -23.98 20.77 -8.50
CA ALA C 95 -22.59 21.20 -8.36
C ALA C 95 -22.05 21.78 -9.66
N LEU C 96 -22.51 21.26 -10.79
CA LEU C 96 -22.09 21.82 -12.08
C LEU C 96 -22.56 23.26 -12.24
N TYR C 97 -23.78 23.56 -11.80
CA TYR C 97 -24.26 24.93 -11.85
C TYR C 97 -23.50 25.82 -10.87
N LEU C 98 -23.49 25.44 -9.60
CA LEU C 98 -22.83 26.25 -8.58
C LEU C 98 -21.35 26.45 -8.89
N GLY C 99 -20.75 25.52 -9.62
CA GLY C 99 -19.38 25.65 -10.07
C GLY C 99 -19.20 26.49 -11.32
N GLY C 100 -20.25 27.16 -11.79
CA GLY C 100 -20.17 28.00 -12.95
C GLY C 100 -19.96 27.23 -14.25
N LYS C 101 -20.75 26.18 -14.47
CA LYS C 101 -20.66 25.39 -15.69
C LYS C 101 -22.00 25.22 -16.41
N VAL C 102 -23.11 25.63 -15.82
CA VAL C 102 -24.43 25.48 -16.42
C VAL C 102 -24.99 26.87 -16.69
N ALA C 103 -25.05 27.26 -17.96
CA ALA C 103 -25.55 28.58 -18.32
C ALA C 103 -27.07 28.64 -18.23
N ASP C 104 -27.76 27.62 -18.72
CA ASP C 104 -29.22 27.58 -18.72
C ASP C 104 -29.70 26.45 -17.82
N PRO C 105 -30.34 26.75 -16.68
CA PRO C 105 -30.79 25.67 -15.79
C PRO C 105 -31.91 24.82 -16.35
N GLN C 106 -32.68 25.34 -17.31
CA GLN C 106 -33.77 24.56 -17.88
C GLN C 106 -33.27 23.31 -18.61
N GLY C 107 -32.01 23.31 -19.04
CA GLY C 107 -31.43 22.14 -19.66
C GLY C 107 -31.17 20.99 -18.71
N LEU C 108 -31.32 21.20 -17.40
CA LEU C 108 -31.15 20.14 -16.42
C LEU C 108 -32.35 19.20 -16.34
N PHE C 109 -33.36 19.40 -17.20
CA PHE C 109 -34.52 18.52 -17.29
C PHE C 109 -34.58 17.93 -18.69
N TYR C 110 -34.91 16.64 -18.78
CA TYR C 110 -35.03 15.98 -20.08
C TYR C 110 -36.45 15.51 -20.38
N SER C 111 -37.41 15.81 -19.52
CA SER C 111 -38.80 15.46 -19.75
C SER C 111 -39.68 16.48 -19.02
N SER C 112 -40.98 16.20 -18.96
CA SER C 112 -41.92 17.13 -18.37
C SER C 112 -43.22 16.38 -18.08
N PRO C 113 -44.02 16.86 -17.13
CA PRO C 113 -45.37 16.30 -16.96
C PRO C 113 -46.22 16.43 -18.21
N GLU C 114 -46.05 17.52 -18.97
CA GLU C 114 -46.79 17.69 -20.21
C GLU C 114 -46.47 16.58 -21.21
N GLU C 115 -45.19 16.18 -21.28
CA GLU C 115 -44.80 15.14 -22.22
C GLU C 115 -45.42 13.79 -21.83
N LEU C 116 -45.35 13.44 -20.54
CA LEU C 116 -45.93 12.18 -20.10
C LEU C 116 -47.45 12.18 -20.31
N GLN C 117 -48.09 13.33 -20.13
CA GLN C 117 -49.52 13.44 -20.42
C GLN C 117 -49.79 13.22 -21.91
N LYS C 118 -48.99 13.86 -22.77
CA LYS C 118 -49.15 13.69 -24.21
C LYS C 118 -49.00 12.23 -24.63
N LEU C 119 -48.20 11.46 -23.89
CA LEU C 119 -48.06 10.04 -24.17
C LEU C 119 -49.25 9.21 -23.69
N GLY C 120 -50.16 9.80 -22.92
CA GLY C 120 -51.37 9.11 -22.52
C GLY C 120 -51.43 8.70 -21.06
N ALA C 121 -50.75 9.46 -20.19
CA ALA C 121 -50.67 9.15 -18.78
C ALA C 121 -51.47 10.17 -17.97
N ASN C 122 -52.16 9.68 -16.94
CA ASN C 122 -52.86 10.53 -15.98
C ASN C 122 -51.82 11.09 -15.02
N VAL C 123 -51.42 12.34 -15.23
CA VAL C 123 -50.30 12.95 -14.52
C VAL C 123 -50.83 13.85 -13.43
N GLN C 124 -50.51 13.54 -12.18
CA GLN C 124 -50.97 14.28 -11.02
C GLN C 124 -49.76 14.86 -10.28
N MET C 125 -49.31 16.03 -10.71
CA MET C 125 -48.24 16.71 -10.01
C MET C 125 -48.78 17.38 -8.74
N ASN C 126 -47.86 17.65 -7.81
CA ASN C 126 -48.20 18.25 -6.53
C ASN C 126 -49.19 17.39 -5.75
N HIS C 127 -49.06 16.08 -5.89
CA HIS C 127 -49.87 15.12 -5.15
C HIS C 127 -48.96 14.30 -4.24
N ASN C 128 -49.47 13.94 -3.06
CA ASN C 128 -48.71 13.20 -2.06
C ASN C 128 -49.48 11.94 -1.70
N VAL C 129 -48.90 10.78 -2.00
CA VAL C 129 -49.49 9.51 -1.58
C VAL C 129 -49.38 9.38 -0.08
N LEU C 130 -50.51 9.13 0.58
CA LEU C 130 -50.55 9.01 2.03
C LEU C 130 -50.56 7.58 2.53
N ALA C 131 -51.09 6.64 1.75
CA ALA C 131 -51.16 5.25 2.20
C ALA C 131 -51.29 4.34 0.99
N ILE C 132 -50.86 3.10 1.17
CA ILE C 132 -50.99 2.05 0.16
C ILE C 132 -51.53 0.80 0.86
N ASP C 133 -52.69 0.33 0.43
CA ASP C 133 -53.31 -0.86 1.00
C ASP C 133 -53.13 -2.01 0.02
N PRO C 134 -52.18 -2.92 0.23
CA PRO C 134 -51.99 -4.02 -0.73
C PRO C 134 -53.09 -5.05 -0.68
N ASP C 135 -53.77 -5.20 0.46
CA ASP C 135 -54.88 -6.16 0.54
C ASP C 135 -56.06 -5.70 -0.31
N GLN C 136 -56.47 -4.45 -0.14
CA GLN C 136 -57.54 -3.88 -0.96
C GLN C 136 -57.05 -3.39 -2.32
N LYS C 137 -55.73 -3.41 -2.54
CA LYS C 137 -55.12 -2.90 -3.77
C LYS C 137 -55.61 -1.48 -4.09
N THR C 138 -55.50 -0.61 -3.09
CA THR C 138 -55.91 0.78 -3.21
C THR C 138 -54.74 1.68 -2.84
N VAL C 139 -54.91 2.97 -3.10
CA VAL C 139 -53.94 3.99 -2.75
C VAL C 139 -54.69 5.25 -2.35
N THR C 140 -54.22 5.91 -1.29
CA THR C 140 -54.82 7.13 -0.78
C THR C 140 -53.86 8.28 -1.03
N VAL C 141 -54.29 9.25 -1.83
CA VAL C 141 -53.43 10.34 -2.27
C VAL C 141 -54.03 11.68 -1.82
N GLU C 142 -53.15 12.63 -1.52
CA GLU C 142 -53.53 13.97 -1.10
C GLU C 142 -53.08 14.98 -2.15
N ASP C 143 -54.02 15.79 -2.62
CA ASP C 143 -53.71 16.91 -3.50
C ASP C 143 -53.12 18.03 -2.63
N LEU C 144 -51.81 18.26 -2.76
CA LEU C 144 -51.13 19.23 -1.91
C LEU C 144 -51.62 20.66 -2.12
N THR C 145 -52.37 20.94 -3.17
CA THR C 145 -52.86 22.30 -3.39
C THR C 145 -54.06 22.61 -2.50
N ASN C 146 -54.93 21.63 -2.24
CA ASN C 146 -56.13 21.84 -1.44
C ASN C 146 -56.37 20.77 -0.39
N HIS C 147 -55.37 19.92 -0.11
CA HIS C 147 -55.46 18.87 0.89
C HIS C 147 -56.53 17.82 0.55
N ALA C 148 -57.15 17.94 -0.62
CA ALA C 148 -58.20 17.01 -1.00
C ALA C 148 -57.65 15.60 -1.17
N GLN C 149 -58.36 14.63 -0.61
CA GLN C 149 -57.93 13.24 -0.63
C GLN C 149 -58.87 12.38 -1.46
N THR C 150 -58.32 11.42 -2.19
CA THR C 150 -59.07 10.41 -2.90
C THR C 150 -58.43 9.06 -2.68
N THR C 151 -59.21 8.01 -2.92
CA THR C 151 -58.73 6.64 -2.85
C THR C 151 -59.03 5.95 -4.18
N GLU C 152 -57.98 5.47 -4.84
CA GLU C 152 -58.11 4.86 -6.15
C GLU C 152 -57.59 3.43 -6.10
N SER C 153 -58.11 2.60 -6.99
CA SER C 153 -57.68 1.22 -7.11
C SER C 153 -56.54 1.09 -8.11
N TYR C 154 -55.82 -0.03 -8.03
CA TYR C 154 -54.76 -0.34 -8.96
C TYR C 154 -54.71 -1.85 -9.17
N ASP C 155 -54.19 -2.25 -10.33
CA ASP C 155 -53.84 -3.64 -10.57
C ASP C 155 -52.35 -3.90 -10.41
N LYS C 156 -51.52 -2.94 -10.80
CA LYS C 156 -50.08 -2.97 -10.56
C LYS C 156 -49.67 -1.63 -9.97
N LEU C 157 -48.73 -1.66 -9.02
CA LEU C 157 -48.20 -0.45 -8.42
C LEU C 157 -46.70 -0.41 -8.66
N VAL C 158 -46.19 0.75 -9.06
CA VAL C 158 -44.78 0.95 -9.33
C VAL C 158 -44.25 1.89 -8.28
N MET C 159 -43.40 1.38 -7.38
CA MET C 159 -42.85 2.16 -6.28
C MET C 159 -41.54 2.77 -6.75
N THR C 160 -41.61 3.99 -7.27
CA THR C 160 -40.43 4.75 -7.63
C THR C 160 -40.33 6.00 -6.77
N SER C 161 -40.41 5.80 -5.45
CA SER C 161 -40.46 6.91 -4.50
C SER C 161 -39.08 7.47 -4.17
N GLY C 162 -38.01 6.83 -4.62
CA GLY C 162 -36.68 7.41 -4.48
C GLY C 162 -36.18 7.41 -3.04
N SER C 163 -35.38 8.44 -2.74
CA SER C 163 -34.70 8.53 -1.45
C SER C 163 -34.83 9.96 -0.93
N TRP C 164 -34.28 10.19 0.27
CA TRP C 164 -34.26 11.49 0.90
C TRP C 164 -32.96 11.58 1.71
N PRO C 165 -32.34 12.75 1.78
CA PRO C 165 -31.07 12.86 2.51
C PRO C 165 -31.20 12.44 3.97
N ILE C 166 -30.10 11.93 4.50
CA ILE C 166 -30.05 11.50 5.90
C ILE C 166 -29.83 12.73 6.78
N VAL C 167 -30.74 12.97 7.72
CA VAL C 167 -30.63 14.09 8.63
C VAL C 167 -30.51 13.56 10.06
N PRO C 168 -29.32 13.61 10.66
CA PRO C 168 -29.14 13.05 12.00
C PRO C 168 -29.69 13.98 13.08
N LYS C 169 -29.99 13.38 14.23
CA LYS C 169 -30.53 14.12 15.37
C LYS C 169 -29.39 14.86 16.09
N ILE C 170 -28.90 15.89 15.42
CA ILE C 170 -27.83 16.74 15.93
C ILE C 170 -28.45 18.05 16.38
N PRO C 171 -28.11 18.55 17.57
CA PRO C 171 -28.74 19.79 18.06
C PRO C 171 -28.49 20.96 17.13
N GLY C 172 -29.57 21.64 16.75
CA GLY C 172 -29.47 22.82 15.92
C GLY C 172 -29.43 22.55 14.42
N ILE C 173 -29.64 21.31 13.98
CA ILE C 173 -29.55 20.99 12.56
C ILE C 173 -30.71 21.54 11.76
N ASP C 174 -31.77 22.00 12.42
CA ASP C 174 -32.88 22.65 11.75
C ASP C 174 -32.66 24.14 11.53
N SER C 175 -31.43 24.61 11.68
CA SER C 175 -31.12 26.01 11.42
C SER C 175 -31.36 26.34 9.95
N ASP C 176 -31.78 27.58 9.70
CA ASP C 176 -31.98 28.04 8.33
C ASP C 176 -30.68 28.12 7.54
N ARG C 177 -29.53 28.09 8.23
CA ARG C 177 -28.24 28.08 7.56
C ARG C 177 -27.75 26.69 7.23
N VAL C 178 -28.52 25.65 7.56
CA VAL C 178 -28.22 24.27 7.19
C VAL C 178 -29.18 23.88 6.06
N LYS C 179 -28.63 23.55 4.90
CA LYS C 179 -29.42 23.31 3.70
C LYS C 179 -29.18 21.90 3.18
N LEU C 180 -30.22 21.32 2.59
CA LEU C 180 -30.09 20.05 1.89
C LEU C 180 -29.71 20.29 0.44
N CYS C 181 -29.39 19.20 -0.26
CA CYS C 181 -28.97 19.29 -1.66
C CYS C 181 -29.37 18.00 -2.38
N LYS C 182 -30.61 17.99 -2.90
CA LYS C 182 -31.07 16.83 -3.65
C LYS C 182 -31.83 17.24 -4.91
N ASN C 183 -32.94 17.97 -4.75
CA ASN C 183 -33.87 18.20 -5.84
C ASN C 183 -33.79 19.64 -6.34
N TRP C 184 -34.69 19.97 -7.27
CA TRP C 184 -34.71 21.29 -7.89
C TRP C 184 -34.99 22.40 -6.88
N ALA C 185 -35.81 22.11 -5.87
CA ALA C 185 -36.06 23.11 -4.83
C ALA C 185 -34.79 23.42 -4.03
N HIS C 186 -34.06 22.37 -3.63
CA HIS C 186 -32.82 22.58 -2.90
C HIS C 186 -31.79 23.30 -3.75
N ALA C 187 -31.76 23.03 -5.06
CA ALA C 187 -30.80 23.69 -5.94
C ALA C 187 -31.07 25.17 -6.04
N GLN C 188 -32.33 25.56 -6.26
CA GLN C 188 -32.66 26.97 -6.40
C GLN C 188 -32.32 27.76 -5.15
N ALA C 189 -32.52 27.17 -3.97
CA ALA C 189 -32.16 27.84 -2.72
C ALA C 189 -30.65 28.05 -2.64
N LEU C 190 -29.87 27.03 -2.97
CA LEU C 190 -28.42 27.16 -2.94
C LEU C 190 -27.93 28.13 -4.02
N ILE C 191 -28.66 28.23 -5.13
CA ILE C 191 -28.29 29.19 -6.17
C ILE C 191 -28.32 30.61 -5.63
N GLU C 192 -29.38 30.95 -4.89
CA GLU C 192 -29.53 32.32 -4.38
C GLU C 192 -28.66 32.57 -3.16
N ASP C 193 -28.53 31.58 -2.27
CA ASP C 193 -27.82 31.80 -1.02
C ASP C 193 -26.31 31.85 -1.22
N ALA C 194 -25.79 31.18 -2.25
CA ALA C 194 -24.34 31.12 -2.46
C ALA C 194 -23.73 32.48 -2.77
N LYS C 195 -24.55 33.48 -3.07
CA LYS C 195 -24.03 34.81 -3.42
C LYS C 195 -23.53 35.55 -2.19
N GLU C 196 -24.23 35.44 -1.07
CA GLU C 196 -23.86 36.13 0.16
C GLU C 196 -23.02 35.27 1.10
N ALA C 197 -22.93 33.96 0.85
CA ALA C 197 -22.24 33.05 1.75
C ALA C 197 -20.79 32.90 1.29
N LYS C 198 -19.94 33.80 1.76
CA LYS C 198 -18.51 33.69 1.46
C LYS C 198 -17.92 32.41 2.05
N ARG C 199 -18.31 32.07 3.28
CA ARG C 199 -17.85 30.85 3.94
C ARG C 199 -18.91 29.77 3.80
N ILE C 200 -18.49 28.57 3.41
CA ILE C 200 -19.40 27.45 3.17
C ILE C 200 -18.76 26.19 3.72
N THR C 201 -19.54 25.40 4.45
CA THR C 201 -19.08 24.14 5.03
C THR C 201 -19.88 22.99 4.45
N VAL C 202 -19.19 22.00 3.89
CA VAL C 202 -19.81 20.78 3.40
C VAL C 202 -19.64 19.70 4.45
N ILE C 203 -20.73 19.04 4.81
CA ILE C 203 -20.75 18.02 5.85
C ILE C 203 -20.98 16.68 5.19
N GLY C 204 -19.94 15.86 5.09
CA GLY C 204 -20.00 14.59 4.39
C GLY C 204 -19.10 14.58 3.18
N ALA C 205 -18.05 13.77 3.22
CA ALA C 205 -17.02 13.75 2.19
C ALA C 205 -17.25 12.68 1.12
N GLY C 206 -18.51 12.34 0.87
CA GLY C 206 -18.84 11.50 -0.26
C GLY C 206 -18.66 12.25 -1.58
N TYR C 207 -19.03 11.57 -2.67
CA TYR C 207 -18.83 12.18 -3.98
C TYR C 207 -19.67 13.43 -4.15
N ILE C 208 -20.88 13.45 -3.57
CA ILE C 208 -21.71 14.65 -3.60
C ILE C 208 -21.04 15.77 -2.83
N GLY C 209 -20.61 15.49 -1.60
CA GLY C 209 -19.90 16.49 -0.83
C GLY C 209 -18.60 16.93 -1.49
N ALA C 210 -17.89 15.99 -2.11
CA ALA C 210 -16.66 16.33 -2.79
C ALA C 210 -16.90 17.27 -3.97
N GLU C 211 -17.95 17.02 -4.75
CA GLU C 211 -18.25 17.88 -5.88
C GLU C 211 -18.63 19.29 -5.43
N LEU C 212 -19.44 19.40 -4.39
CA LEU C 212 -19.85 20.72 -3.92
C LEU C 212 -18.67 21.50 -3.37
N ALA C 213 -17.81 20.86 -2.57
CA ALA C 213 -16.65 21.55 -2.03
C ALA C 213 -15.72 22.01 -3.14
N GLU C 214 -15.54 21.18 -4.18
CA GLU C 214 -14.70 21.58 -5.30
C GLU C 214 -15.34 22.70 -6.10
N ALA C 215 -16.67 22.69 -6.22
CA ALA C 215 -17.35 23.72 -7.00
C ALA C 215 -17.29 25.07 -6.30
N TYR C 216 -17.48 25.10 -4.98
CA TYR C 216 -17.43 26.36 -4.26
C TYR C 216 -16.01 26.89 -4.12
N SER C 217 -15.03 25.99 -3.98
CA SER C 217 -13.65 26.44 -3.84
C SER C 217 -13.14 27.13 -5.09
N THR C 218 -13.56 26.67 -6.26
CA THR C 218 -13.13 27.25 -7.53
C THR C 218 -13.89 28.52 -7.88
N THR C 219 -14.85 28.94 -7.07
CA THR C 219 -15.65 30.14 -7.34
C THR C 219 -15.51 31.17 -6.22
N GLY C 220 -14.37 31.20 -5.55
CA GLY C 220 -14.11 32.24 -4.57
C GLY C 220 -14.84 32.08 -3.25
N HIS C 221 -15.05 30.86 -2.79
CA HIS C 221 -15.64 30.59 -1.49
C HIS C 221 -14.60 30.00 -0.55
N ASP C 222 -14.73 30.33 0.73
CA ASP C 222 -13.95 29.69 1.78
C ASP C 222 -14.68 28.43 2.20
N VAL C 223 -14.09 27.27 1.89
CA VAL C 223 -14.76 25.98 1.99
C VAL C 223 -14.10 25.14 3.07
N THR C 224 -14.92 24.48 3.88
CA THR C 224 -14.47 23.51 4.86
C THR C 224 -15.24 22.22 4.64
N LEU C 225 -14.52 21.11 4.56
CA LEU C 225 -15.10 19.80 4.29
C LEU C 225 -14.98 18.95 5.55
N ILE C 226 -16.12 18.63 6.16
CA ILE C 226 -16.18 17.90 7.43
C ILE C 226 -16.78 16.52 7.18
N ASP C 227 -16.17 15.50 7.78
CA ASP C 227 -16.71 14.15 7.74
C ASP C 227 -16.08 13.36 8.88
N ALA C 228 -16.88 12.44 9.44
CA ALA C 228 -16.37 11.56 10.49
C ALA C 228 -15.45 10.47 9.94
N MET C 229 -15.51 10.20 8.64
CA MET C 229 -14.67 9.18 8.04
C MET C 229 -13.24 9.70 7.85
N ALA C 230 -12.31 8.77 7.65
CA ALA C 230 -10.90 9.12 7.58
C ALA C 230 -10.51 9.68 6.21
N ARG C 231 -11.15 9.21 5.14
CA ARG C 231 -10.78 9.60 3.79
C ARG C 231 -12.01 10.14 3.07
N VAL C 232 -11.74 10.93 2.03
CA VAL C 232 -12.80 11.39 1.14
C VAL C 232 -13.16 10.26 0.18
N MET C 233 -14.46 10.10 -0.05
CA MET C 233 -14.98 9.10 -0.99
C MET C 233 -14.36 7.72 -0.83
N PRO C 234 -14.37 7.14 0.38
CA PRO C 234 -13.75 5.82 0.55
C PRO C 234 -14.54 4.68 -0.08
N LYS C 235 -15.78 4.92 -0.51
CA LYS C 235 -16.56 3.89 -1.17
C LYS C 235 -16.25 3.76 -2.65
N TYR C 236 -15.57 4.74 -3.24
CA TYR C 236 -15.24 4.74 -4.65
C TYR C 236 -13.78 4.43 -4.94
N PHE C 237 -12.86 4.90 -4.10
CA PHE C 237 -11.43 4.81 -4.42
C PHE C 237 -10.65 4.39 -3.18
N ASP C 238 -9.49 3.78 -3.42
CA ASP C 238 -8.59 3.39 -2.34
C ASP C 238 -7.73 4.59 -1.93
N ALA C 239 -6.89 4.36 -0.91
CA ALA C 239 -6.14 5.45 -0.30
C ALA C 239 -5.15 6.09 -1.26
N ASP C 240 -4.56 5.31 -2.17
CA ASP C 240 -3.62 5.88 -3.14
C ASP C 240 -4.28 6.95 -3.99
N PHE C 241 -5.55 6.75 -4.34
CA PHE C 241 -6.28 7.74 -5.11
C PHE C 241 -6.72 8.92 -4.25
N THR C 242 -7.28 8.64 -3.07
CA THR C 242 -7.84 9.70 -2.24
C THR C 242 -6.75 10.57 -1.61
N ASP C 243 -5.55 10.02 -1.42
CA ASP C 243 -4.44 10.85 -0.95
C ASP C 243 -4.12 11.96 -1.94
N VAL C 244 -4.17 11.64 -3.24
CA VAL C 244 -3.95 12.66 -4.26
C VAL C 244 -5.10 13.66 -4.27
N ILE C 245 -6.34 13.17 -4.17
CA ILE C 245 -7.50 14.06 -4.20
C ILE C 245 -7.48 15.01 -3.01
N GLU C 246 -7.17 14.47 -1.82
CA GLU C 246 -7.15 15.32 -0.63
C GLU C 246 -6.04 16.36 -0.69
N GLN C 247 -4.93 16.05 -1.35
CA GLN C 247 -3.88 17.06 -1.53
C GLN C 247 -4.33 18.14 -2.50
N ASP C 248 -5.16 17.79 -3.48
CA ASP C 248 -5.72 18.80 -4.38
C ASP C 248 -6.61 19.78 -3.63
N TYR C 249 -7.44 19.28 -2.72
CA TYR C 249 -8.28 20.17 -1.92
C TYR C 249 -7.42 21.11 -1.07
N ARG C 250 -6.31 20.61 -0.55
CA ARG C 250 -5.43 21.45 0.24
C ARG C 250 -4.74 22.50 -0.63
N ASP C 251 -4.33 22.12 -1.85
CA ASP C 251 -3.72 23.07 -2.76
C ASP C 251 -4.67 24.16 -3.19
N HIS C 252 -5.98 23.93 -3.11
CA HIS C 252 -6.99 24.90 -3.49
C HIS C 252 -7.65 25.57 -2.29
N GLY C 253 -6.98 25.58 -1.14
CA GLY C 253 -7.47 26.32 0.01
C GLY C 253 -8.66 25.72 0.72
N VAL C 254 -9.00 24.46 0.45
CA VAL C 254 -10.09 23.80 1.16
C VAL C 254 -9.55 23.22 2.45
N GLN C 255 -10.22 23.52 3.56
CA GLN C 255 -9.86 22.97 4.86
C GLN C 255 -10.53 21.61 5.01
N LEU C 256 -9.74 20.56 5.15
CA LEU C 256 -10.25 19.20 5.32
C LEU C 256 -10.36 18.89 6.80
N ALA C 257 -11.58 18.72 7.28
CA ALA C 257 -11.84 18.35 8.67
C ALA C 257 -12.29 16.89 8.75
N LEU C 258 -11.39 16.01 8.31
CA LEU C 258 -11.68 14.59 8.30
C LEU C 258 -11.48 13.98 9.68
N GLY C 259 -12.23 12.91 9.94
CA GLY C 259 -12.17 12.26 11.24
C GLY C 259 -12.82 13.02 12.35
N GLU C 260 -13.67 14.00 12.04
CA GLU C 260 -14.34 14.83 13.03
C GLU C 260 -15.84 14.61 12.98
N THR C 261 -16.48 14.60 14.14
CA THR C 261 -17.92 14.39 14.26
C THR C 261 -18.57 15.69 14.70
N VAL C 262 -19.54 16.16 13.93
CA VAL C 262 -20.29 17.36 14.30
C VAL C 262 -21.12 17.06 15.55
N GLU C 263 -21.05 17.96 16.52
CA GLU C 263 -21.79 17.79 17.77
C GLU C 263 -22.98 18.72 17.93
N SER C 264 -22.94 19.91 17.32
CA SER C 264 -24.05 20.85 17.45
C SER C 264 -23.89 21.96 16.42
N PHE C 265 -25.02 22.54 16.02
CA PHE C 265 -25.06 23.76 15.23
C PHE C 265 -25.65 24.87 16.10
N THR C 266 -25.05 26.06 16.02
CA THR C 266 -25.46 27.19 16.83
C THR C 266 -25.55 28.44 15.97
N ASP C 267 -26.71 29.07 15.95
CA ASP C 267 -26.91 30.29 15.17
C ASP C 267 -26.42 31.51 15.96
N SER C 268 -25.87 32.48 15.23
CA SER C 268 -25.44 33.74 15.79
C SER C 268 -25.70 34.83 14.76
N ALA C 269 -25.39 36.07 15.15
CA ALA C 269 -25.51 37.20 14.23
C ALA C 269 -24.33 37.30 13.27
N THR C 270 -23.34 36.43 13.40
CA THR C 270 -22.19 36.40 12.50
C THR C 270 -22.19 35.16 11.61
N GLY C 271 -23.22 34.31 11.69
CA GLY C 271 -23.33 33.14 10.87
C GLY C 271 -23.60 31.91 11.72
N LEU C 272 -23.30 30.74 11.15
CA LEU C 272 -23.52 29.47 11.81
C LEU C 272 -22.21 28.98 12.44
N THR C 273 -22.31 28.48 13.66
CA THR C 273 -21.16 27.95 14.40
C THR C 273 -21.33 26.45 14.53
N ILE C 274 -20.37 25.69 13.97
CA ILE C 274 -20.39 24.24 13.97
C ILE C 274 -19.27 23.76 14.90
N LYS C 275 -19.63 22.98 15.91
CA LYS C 275 -18.65 22.43 16.84
C LYS C 275 -18.50 20.93 16.59
N THR C 276 -17.26 20.48 16.48
CA THR C 276 -16.92 19.06 16.39
C THR C 276 -16.17 18.65 17.64
N ASP C 277 -15.86 17.34 17.72
CA ASP C 277 -15.07 16.84 18.83
C ASP C 277 -13.61 17.25 18.77
N LYS C 278 -13.19 17.93 17.70
CA LYS C 278 -11.79 18.30 17.52
C LYS C 278 -11.57 19.77 17.21
N ASN C 279 -12.60 20.54 16.89
CA ASN C 279 -12.44 21.93 16.47
C ASN C 279 -13.80 22.61 16.50
N SER C 280 -13.82 23.87 16.08
CA SER C 280 -15.04 24.65 15.95
C SER C 280 -14.90 25.56 14.73
N TYR C 281 -15.97 25.68 13.95
CA TYR C 281 -15.93 26.41 12.70
C TYR C 281 -17.12 27.36 12.62
N GLU C 282 -16.86 28.58 12.13
CA GLU C 282 -17.89 29.56 11.85
C GLU C 282 -18.05 29.70 10.34
N THR C 283 -19.27 29.55 9.86
CA THR C 283 -19.55 29.57 8.43
C THR C 283 -20.87 30.27 8.18
N ASP C 284 -21.05 30.71 6.94
CA ASP C 284 -22.31 31.33 6.53
C ASP C 284 -23.35 30.30 6.10
N LEU C 285 -22.92 29.16 5.59
CA LEU C 285 -23.84 28.14 5.11
C LEU C 285 -23.23 26.77 5.36
N ALA C 286 -24.09 25.79 5.63
CA ALA C 286 -23.68 24.41 5.82
C ALA C 286 -24.60 23.51 5.01
N ILE C 287 -23.99 22.60 4.23
CA ILE C 287 -24.73 21.72 3.34
C ILE C 287 -24.53 20.29 3.82
N LEU C 288 -25.62 19.55 3.95
CA LEU C 288 -25.60 18.17 4.42
C LEU C 288 -25.44 17.22 3.24
N CYS C 289 -24.42 16.38 3.27
CA CYS C 289 -24.13 15.43 2.20
C CYS C 289 -23.58 14.13 2.82
N ILE C 290 -24.38 13.50 3.68
CA ILE C 290 -23.92 12.35 4.45
C ILE C 290 -24.62 11.06 4.03
N GLY C 291 -25.37 11.08 2.93
CA GLY C 291 -25.93 9.86 2.39
C GLY C 291 -27.40 9.99 2.12
N PHE C 292 -28.02 8.87 1.76
CA PHE C 292 -29.44 8.82 1.40
C PHE C 292 -30.10 7.63 2.06
N ARG C 293 -31.38 7.79 2.38
CA ARG C 293 -32.20 6.74 2.93
C ARG C 293 -33.41 6.53 2.03
N PRO C 294 -33.76 5.28 1.71
CA PRO C 294 -34.92 5.05 0.83
C PRO C 294 -36.20 5.65 1.41
N ASN C 295 -36.98 6.28 0.54
CA ASN C 295 -38.24 6.90 0.93
C ASN C 295 -39.38 5.91 0.70
N THR C 296 -39.41 4.88 1.55
CA THR C 296 -40.29 3.73 1.32
C THR C 296 -41.19 3.44 2.52
N ASP C 297 -41.46 4.41 3.39
CA ASP C 297 -42.27 4.15 4.57
C ASP C 297 -43.69 3.72 4.23
N LEU C 298 -44.18 4.05 3.03
CA LEU C 298 -45.53 3.67 2.64
C LEU C 298 -45.71 2.16 2.60
N LEU C 299 -44.64 1.41 2.35
CA LEU C 299 -44.71 -0.04 2.26
C LEU C 299 -43.96 -0.73 3.40
N LYS C 300 -43.58 0.00 4.44
CA LYS C 300 -42.85 -0.59 5.56
C LYS C 300 -43.74 -1.61 6.27
N GLY C 301 -43.24 -2.85 6.36
CA GLY C 301 -44.01 -3.93 6.92
C GLY C 301 -44.89 -4.67 5.93
N LYS C 302 -44.95 -4.21 4.68
CA LYS C 302 -45.81 -4.81 3.68
C LYS C 302 -45.05 -5.53 2.57
N VAL C 303 -43.83 -5.10 2.26
CA VAL C 303 -42.97 -5.79 1.32
C VAL C 303 -41.61 -5.98 1.97
N ASP C 304 -40.90 -7.04 1.55
CA ASP C 304 -39.59 -7.32 2.11
C ASP C 304 -38.62 -6.18 1.81
N MET C 305 -37.85 -5.78 2.81
CA MET C 305 -36.97 -4.63 2.70
C MET C 305 -35.59 -4.95 3.25
N ALA C 306 -34.59 -4.24 2.74
CA ALA C 306 -33.27 -4.24 3.33
C ALA C 306 -33.32 -3.52 4.68
N PRO C 307 -32.29 -3.68 5.51
CA PRO C 307 -32.29 -2.99 6.81
C PRO C 307 -32.45 -1.48 6.72
N ASN C 308 -32.01 -0.86 5.63
CA ASN C 308 -32.12 0.59 5.47
C ASN C 308 -33.45 1.01 4.85
N GLY C 309 -34.33 0.07 4.53
CA GLY C 309 -35.59 0.37 3.89
C GLY C 309 -35.62 0.17 2.39
N ALA C 310 -34.51 -0.26 1.79
CA ALA C 310 -34.50 -0.53 0.36
C ALA C 310 -35.37 -1.74 0.03
N ILE C 311 -36.21 -1.60 -0.99
CA ILE C 311 -37.12 -2.68 -1.38
C ILE C 311 -36.33 -3.75 -2.13
N ILE C 312 -36.49 -5.00 -1.70
CA ILE C 312 -35.83 -6.13 -2.33
C ILE C 312 -36.71 -6.64 -3.48
N THR C 313 -36.13 -6.76 -4.66
CA THR C 313 -36.85 -7.22 -5.84
C THR C 313 -36.23 -8.50 -6.37
N ASP C 314 -36.97 -9.17 -7.25
CA ASP C 314 -36.46 -10.32 -7.96
C ASP C 314 -35.71 -9.82 -9.21
N ASP C 315 -35.36 -10.73 -10.11
CA ASP C 315 -34.64 -10.33 -11.32
C ASP C 315 -35.51 -9.51 -12.27
N TYR C 316 -36.81 -9.39 -12.01
CA TYR C 316 -37.72 -8.68 -12.90
C TYR C 316 -38.34 -7.47 -12.22
N MET C 317 -37.74 -6.99 -11.13
CA MET C 317 -38.10 -5.75 -10.44
C MET C 317 -39.41 -5.85 -9.67
N ARG C 318 -39.86 -7.05 -9.34
CA ARG C 318 -41.04 -7.26 -8.52
C ARG C 318 -40.66 -7.47 -7.07
N SER C 319 -41.39 -6.83 -6.17
CA SER C 319 -41.15 -6.97 -4.74
C SER C 319 -41.65 -8.35 -4.28
N SER C 320 -41.64 -8.56 -2.96
CA SER C 320 -42.28 -9.75 -2.41
C SER C 320 -43.77 -9.77 -2.72
N ASN C 321 -44.37 -8.60 -2.95
CA ASN C 321 -45.73 -8.51 -3.48
C ASN C 321 -45.63 -8.49 -5.00
N PRO C 322 -46.03 -9.55 -5.71
CA PRO C 322 -45.79 -9.63 -7.16
C PRO C 322 -46.55 -8.59 -7.97
N ASP C 323 -47.40 -7.77 -7.36
CA ASP C 323 -48.09 -6.70 -8.09
C ASP C 323 -47.52 -5.33 -7.76
N ILE C 324 -46.46 -5.26 -6.96
CA ILE C 324 -45.81 -4.00 -6.61
C ILE C 324 -44.39 -4.04 -7.14
N PHE C 325 -44.07 -3.11 -8.03
CA PHE C 325 -42.73 -2.99 -8.62
C PHE C 325 -41.96 -1.88 -7.91
N ALA C 326 -40.62 -2.00 -7.94
CA ALA C 326 -39.75 -1.00 -7.35
C ALA C 326 -38.58 -0.77 -8.30
N ALA C 327 -38.12 0.49 -8.37
CA ALA C 327 -37.03 0.86 -9.25
C ALA C 327 -36.42 2.15 -8.75
N GLY C 328 -35.10 2.26 -8.87
CA GLY C 328 -34.40 3.47 -8.48
C GLY C 328 -34.00 3.51 -7.02
N ASP C 329 -33.92 4.72 -6.45
CA ASP C 329 -33.45 4.89 -5.08
C ASP C 329 -34.34 4.22 -4.04
N SER C 330 -35.54 3.80 -4.42
CA SER C 330 -36.41 3.12 -3.46
C SER C 330 -36.07 1.64 -3.31
N ALA C 331 -35.26 1.09 -4.20
CA ALA C 331 -35.03 -0.35 -4.25
C ALA C 331 -33.56 -0.66 -4.00
N ALA C 332 -33.30 -1.94 -3.73
CA ALA C 332 -31.96 -2.48 -3.67
C ALA C 332 -31.62 -3.13 -5.01
N VAL C 333 -30.33 -3.17 -5.33
CA VAL C 333 -29.86 -3.69 -6.61
C VAL C 333 -28.96 -4.89 -6.34
N HIS C 334 -28.92 -5.80 -7.32
CA HIS C 334 -27.99 -6.91 -7.28
C HIS C 334 -26.60 -6.41 -7.63
N TYR C 335 -25.64 -6.60 -6.72
CA TYR C 335 -24.27 -6.15 -6.90
C TYR C 335 -23.45 -7.33 -7.40
N ASN C 336 -23.13 -7.31 -8.70
CA ASN C 336 -22.43 -8.43 -9.31
C ASN C 336 -21.11 -8.79 -8.64
N PRO C 337 -20.22 -7.85 -8.27
CA PRO C 337 -18.93 -8.27 -7.70
C PRO C 337 -19.06 -9.09 -6.43
N THR C 338 -20.14 -8.93 -5.66
CA THR C 338 -20.37 -9.74 -4.48
C THR C 338 -21.57 -10.68 -4.63
N HIS C 339 -22.37 -10.52 -5.68
CA HIS C 339 -23.56 -11.35 -5.92
C HIS C 339 -24.52 -11.31 -4.73
N GLN C 340 -24.67 -10.13 -4.15
CA GLN C 340 -25.63 -9.90 -3.08
C GLN C 340 -26.33 -8.58 -3.32
N ASN C 341 -27.45 -8.38 -2.62
CA ASN C 341 -28.18 -7.13 -2.70
C ASN C 341 -27.46 -6.04 -1.93
N ALA C 342 -27.38 -4.85 -2.53
CA ALA C 342 -26.80 -3.68 -1.90
C ALA C 342 -27.64 -2.46 -2.24
N TYR C 343 -27.37 -1.36 -1.54
CA TYR C 343 -28.05 -0.10 -1.80
C TYR C 343 -27.06 0.84 -2.48
N ILE C 344 -27.30 1.11 -3.76
CA ILE C 344 -26.42 1.95 -4.56
C ILE C 344 -27.28 2.98 -5.28
N PRO C 345 -27.62 4.10 -4.65
CA PRO C 345 -28.53 5.06 -5.28
C PRO C 345 -27.87 5.89 -6.37
N LEU C 346 -27.93 5.40 -7.60
CA LEU C 346 -27.36 6.10 -8.75
C LEU C 346 -28.40 6.21 -9.85
N ALA C 347 -28.30 7.29 -10.63
CA ALA C 347 -29.20 7.50 -11.75
C ALA C 347 -29.13 6.35 -12.75
N THR C 348 -27.96 5.71 -12.87
CA THR C 348 -27.80 4.62 -13.81
C THR C 348 -28.75 3.47 -13.50
N ASN C 349 -28.91 3.15 -12.20
CA ASN C 349 -29.84 2.10 -11.81
C ASN C 349 -31.29 2.54 -12.02
N ALA C 350 -31.60 3.81 -11.72
CA ALA C 350 -32.97 4.27 -11.79
C ALA C 350 -33.52 4.20 -13.21
N VAL C 351 -32.73 4.61 -14.20
CA VAL C 351 -33.20 4.57 -15.58
C VAL C 351 -33.29 3.14 -16.08
N ARG C 352 -32.34 2.28 -15.65
CA ARG C 352 -32.35 0.89 -16.08
C ARG C 352 -33.51 0.13 -15.46
N GLN C 353 -33.68 0.23 -14.14
CA GLN C 353 -34.77 -0.48 -13.48
C GLN C 353 -36.13 0.09 -13.87
N GLY C 354 -36.20 1.38 -14.21
CA GLY C 354 -37.44 1.93 -14.73
C GLY C 354 -37.85 1.27 -16.03
N ILE C 355 -36.89 1.05 -16.94
CA ILE C 355 -37.19 0.38 -18.20
C ILE C 355 -37.68 -1.04 -17.93
N LEU C 356 -37.02 -1.75 -17.03
CA LEU C 356 -37.36 -3.15 -16.78
C LEU C 356 -38.74 -3.30 -16.17
N VAL C 357 -39.22 -2.30 -15.44
CA VAL C 357 -40.60 -2.34 -14.93
C VAL C 357 -41.58 -2.37 -16.08
N GLY C 358 -41.34 -1.55 -17.10
CA GLY C 358 -42.22 -1.54 -18.26
C GLY C 358 -42.18 -2.82 -19.06
N LYS C 359 -41.01 -3.48 -19.11
CA LYS C 359 -40.90 -4.71 -19.87
C LYS C 359 -41.49 -5.90 -19.12
N ASN C 360 -41.53 -5.84 -17.79
CA ASN C 360 -41.99 -6.94 -16.96
C ASN C 360 -43.30 -6.63 -16.23
N LEU C 361 -44.06 -5.65 -16.71
CA LEU C 361 -45.28 -5.26 -16.01
C LEU C 361 -46.32 -6.37 -16.01
N VAL C 362 -46.47 -7.06 -17.13
CA VAL C 362 -47.47 -8.11 -17.25
C VAL C 362 -46.89 -9.48 -16.89
N LYS C 363 -45.73 -9.81 -17.45
CA LYS C 363 -45.10 -11.10 -17.20
C LYS C 363 -43.59 -10.93 -17.32
N PRO C 364 -42.81 -11.80 -16.66
CA PRO C 364 -41.34 -11.67 -16.74
C PRO C 364 -40.85 -11.77 -18.18
N THR C 365 -40.11 -10.76 -18.60
CA THR C 365 -39.66 -10.67 -19.99
C THR C 365 -38.15 -10.49 -20.07
N VAL C 366 -37.61 -9.53 -19.33
CA VAL C 366 -36.19 -9.18 -19.41
C VAL C 366 -35.62 -9.19 -18.00
N LYS C 367 -34.57 -9.98 -17.80
CA LYS C 367 -33.91 -10.07 -16.50
C LYS C 367 -33.02 -8.87 -16.26
N TYR C 368 -32.83 -8.55 -14.97
CA TYR C 368 -31.90 -7.51 -14.57
C TYR C 368 -30.47 -8.07 -14.59
N MET C 369 -29.55 -7.28 -15.11
CA MET C 369 -28.16 -7.73 -15.27
C MET C 369 -27.30 -7.46 -14.05
N GLY C 370 -27.86 -6.86 -13.01
CA GLY C 370 -27.05 -6.43 -11.89
C GLY C 370 -26.35 -5.12 -12.20
N THR C 371 -25.47 -4.73 -11.30
CA THR C 371 -24.70 -3.50 -11.51
C THR C 371 -23.30 -3.68 -10.92
N GLN C 372 -22.38 -2.84 -11.39
CA GLN C 372 -21.03 -2.75 -10.86
C GLN C 372 -20.79 -1.46 -10.09
N SER C 373 -21.81 -0.61 -9.96
CA SER C 373 -21.70 0.69 -9.30
C SER C 373 -20.66 1.57 -9.98
N SER C 374 -20.58 1.48 -11.31
CA SER C 374 -19.64 2.26 -12.08
C SER C 374 -19.86 3.75 -11.86
N SER C 375 -18.78 4.47 -11.55
CA SER C 375 -18.88 5.89 -11.22
C SER C 375 -17.71 6.64 -11.84
N GLY C 376 -17.85 7.96 -11.90
CA GLY C 376 -16.81 8.82 -12.41
C GLY C 376 -17.05 10.24 -11.99
N LEU C 377 -15.98 11.01 -11.86
CA LEU C 377 -16.07 12.40 -11.44
C LEU C 377 -14.99 13.22 -12.14
N ALA C 378 -15.14 14.54 -12.04
CA ALA C 378 -14.15 15.50 -12.51
C ALA C 378 -13.92 16.50 -11.38
N LEU C 379 -12.75 16.40 -10.74
CA LEU C 379 -12.38 17.27 -9.63
C LEU C 379 -11.02 17.88 -9.92
N TYR C 380 -10.97 19.21 -10.01
CA TYR C 380 -9.73 19.95 -10.24
C TYR C 380 -8.99 19.41 -11.47
N ASP C 381 -9.72 19.36 -12.59
CA ASP C 381 -9.22 18.94 -13.91
C ASP C 381 -8.79 17.48 -13.95
N ARG C 382 -9.03 16.71 -12.89
CA ARG C 382 -8.70 15.29 -12.86
C ARG C 382 -9.94 14.47 -13.15
N THR C 383 -9.82 13.49 -14.05
CA THR C 383 -10.85 12.49 -14.26
C THR C 383 -10.58 11.31 -13.34
N ILE C 384 -11.55 11.00 -12.48
CA ILE C 384 -11.41 9.95 -11.48
C ILE C 384 -12.62 9.03 -11.63
N VAL C 385 -12.38 7.80 -12.09
CA VAL C 385 -13.46 6.85 -12.36
C VAL C 385 -13.12 5.53 -11.68
N SER C 386 -14.15 4.71 -11.49
CA SER C 386 -13.98 3.42 -10.84
C SER C 386 -15.19 2.56 -11.14
N THR C 387 -15.06 1.26 -10.85
CA THR C 387 -16.14 0.31 -11.00
C THR C 387 -15.83 -0.90 -10.12
N GLY C 388 -16.89 -1.57 -9.68
CA GLY C 388 -16.69 -2.73 -8.83
C GLY C 388 -16.16 -2.38 -7.46
N LEU C 389 -15.46 -3.33 -6.85
CA LEU C 389 -15.00 -3.21 -5.47
C LEU C 389 -13.61 -2.60 -5.40
N THR C 390 -13.42 -1.72 -4.41
CA THR C 390 -12.09 -1.37 -3.98
C THR C 390 -11.49 -2.52 -3.16
N LEU C 391 -10.19 -2.47 -2.94
CA LEU C 391 -9.57 -3.47 -2.08
C LEU C 391 -10.09 -3.35 -0.65
N ALA C 392 -10.25 -2.12 -0.17
CA ALA C 392 -10.75 -1.91 1.18
C ALA C 392 -12.13 -2.53 1.36
N ALA C 393 -13.04 -2.27 0.42
CA ALA C 393 -14.39 -2.83 0.52
C ALA C 393 -14.39 -4.34 0.34
N ALA C 394 -13.50 -4.87 -0.50
CA ALA C 394 -13.46 -6.31 -0.72
C ALA C 394 -13.00 -7.05 0.53
N LYS C 395 -11.94 -6.57 1.17
CA LYS C 395 -11.49 -7.20 2.41
C LYS C 395 -12.48 -6.95 3.54
N GLN C 396 -13.07 -5.75 3.59
CA GLN C 396 -14.06 -5.43 4.61
C GLN C 396 -15.26 -6.35 4.59
N GLN C 397 -15.46 -7.08 3.49
CA GLN C 397 -16.58 -8.02 3.36
C GLN C 397 -16.09 -9.46 3.24
N GLY C 398 -14.86 -9.73 3.65
CA GLY C 398 -14.38 -11.11 3.72
C GLY C 398 -14.18 -11.80 2.39
N LEU C 399 -13.82 -11.06 1.35
CA LEU C 399 -13.52 -11.64 0.05
C LEU C 399 -12.02 -11.81 -0.10
N ASN C 400 -11.61 -12.92 -0.73
CA ASN C 400 -10.22 -13.13 -1.07
C ASN C 400 -9.84 -12.17 -2.19
N ALA C 401 -9.05 -11.14 -1.87
CA ALA C 401 -8.80 -10.07 -2.82
C ALA C 401 -7.39 -9.53 -2.66
N GLU C 402 -6.75 -9.21 -3.78
CA GLU C 402 -5.49 -8.49 -3.81
C GLU C 402 -5.60 -7.35 -4.81
N GLN C 403 -4.63 -6.44 -4.76
CA GLN C 403 -4.68 -5.21 -5.54
C GLN C 403 -3.32 -4.93 -6.15
N VAL C 404 -3.33 -4.38 -7.35
CA VAL C 404 -2.12 -3.85 -7.97
C VAL C 404 -2.36 -2.37 -8.28
N ILE C 405 -1.29 -1.58 -8.17
CA ILE C 405 -1.32 -0.16 -8.49
C ILE C 405 -0.28 0.10 -9.56
N VAL C 406 -0.68 0.72 -10.66
CA VAL C 406 0.18 0.99 -11.79
C VAL C 406 0.05 2.45 -12.18
N GLU C 407 1.18 3.12 -12.39
CA GLU C 407 1.22 4.46 -12.95
C GLU C 407 2.03 4.44 -14.23
N ASP C 408 1.46 5.01 -15.30
CA ASP C 408 2.11 4.99 -16.60
C ASP C 408 1.52 6.12 -17.44
N ASN C 409 2.33 6.64 -18.36
CA ASN C 409 1.81 7.57 -19.34
C ASN C 409 0.85 6.83 -20.26
N TYR C 410 -0.32 7.43 -20.50
CA TYR C 410 -1.36 6.69 -21.22
C TYR C 410 -1.04 6.49 -22.69
N ARG C 411 -0.17 7.31 -23.26
CA ARG C 411 0.25 7.15 -24.65
C ARG C 411 1.73 7.48 -24.74
N PRO C 412 2.41 7.03 -25.81
CA PRO C 412 3.88 7.12 -25.86
C PRO C 412 4.40 8.54 -25.70
N GLU C 413 5.61 8.64 -25.15
CA GLU C 413 6.21 9.93 -24.81
C GLU C 413 6.70 10.71 -26.02
N PHE C 414 6.88 10.06 -27.18
CA PHE C 414 7.33 10.79 -28.36
C PHE C 414 6.22 11.64 -28.98
N MET C 415 4.97 11.43 -28.58
CA MET C 415 3.88 12.27 -29.04
C MET C 415 4.09 13.71 -28.56
N PRO C 416 3.40 14.67 -29.17
CA PRO C 416 3.54 16.07 -28.71
C PRO C 416 3.20 16.24 -27.24
N SER C 417 2.34 15.39 -26.68
CA SER C 417 2.02 15.45 -25.27
C SER C 417 1.54 14.07 -24.81
N THR C 418 1.63 13.86 -23.50
CA THR C 418 1.12 12.65 -22.87
C THR C 418 0.75 12.99 -21.43
N GLU C 419 0.08 12.05 -20.78
CA GLU C 419 -0.39 12.29 -19.41
C GLU C 419 -0.28 11.01 -18.59
N PRO C 420 0.15 11.11 -17.33
CA PRO C 420 0.17 9.92 -16.47
C PRO C 420 -1.25 9.53 -16.08
N VAL C 421 -1.49 8.23 -16.05
CA VAL C 421 -2.75 7.67 -15.54
C VAL C 421 -2.41 6.74 -14.39
N LEU C 422 -3.02 7.00 -13.24
CA LEU C 422 -2.87 6.13 -12.07
C LEU C 422 -3.99 5.09 -12.11
N MET C 423 -3.61 3.82 -12.11
CA MET C 423 -4.55 2.73 -12.30
C MET C 423 -4.52 1.77 -11.12
N SER C 424 -5.69 1.20 -10.83
CA SER C 424 -5.85 0.20 -9.78
C SER C 424 -6.68 -0.96 -10.33
N LEU C 425 -6.34 -2.17 -9.91
CA LEU C 425 -7.09 -3.36 -10.30
C LEU C 425 -7.20 -4.27 -9.09
N VAL C 426 -8.44 -4.60 -8.70
CA VAL C 426 -8.71 -5.48 -7.57
C VAL C 426 -9.17 -6.82 -8.13
N PHE C 427 -8.61 -7.90 -7.62
CA PHE C 427 -8.86 -9.22 -8.19
C PHE C 427 -8.73 -10.29 -7.13
N ASP C 428 -9.42 -11.40 -7.34
CA ASP C 428 -9.20 -12.60 -6.54
C ASP C 428 -7.89 -13.23 -6.94
N PRO C 429 -6.97 -13.48 -6.00
CA PRO C 429 -5.66 -14.04 -6.39
C PRO C 429 -5.70 -15.51 -6.76
N ASP C 430 -6.73 -16.24 -6.35
CA ASP C 430 -6.81 -17.68 -6.63
C ASP C 430 -7.61 -18.00 -7.89
N THR C 431 -8.79 -17.40 -8.05
CA THR C 431 -9.58 -17.59 -9.26
C THR C 431 -9.21 -16.61 -10.37
N HIS C 432 -8.46 -15.56 -10.04
CA HIS C 432 -8.02 -14.50 -10.96
C HIS C 432 -9.18 -13.64 -11.46
N ARG C 433 -10.38 -13.78 -10.87
CA ARG C 433 -11.51 -12.97 -11.30
C ARG C 433 -11.30 -11.51 -10.96
N ILE C 434 -11.64 -10.63 -11.89
CA ILE C 434 -11.57 -9.19 -11.64
C ILE C 434 -12.72 -8.78 -10.74
N LEU C 435 -12.39 -8.08 -9.65
CA LEU C 435 -13.40 -7.63 -8.69
C LEU C 435 -13.70 -6.14 -8.79
N GLY C 436 -12.76 -5.35 -9.30
CA GLY C 436 -12.98 -3.92 -9.43
C GLY C 436 -11.74 -3.25 -9.97
N GLY C 437 -11.91 -1.98 -10.32
CA GLY C 437 -10.80 -1.20 -10.85
C GLY C 437 -11.12 0.28 -10.82
N ALA C 438 -10.08 1.08 -10.99
CA ALA C 438 -10.21 2.53 -11.00
C ALA C 438 -9.08 3.13 -11.80
N LEU C 439 -9.34 4.31 -12.36
CA LEU C 439 -8.34 5.05 -13.14
C LEU C 439 -8.44 6.53 -12.83
N MET C 440 -7.30 7.19 -12.72
CA MET C 440 -7.25 8.62 -12.47
C MET C 440 -6.19 9.25 -13.36
N SER C 441 -6.57 10.33 -14.05
CA SER C 441 -5.68 11.01 -14.98
C SER C 441 -6.31 12.33 -15.37
N LYS C 442 -5.45 13.27 -15.79
CA LYS C 442 -5.97 14.51 -16.36
C LYS C 442 -6.54 14.28 -17.75
N TYR C 443 -6.06 13.24 -18.44
CA TYR C 443 -6.67 12.79 -19.67
C TYR C 443 -7.94 12.01 -19.35
N ASP C 444 -8.98 12.23 -20.15
CA ASP C 444 -10.31 11.66 -19.88
C ASP C 444 -10.27 10.15 -20.08
N VAL C 445 -10.11 9.42 -18.97
CA VAL C 445 -10.07 7.96 -19.00
C VAL C 445 -11.41 7.35 -18.58
N SER C 446 -12.49 8.13 -18.63
CA SER C 446 -13.76 7.67 -18.10
C SER C 446 -14.26 6.42 -18.82
N GLN C 447 -14.07 6.35 -20.14
CA GLN C 447 -14.55 5.21 -20.91
C GLN C 447 -13.90 3.90 -20.48
N SER C 448 -12.70 3.95 -19.90
CA SER C 448 -12.03 2.72 -19.49
C SER C 448 -12.76 2.04 -18.34
N ALA C 449 -13.45 2.80 -17.50
CA ALA C 449 -14.23 2.19 -16.42
C ALA C 449 -15.40 1.38 -16.96
N ASN C 450 -16.00 1.81 -18.06
CA ASN C 450 -17.06 1.03 -18.69
C ASN C 450 -16.50 -0.27 -19.27
N THR C 451 -15.28 -0.23 -19.80
CA THR C 451 -14.63 -1.45 -20.26
C THR C 451 -14.43 -2.43 -19.11
N LEU C 452 -13.99 -1.92 -17.95
CA LEU C 452 -13.83 -2.79 -16.79
C LEU C 452 -15.17 -3.33 -16.32
N SER C 453 -16.23 -2.52 -16.42
CA SER C 453 -17.56 -2.99 -16.04
C SER C 453 -17.99 -4.17 -16.90
N VAL C 454 -17.75 -4.10 -18.21
CA VAL C 454 -18.10 -5.20 -19.09
C VAL C 454 -17.28 -6.44 -18.75
N CYS C 455 -16.02 -6.26 -18.36
CA CYS C 455 -15.20 -7.39 -17.91
C CYS C 455 -15.81 -8.04 -16.68
N ILE C 456 -16.20 -7.23 -15.69
CA ILE C 456 -16.80 -7.75 -14.47
C ILE C 456 -18.15 -8.39 -14.77
N GLN C 457 -18.93 -7.79 -15.67
CA GLN C 457 -20.21 -8.36 -16.06
C GLN C 457 -20.06 -9.74 -16.65
N ASN C 458 -18.96 -9.99 -17.37
CA ASN C 458 -18.71 -11.27 -18.02
C ASN C 458 -17.81 -12.20 -17.20
N GLU C 459 -17.57 -11.87 -15.92
CA GLU C 459 -16.77 -12.71 -15.02
C GLU C 459 -15.35 -12.93 -15.55
N ASN C 460 -14.79 -11.93 -16.24
CA ASN C 460 -13.47 -12.10 -16.83
C ASN C 460 -12.39 -12.10 -15.76
N THR C 461 -11.23 -12.63 -16.14
CA THR C 461 -10.07 -12.72 -15.26
C THR C 461 -9.02 -11.70 -15.65
N ILE C 462 -8.01 -11.56 -14.79
CA ILE C 462 -6.88 -10.68 -15.12
C ILE C 462 -6.12 -11.23 -16.32
N ASP C 463 -6.18 -12.54 -16.53
CA ASP C 463 -5.54 -13.14 -17.71
C ASP C 463 -6.30 -12.79 -18.98
N ASP C 464 -7.61 -12.60 -18.89
CA ASP C 464 -8.38 -12.15 -20.04
C ASP C 464 -8.04 -10.71 -20.39
N LEU C 465 -8.01 -9.82 -19.39
CA LEU C 465 -7.78 -8.41 -19.65
C LEU C 465 -6.35 -8.14 -20.08
N ALA C 466 -5.39 -8.97 -19.64
CA ALA C 466 -4.00 -8.75 -19.97
C ALA C 466 -3.70 -8.95 -21.44
N MET C 467 -4.55 -9.70 -22.16
CA MET C 467 -4.26 -10.05 -23.55
C MET C 467 -5.42 -9.80 -24.51
N VAL C 468 -6.59 -9.38 -24.02
CA VAL C 468 -7.72 -9.18 -24.91
C VAL C 468 -7.39 -8.09 -25.92
N ASP C 469 -7.83 -8.29 -27.17
CA ASP C 469 -7.51 -7.36 -28.25
C ASP C 469 -8.01 -5.96 -27.93
N MET C 470 -7.09 -5.00 -27.94
CA MET C 470 -7.43 -3.59 -27.84
C MET C 470 -6.60 -2.82 -28.86
N LEU C 471 -7.18 -1.76 -29.41
CA LEU C 471 -6.55 -1.04 -30.50
C LEU C 471 -5.23 -0.42 -30.05
N PHE C 472 -4.35 -0.18 -31.02
CA PHE C 472 -3.13 0.58 -30.80
C PHE C 472 -3.00 1.66 -31.85
N GLN C 473 -2.82 2.88 -31.40
CA GLN C 473 -2.42 4.02 -32.20
C GLN C 473 -1.82 5.05 -31.26
N PRO C 474 -0.64 5.59 -31.56
CA PRO C 474 0.05 6.46 -30.58
C PRO C 474 -0.77 7.65 -30.11
N ASN C 475 -1.79 8.06 -30.87
CA ASN C 475 -2.68 9.11 -30.40
C ASN C 475 -3.49 8.68 -29.17
N PHE C 476 -3.59 7.38 -28.92
CA PHE C 476 -4.50 6.88 -27.91
C PHE C 476 -3.85 6.01 -26.84
N ASP C 477 -2.82 5.23 -27.16
CA ASP C 477 -2.23 4.33 -26.18
C ASP C 477 -0.91 3.79 -26.72
N ARG C 478 -0.27 2.95 -25.90
CA ARG C 478 0.91 2.20 -26.31
C ARG C 478 0.48 0.95 -27.08
N PRO C 479 1.42 0.19 -27.64
CA PRO C 479 1.04 -1.06 -28.31
C PRO C 479 0.13 -1.95 -27.47
N PHE C 480 0.37 -2.03 -26.17
CA PHE C 480 -0.58 -2.58 -25.23
C PHE C 480 -1.34 -1.44 -24.58
N ASN C 481 -2.67 -1.51 -24.60
CA ASN C 481 -3.47 -0.50 -23.92
C ASN C 481 -3.17 -0.52 -22.43
N TYR C 482 -3.31 0.65 -21.79
CA TYR C 482 -2.99 0.74 -20.37
C TYR C 482 -3.82 -0.24 -19.54
N LEU C 483 -5.02 -0.60 -20.00
CA LEU C 483 -5.78 -1.63 -19.31
C LEU C 483 -5.14 -3.01 -19.47
N ASN C 484 -4.53 -3.27 -20.63
CA ASN C 484 -3.74 -4.49 -20.78
C ASN C 484 -2.55 -4.47 -19.83
N ILE C 485 -1.82 -3.35 -19.80
CA ILE C 485 -0.66 -3.23 -18.93
C ILE C 485 -1.05 -3.40 -17.48
N LEU C 486 -2.20 -2.86 -17.10
CA LEU C 486 -2.67 -2.98 -15.72
C LEU C 486 -2.86 -4.44 -15.32
N ALA C 487 -3.59 -5.21 -16.14
CA ALA C 487 -3.81 -6.61 -15.82
C ALA C 487 -2.53 -7.42 -15.92
N GLN C 488 -1.60 -7.04 -16.80
CA GLN C 488 -0.33 -7.74 -16.87
C GLN C 488 0.49 -7.56 -15.60
N ALA C 489 0.35 -6.41 -14.93
CA ALA C 489 1.01 -6.22 -13.65
C ALA C 489 0.36 -7.10 -12.57
N ALA C 490 -0.96 -7.26 -12.63
CA ALA C 490 -1.63 -8.20 -11.73
C ALA C 490 -1.14 -9.63 -11.95
N GLN C 491 -0.88 -9.98 -13.21
CA GLN C 491 -0.29 -11.28 -13.51
C GLN C 491 1.09 -11.42 -12.88
N ALA C 492 1.90 -10.36 -12.96
CA ALA C 492 3.23 -10.41 -12.36
C ALA C 492 3.16 -10.51 -10.84
N LYS C 493 2.16 -9.87 -10.23
CA LYS C 493 2.00 -9.97 -8.78
C LYS C 493 1.57 -11.37 -8.37
N VAL C 494 0.68 -11.98 -9.15
CA VAL C 494 0.26 -13.36 -8.85
C VAL C 494 1.42 -14.33 -9.03
N ALA C 495 2.22 -14.15 -10.09
CA ALA C 495 3.31 -15.07 -10.37
C ALA C 495 4.42 -14.94 -9.33
N GLN C 496 4.70 -13.71 -8.87
CA GLN C 496 5.77 -13.52 -7.90
C GLN C 496 5.45 -14.17 -6.56
N SER C 497 4.17 -14.33 -6.23
CA SER C 497 3.79 -14.97 -4.98
C SER C 497 3.78 -16.48 -5.06
N VAL C 498 3.66 -17.04 -6.27
CA VAL C 498 3.65 -18.50 -6.44
C VAL C 498 4.93 -19.12 -5.88
N ASN C 499 6.02 -18.36 -5.87
CA ASN C 499 7.27 -18.82 -5.28
C ASN C 499 7.36 -18.38 -3.82
N SER D 50 21.52 -27.51 -23.86
CA SER D 50 20.31 -26.73 -23.57
C SER D 50 19.52 -26.47 -24.85
N MET D 51 18.29 -25.96 -24.70
CA MET D 51 17.41 -25.78 -25.85
C MET D 51 17.88 -24.59 -26.69
N LYS D 52 18.16 -24.85 -27.97
CA LYS D 52 18.58 -23.82 -28.90
C LYS D 52 17.37 -23.26 -29.64
N VAL D 53 17.19 -21.95 -29.59
CA VAL D 53 16.07 -21.27 -30.23
C VAL D 53 16.61 -20.31 -31.26
N THR D 54 16.15 -20.45 -32.50
CA THR D 54 16.49 -19.54 -33.59
C THR D 54 15.28 -18.68 -33.90
N VAL D 55 15.45 -17.37 -33.76
CA VAL D 55 14.40 -16.39 -34.08
C VAL D 55 14.79 -15.70 -35.39
N VAL D 56 13.92 -15.81 -36.38
CA VAL D 56 14.16 -15.22 -37.70
C VAL D 56 13.35 -13.93 -37.79
N GLY D 57 14.05 -12.80 -37.77
CA GLY D 57 13.40 -11.51 -37.85
C GLY D 57 13.09 -10.92 -36.48
N CYS D 58 13.30 -9.62 -36.31
CA CYS D 58 13.13 -9.02 -34.98
C CYS D 58 12.75 -7.55 -35.17
N THR D 59 11.44 -7.28 -35.16
CA THR D 59 10.94 -5.91 -35.05
C THR D 59 10.04 -5.78 -33.83
N HIS D 60 8.88 -6.42 -33.82
CA HIS D 60 8.00 -6.41 -32.66
C HIS D 60 7.69 -7.80 -32.15
N ALA D 61 7.24 -8.70 -33.03
CA ALA D 61 6.94 -10.06 -32.60
C ALA D 61 8.20 -10.78 -32.13
N GLY D 62 9.33 -10.52 -32.78
CA GLY D 62 10.57 -11.14 -32.34
C GLY D 62 11.09 -10.56 -31.04
N THR D 63 10.94 -9.25 -30.85
CA THR D 63 11.40 -8.61 -29.63
C THR D 63 10.65 -9.14 -28.41
N PHE D 64 9.32 -9.22 -28.51
CA PHE D 64 8.53 -9.72 -27.39
C PHE D 64 8.75 -11.22 -27.19
N ALA D 65 8.96 -11.97 -28.28
CA ALA D 65 9.20 -13.40 -28.13
C ALA D 65 10.52 -13.67 -27.42
N ILE D 66 11.56 -12.90 -27.75
CA ILE D 66 12.86 -13.11 -27.15
C ILE D 66 12.84 -12.76 -25.67
N LYS D 67 12.26 -11.60 -25.32
CA LYS D 67 12.18 -11.21 -23.92
C LYS D 67 11.37 -12.21 -23.11
N GLN D 68 10.34 -12.81 -23.72
CA GLN D 68 9.53 -13.78 -23.00
C GLN D 68 10.27 -15.10 -22.82
N ILE D 69 10.96 -15.56 -23.86
CA ILE D 69 11.70 -16.82 -23.78
C ILE D 69 12.79 -16.73 -22.72
N LEU D 70 13.57 -15.64 -22.75
CA LEU D 70 14.65 -15.48 -21.78
C LEU D 70 14.13 -15.35 -20.36
N ALA D 71 12.95 -14.75 -20.18
CA ALA D 71 12.43 -14.56 -18.83
C ALA D 71 11.96 -15.87 -18.21
N GLU D 72 11.30 -16.71 -19.00
CA GLU D 72 10.71 -17.95 -18.51
C GLU D 72 11.51 -19.20 -18.87
N HIS D 73 12.58 -19.05 -19.65
CA HIS D 73 13.49 -20.16 -19.96
C HIS D 73 14.90 -19.61 -20.01
N PRO D 74 15.48 -19.26 -18.85
CA PRO D 74 16.83 -18.66 -18.85
C PRO D 74 17.91 -19.59 -19.35
N ASP D 75 17.65 -20.90 -19.43
CA ASP D 75 18.64 -21.85 -19.90
C ASP D 75 18.63 -22.02 -21.41
N ALA D 76 17.73 -21.35 -22.12
CA ALA D 76 17.63 -21.50 -23.57
C ALA D 76 18.67 -20.65 -24.28
N GLU D 77 19.31 -21.23 -25.29
CA GLU D 77 20.25 -20.51 -26.14
C GLU D 77 19.49 -19.86 -27.28
N VAL D 78 19.33 -18.55 -27.23
CA VAL D 78 18.51 -17.81 -28.19
C VAL D 78 19.42 -17.10 -29.17
N THR D 79 19.23 -17.38 -30.45
CA THR D 79 19.92 -16.68 -31.54
C THR D 79 18.88 -16.01 -32.42
N VAL D 80 19.05 -14.71 -32.65
CA VAL D 80 18.11 -13.92 -33.44
C VAL D 80 18.85 -13.31 -34.63
N TYR D 81 18.23 -13.36 -35.80
CA TYR D 81 18.78 -12.79 -37.02
C TYR D 81 17.85 -11.71 -37.54
N GLU D 82 18.40 -10.54 -37.85
CA GLU D 82 17.63 -9.43 -38.40
C GLU D 82 18.41 -8.79 -39.52
N ARG D 83 17.74 -8.55 -40.66
CA ARG D 83 18.39 -7.91 -41.79
C ARG D 83 18.82 -6.48 -41.47
N ASN D 84 17.98 -5.75 -40.75
CA ASN D 84 18.27 -4.37 -40.41
C ASN D 84 19.32 -4.30 -39.29
N ASP D 85 19.68 -3.09 -38.90
CA ASP D 85 20.56 -2.87 -37.76
C ASP D 85 19.81 -2.28 -36.56
N VAL D 86 18.49 -2.18 -36.64
CA VAL D 86 17.66 -1.68 -35.55
C VAL D 86 16.50 -2.63 -35.33
N ILE D 87 15.90 -2.56 -34.14
CA ILE D 87 14.72 -3.32 -33.80
C ILE D 87 13.72 -2.40 -33.10
N SER D 88 12.49 -2.88 -33.00
CA SER D 88 11.42 -2.24 -32.23
C SER D 88 11.02 -0.88 -32.79
N PHE D 89 11.23 -0.65 -34.09
CA PHE D 89 10.81 0.61 -34.68
C PHE D 89 9.29 0.64 -34.80
N LEU D 90 8.70 1.75 -34.38
CA LEU D 90 7.25 1.94 -34.44
C LEU D 90 6.91 2.63 -35.75
N SER D 91 6.50 1.84 -36.75
CA SER D 91 6.14 2.40 -38.05
C SER D 91 4.92 3.31 -37.96
N CYS D 92 4.08 3.14 -36.92
CA CYS D 92 2.95 4.04 -36.72
C CYS D 92 3.38 5.49 -36.61
N GLY D 93 4.58 5.74 -36.10
CA GLY D 93 5.08 7.09 -35.95
C GLY D 93 5.64 7.73 -37.19
N ILE D 94 5.66 7.02 -38.33
CA ILE D 94 6.18 7.61 -39.57
C ILE D 94 5.31 8.77 -40.01
N ALA D 95 4.01 8.53 -40.14
CA ALA D 95 3.09 9.61 -40.52
C ALA D 95 3.09 10.72 -39.47
N LEU D 96 3.24 10.36 -38.20
CA LEU D 96 3.24 11.36 -37.14
C LEU D 96 4.44 12.29 -37.25
N TYR D 97 5.61 11.75 -37.62
CA TYR D 97 6.77 12.62 -37.80
C TYR D 97 6.60 13.55 -38.98
N LEU D 98 6.29 12.99 -40.16
CA LEU D 98 6.08 13.81 -41.34
C LEU D 98 4.96 14.83 -41.16
N GLY D 99 4.03 14.57 -40.24
CA GLY D 99 3.00 15.53 -39.88
C GLY D 99 3.41 16.54 -38.84
N GLY D 100 4.69 16.57 -38.47
CA GLY D 100 5.17 17.54 -37.51
C GLY D 100 4.79 17.27 -36.07
N LYS D 101 4.70 15.99 -35.68
CA LYS D 101 4.34 15.63 -34.31
C LYS D 101 5.46 14.99 -33.51
N VAL D 102 6.51 14.51 -34.15
CA VAL D 102 7.58 13.76 -33.49
C VAL D 102 8.82 14.63 -33.45
N ALA D 103 9.21 15.05 -32.24
CA ALA D 103 10.41 15.87 -32.09
C ALA D 103 11.67 15.03 -32.13
N ASP D 104 11.72 13.96 -31.33
CA ASP D 104 12.89 13.10 -31.25
C ASP D 104 12.59 11.77 -31.93
N PRO D 105 13.21 11.46 -33.08
CA PRO D 105 12.98 10.16 -33.72
C PRO D 105 13.49 8.98 -32.91
N GLN D 106 14.33 9.20 -31.89
CA GLN D 106 14.79 8.10 -31.06
C GLN D 106 13.68 7.54 -30.18
N GLY D 107 12.62 8.33 -29.93
CA GLY D 107 11.50 7.83 -29.17
C GLY D 107 10.67 6.78 -29.88
N LEU D 108 10.87 6.61 -31.19
CA LEU D 108 10.12 5.63 -31.97
C LEU D 108 10.64 4.21 -31.78
N PHE D 109 11.64 4.00 -30.94
CA PHE D 109 12.15 2.69 -30.59
C PHE D 109 11.98 2.47 -29.09
N TYR D 110 11.56 1.27 -28.70
CA TYR D 110 11.43 0.94 -27.30
C TYR D 110 12.41 -0.13 -26.82
N SER D 111 13.20 -0.72 -27.72
CA SER D 111 14.21 -1.70 -27.33
C SER D 111 15.43 -1.48 -28.24
N SER D 112 16.40 -2.38 -28.15
CA SER D 112 17.62 -2.26 -28.94
C SER D 112 18.31 -3.62 -28.95
N PRO D 113 19.17 -3.88 -29.95
CA PRO D 113 19.95 -5.12 -29.93
C PRO D 113 20.83 -5.26 -28.69
N GLU D 114 21.28 -4.13 -28.13
CA GLU D 114 22.09 -4.18 -26.93
C GLU D 114 21.30 -4.71 -25.74
N GLU D 115 20.02 -4.33 -25.64
CA GLU D 115 19.21 -4.80 -24.52
C GLU D 115 18.95 -6.30 -24.61
N LEU D 116 18.61 -6.80 -25.80
CA LEU D 116 18.40 -8.23 -25.97
C LEU D 116 19.66 -9.02 -25.67
N GLN D 117 20.82 -8.53 -26.16
CA GLN D 117 22.09 -9.16 -25.82
C GLN D 117 22.33 -9.12 -24.32
N LYS D 118 22.09 -7.96 -23.71
CA LYS D 118 22.24 -7.83 -22.26
C LYS D 118 21.32 -8.80 -21.53
N LEU D 119 20.12 -9.05 -22.08
CA LEU D 119 19.21 -10.01 -21.48
C LEU D 119 19.63 -11.46 -21.72
N GLY D 120 20.70 -11.69 -22.48
CA GLY D 120 21.23 -13.02 -22.67
C GLY D 120 21.07 -13.62 -24.06
N ALA D 121 20.62 -12.83 -25.04
CA ALA D 121 20.39 -13.35 -26.38
C ALA D 121 21.62 -13.14 -27.26
N ASN D 122 21.81 -14.06 -28.20
CA ASN D 122 22.84 -13.92 -29.23
C ASN D 122 22.24 -13.15 -30.38
N VAL D 123 22.54 -11.86 -30.45
CA VAL D 123 21.90 -10.94 -31.39
C VAL D 123 22.80 -10.79 -32.61
N GLN D 124 22.26 -11.13 -33.78
CA GLN D 124 22.98 -11.06 -35.04
C GLN D 124 22.25 -10.10 -35.97
N MET D 125 22.49 -8.80 -35.78
CA MET D 125 21.97 -7.81 -36.71
C MET D 125 22.73 -7.86 -38.02
N ASN D 126 22.15 -7.22 -39.04
CA ASN D 126 22.73 -7.20 -40.40
C ASN D 126 22.96 -8.61 -40.91
N HIS D 127 22.01 -9.50 -40.65
CA HIS D 127 22.09 -10.89 -41.09
C HIS D 127 20.84 -11.24 -41.86
N ASN D 128 21.02 -11.86 -43.03
CA ASN D 128 19.91 -12.29 -43.88
C ASN D 128 19.84 -13.81 -43.86
N VAL D 129 18.73 -14.34 -43.35
CA VAL D 129 18.51 -15.78 -43.37
C VAL D 129 18.21 -16.20 -44.80
N LEU D 130 19.00 -17.14 -45.32
CA LEU D 130 18.88 -17.58 -46.70
C LEU D 130 18.06 -18.84 -46.87
N ALA D 131 18.06 -19.74 -45.90
CA ALA D 131 17.30 -20.98 -46.04
C ALA D 131 16.98 -21.54 -44.66
N ILE D 132 15.90 -22.32 -44.61
CA ILE D 132 15.50 -23.06 -43.43
C ILE D 132 15.23 -24.50 -43.86
N ASP D 133 15.87 -25.46 -43.19
CA ASP D 133 15.67 -26.87 -43.49
C ASP D 133 15.00 -27.54 -42.30
N PRO D 134 13.68 -27.71 -42.31
CA PRO D 134 13.02 -28.35 -41.16
C PRO D 134 13.38 -29.82 -41.00
N ASP D 135 13.68 -30.53 -42.09
CA ASP D 135 14.07 -31.93 -41.97
C ASP D 135 15.40 -32.08 -41.24
N GLN D 136 16.37 -31.22 -41.55
CA GLN D 136 17.64 -31.22 -40.86
C GLN D 136 17.67 -30.30 -39.66
N LYS D 137 16.61 -29.50 -39.47
CA LYS D 137 16.53 -28.54 -38.37
C LYS D 137 17.76 -27.63 -38.34
N THR D 138 18.02 -27.00 -39.49
CA THR D 138 19.13 -26.07 -39.63
C THR D 138 18.66 -24.79 -40.31
N VAL D 139 19.50 -23.76 -40.20
CA VAL D 139 19.28 -22.49 -40.87
C VAL D 139 20.61 -22.04 -41.47
N THR D 140 20.55 -21.49 -42.68
CA THR D 140 21.72 -20.96 -43.37
C THR D 140 21.59 -19.45 -43.44
N VAL D 141 22.52 -18.74 -42.78
CA VAL D 141 22.43 -17.30 -42.61
C VAL D 141 23.64 -16.65 -43.28
N GLU D 142 23.42 -15.44 -43.79
CA GLU D 142 24.46 -14.65 -44.44
C GLU D 142 24.69 -13.37 -43.65
N ASP D 143 25.94 -13.11 -43.28
CA ASP D 143 26.32 -11.82 -42.74
C ASP D 143 26.32 -10.78 -43.87
N LEU D 144 25.49 -9.75 -43.75
CA LEU D 144 25.37 -8.76 -44.81
C LEU D 144 26.57 -7.84 -44.90
N THR D 145 27.45 -7.82 -43.90
CA THR D 145 28.62 -6.93 -43.96
C THR D 145 29.73 -7.50 -44.82
N ASN D 146 29.91 -8.82 -44.83
CA ASN D 146 31.02 -9.44 -45.56
C ASN D 146 30.60 -10.63 -46.41
N HIS D 147 29.30 -10.88 -46.56
CA HIS D 147 28.72 -11.99 -47.32
C HIS D 147 29.03 -13.36 -46.73
N ALA D 148 29.65 -13.43 -45.56
CA ALA D 148 30.01 -14.71 -44.98
C ALA D 148 28.75 -15.50 -44.61
N GLN D 149 28.71 -16.76 -45.05
CA GLN D 149 27.57 -17.64 -44.80
C GLN D 149 27.95 -18.71 -43.77
N THR D 150 27.02 -18.98 -42.85
CA THR D 150 27.17 -20.05 -41.88
C THR D 150 25.87 -20.86 -41.84
N THR D 151 25.98 -22.07 -41.31
CA THR D 151 24.83 -22.96 -41.15
C THR D 151 24.75 -23.39 -39.70
N GLU D 152 23.60 -23.17 -39.08
CA GLU D 152 23.43 -23.41 -37.66
C GLU D 152 22.22 -24.31 -37.42
N SER D 153 22.28 -25.09 -36.35
CA SER D 153 21.21 -25.99 -35.96
C SER D 153 20.33 -25.36 -34.89
N TYR D 154 19.05 -25.73 -34.92
CA TYR D 154 18.07 -25.23 -33.95
C TYR D 154 17.24 -26.39 -33.42
N ASP D 155 16.74 -26.22 -32.20
CA ASP D 155 15.73 -27.11 -31.63
C ASP D 155 14.33 -26.58 -31.86
N LYS D 156 14.14 -25.27 -31.65
CA LYS D 156 12.91 -24.58 -31.94
C LYS D 156 13.23 -23.37 -32.81
N LEU D 157 12.34 -23.07 -33.75
CA LEU D 157 12.49 -21.92 -34.64
C LEU D 157 11.28 -21.02 -34.51
N VAL D 158 11.52 -19.71 -34.41
CA VAL D 158 10.47 -18.72 -34.26
C VAL D 158 10.45 -17.87 -35.52
N MET D 159 9.41 -18.06 -36.34
CA MET D 159 9.30 -17.35 -37.62
C MET D 159 8.58 -16.03 -37.39
N THR D 160 9.36 -15.00 -37.07
CA THR D 160 8.82 -13.65 -36.92
C THR D 160 9.38 -12.76 -38.01
N SER D 161 9.30 -13.22 -39.26
CA SER D 161 9.84 -12.50 -40.41
C SER D 161 8.93 -11.39 -40.90
N GLY D 162 7.74 -11.25 -40.33
CA GLY D 162 6.91 -10.09 -40.63
C GLY D 162 6.38 -10.10 -42.05
N SER D 163 6.31 -8.90 -42.64
CA SER D 163 5.69 -8.71 -43.94
C SER D 163 6.53 -7.73 -44.76
N TRP D 164 6.13 -7.56 -46.01
CA TRP D 164 6.75 -6.62 -46.94
C TRP D 164 5.68 -5.99 -47.81
N PRO D 165 5.83 -4.72 -48.17
CA PRO D 165 4.81 -4.05 -48.98
C PRO D 165 4.55 -4.77 -50.30
N ILE D 166 3.29 -4.72 -50.73
CA ILE D 166 2.90 -5.29 -52.01
C ILE D 166 3.34 -4.37 -53.13
N VAL D 167 4.23 -4.85 -53.98
CA VAL D 167 4.71 -4.07 -55.12
C VAL D 167 4.16 -4.67 -56.41
N PRO D 168 3.16 -4.06 -57.03
CA PRO D 168 2.57 -4.63 -58.23
C PRO D 168 3.45 -4.39 -59.46
N LYS D 169 3.33 -5.30 -60.42
CA LYS D 169 4.08 -5.23 -61.67
C LYS D 169 3.46 -4.15 -62.55
N ILE D 170 3.85 -2.91 -62.26
CA ILE D 170 3.38 -1.74 -63.01
C ILE D 170 4.57 -1.14 -63.74
N PRO D 171 4.44 -0.77 -65.02
CA PRO D 171 5.57 -0.18 -65.74
C PRO D 171 6.05 1.10 -65.07
N GLY D 172 7.35 1.14 -64.78
CA GLY D 172 7.98 2.31 -64.18
C GLY D 172 7.90 2.38 -62.68
N ILE D 173 7.31 1.39 -62.01
CA ILE D 173 7.15 1.45 -60.57
C ILE D 173 8.48 1.40 -59.84
N ASP D 174 9.55 0.98 -60.51
CA ASP D 174 10.89 1.01 -59.93
C ASP D 174 11.54 2.38 -59.99
N SER D 175 10.78 3.41 -60.34
CA SER D 175 11.31 4.77 -60.35
C SER D 175 11.72 5.20 -58.95
N ASP D 176 12.76 6.04 -58.88
CA ASP D 176 13.22 6.55 -57.59
C ASP D 176 12.27 7.59 -57.01
N ARG D 177 11.24 7.99 -57.74
CA ARG D 177 10.19 8.86 -57.20
C ARG D 177 9.04 8.08 -56.60
N VAL D 178 9.10 6.75 -56.64
CA VAL D 178 8.13 5.88 -55.99
C VAL D 178 8.81 5.25 -54.79
N LYS D 179 8.23 5.47 -53.60
CA LYS D 179 8.86 5.08 -52.35
C LYS D 179 7.95 4.15 -51.56
N LEU D 180 8.58 3.21 -50.85
CA LEU D 180 7.89 2.38 -49.88
C LEU D 180 7.84 3.11 -48.54
N CYS D 181 6.95 2.62 -47.65
CA CYS D 181 6.75 3.24 -46.34
C CYS D 181 6.46 2.12 -45.33
N LYS D 182 7.51 1.49 -44.83
CA LYS D 182 7.35 0.46 -43.81
C LYS D 182 8.32 0.64 -42.65
N ASN D 183 9.62 0.54 -42.91
CA ASN D 183 10.60 0.43 -41.85
C ASN D 183 11.33 1.76 -41.62
N TRP D 184 12.33 1.72 -40.74
CA TRP D 184 13.08 2.91 -40.38
C TRP D 184 13.90 3.46 -41.54
N ALA D 185 14.41 2.58 -42.41
CA ALA D 185 15.11 3.06 -43.60
C ALA D 185 14.16 3.77 -44.56
N HIS D 186 12.96 3.23 -44.74
CA HIS D 186 11.95 3.90 -45.56
C HIS D 186 11.57 5.25 -44.96
N ALA D 187 11.46 5.31 -43.63
CA ALA D 187 11.06 6.56 -42.98
C ALA D 187 12.10 7.66 -43.19
N GLN D 188 13.38 7.31 -43.07
CA GLN D 188 14.43 8.33 -43.23
C GLN D 188 14.47 8.86 -44.66
N ALA D 189 14.31 7.98 -45.66
CA ALA D 189 14.30 8.44 -47.04
C ALA D 189 13.12 9.37 -47.30
N LEU D 190 11.95 9.05 -46.73
CA LEU D 190 10.79 9.91 -46.91
C LEU D 190 10.96 11.24 -46.20
N ILE D 191 11.68 11.26 -45.08
CA ILE D 191 11.91 12.51 -44.36
C ILE D 191 12.81 13.45 -45.17
N GLU D 192 13.87 12.90 -45.77
CA GLU D 192 14.76 13.73 -46.58
C GLU D 192 14.08 14.18 -47.87
N ASP D 193 13.39 13.26 -48.55
CA ASP D 193 12.80 13.57 -49.85
C ASP D 193 11.53 14.38 -49.75
N ALA D 194 10.90 14.46 -48.57
CA ALA D 194 9.71 15.29 -48.42
C ALA D 194 10.02 16.77 -48.49
N LYS D 195 11.26 17.17 -48.15
CA LYS D 195 11.63 18.58 -48.22
C LYS D 195 11.66 19.09 -49.66
N GLU D 196 11.92 18.20 -50.62
CA GLU D 196 12.04 18.57 -52.03
C GLU D 196 10.80 18.22 -52.83
N ALA D 197 9.72 17.80 -52.19
CA ALA D 197 8.53 17.29 -52.89
C ALA D 197 7.31 18.08 -52.47
N LYS D 198 6.97 19.11 -53.26
CA LYS D 198 5.75 19.87 -53.01
C LYS D 198 4.51 19.03 -53.30
N ARG D 199 4.57 18.23 -54.37
CA ARG D 199 3.45 17.39 -54.79
C ARG D 199 3.69 15.96 -54.30
N ILE D 200 2.77 15.44 -53.50
CA ILE D 200 2.84 14.09 -52.95
C ILE D 200 1.62 13.32 -53.40
N THR D 201 1.84 12.13 -53.97
CA THR D 201 0.77 11.25 -54.38
C THR D 201 0.85 9.96 -53.57
N VAL D 202 -0.26 9.61 -52.92
CA VAL D 202 -0.36 8.40 -52.12
C VAL D 202 -1.20 7.39 -52.89
N ILE D 203 -0.66 6.20 -53.10
CA ILE D 203 -1.32 5.14 -53.84
C ILE D 203 -1.76 4.08 -52.82
N GLY D 204 -3.06 3.97 -52.61
CA GLY D 204 -3.60 3.07 -51.61
C GLY D 204 -4.30 3.80 -50.50
N ALA D 205 -5.62 3.60 -50.37
CA ALA D 205 -6.44 4.34 -49.43
C ALA D 205 -6.76 3.55 -48.17
N GLY D 206 -5.88 2.63 -47.77
CA GLY D 206 -5.96 2.03 -46.46
C GLY D 206 -5.61 3.04 -45.38
N TYR D 207 -5.61 2.55 -44.13
CA TYR D 207 -5.37 3.46 -43.01
C TYR D 207 -3.97 4.08 -43.08
N ILE D 208 -3.00 3.34 -43.62
CA ILE D 208 -1.65 3.89 -43.75
C ILE D 208 -1.63 5.02 -44.77
N GLY D 209 -2.13 4.76 -45.98
CA GLY D 209 -2.21 5.80 -46.98
C GLY D 209 -3.08 6.97 -46.53
N ALA D 210 -4.15 6.68 -45.79
CA ALA D 210 -4.98 7.76 -45.25
C ALA D 210 -4.21 8.62 -44.27
N GLU D 211 -3.40 8.00 -43.41
CA GLU D 211 -2.60 8.76 -42.45
C GLU D 211 -1.54 9.60 -43.15
N LEU D 212 -0.91 9.05 -44.18
CA LEU D 212 0.13 9.79 -44.89
C LEU D 212 -0.45 11.00 -45.62
N ALA D 213 -1.58 10.82 -46.29
CA ALA D 213 -2.19 11.94 -47.01
C ALA D 213 -2.62 13.04 -46.05
N GLU D 214 -3.12 12.66 -44.87
CA GLU D 214 -3.53 13.66 -43.88
C GLU D 214 -2.33 14.39 -43.31
N ALA D 215 -1.24 13.67 -43.04
CA ALA D 215 -0.05 14.31 -42.48
C ALA D 215 0.60 15.25 -43.48
N TYR D 216 0.67 14.86 -44.76
CA TYR D 216 1.28 15.71 -45.76
C TYR D 216 0.41 16.92 -46.10
N SER D 217 -0.92 16.75 -46.08
CA SER D 217 -1.79 17.87 -46.40
C SER D 217 -1.77 18.93 -45.31
N THR D 218 -1.70 18.51 -44.04
CA THR D 218 -1.67 19.47 -42.94
C THR D 218 -0.35 20.22 -42.85
N THR D 219 0.70 19.77 -43.53
CA THR D 219 1.99 20.42 -43.51
C THR D 219 2.27 21.24 -44.77
N GLY D 220 1.29 21.37 -45.66
CA GLY D 220 1.41 22.25 -46.79
C GLY D 220 1.84 21.62 -48.10
N HIS D 221 1.51 20.35 -48.32
CA HIS D 221 1.85 19.66 -49.55
C HIS D 221 0.62 19.55 -50.45
N ASP D 222 0.86 19.52 -51.76
CA ASP D 222 -0.18 19.23 -52.73
C ASP D 222 -0.35 17.72 -52.79
N VAL D 223 -1.48 17.21 -52.30
CA VAL D 223 -1.66 15.80 -52.01
C VAL D 223 -2.76 15.22 -52.89
N THR D 224 -2.50 14.06 -53.47
CA THR D 224 -3.47 13.30 -54.24
C THR D 224 -3.49 11.87 -53.72
N LEU D 225 -4.70 11.33 -53.50
CA LEU D 225 -4.88 9.99 -52.95
C LEU D 225 -5.53 9.12 -54.02
N ILE D 226 -4.81 8.11 -54.49
CA ILE D 226 -5.26 7.24 -55.57
C ILE D 226 -5.47 5.84 -55.03
N ASP D 227 -6.58 5.21 -55.42
CA ASP D 227 -6.87 3.84 -55.02
C ASP D 227 -7.91 3.27 -55.98
N ALA D 228 -7.78 1.98 -56.29
CA ALA D 228 -8.73 1.32 -57.16
C ALA D 228 -10.06 1.04 -56.46
N MET D 229 -10.05 0.95 -55.13
CA MET D 229 -11.28 0.72 -54.40
C MET D 229 -12.15 1.98 -54.41
N ALA D 230 -13.44 1.77 -54.16
CA ALA D 230 -14.41 2.86 -54.25
C ALA D 230 -14.39 3.80 -53.06
N ARG D 231 -13.91 3.33 -51.90
CA ARG D 231 -13.93 4.13 -50.68
C ARG D 231 -12.59 4.02 -49.97
N VAL D 232 -12.33 5.00 -49.11
CA VAL D 232 -11.15 4.94 -48.25
C VAL D 232 -11.45 4.03 -47.07
N MET D 233 -10.41 3.33 -46.59
CA MET D 233 -10.46 2.44 -45.44
C MET D 233 -11.74 1.61 -45.36
N PRO D 234 -12.07 0.84 -46.40
CA PRO D 234 -13.33 0.08 -46.36
C PRO D 234 -13.30 -1.12 -45.42
N LYS D 235 -12.13 -1.56 -44.98
CA LYS D 235 -12.05 -2.68 -44.05
C LYS D 235 -12.38 -2.28 -42.62
N TYR D 236 -12.26 -1.00 -42.28
CA TYR D 236 -12.52 -0.51 -40.92
C TYR D 236 -13.89 0.11 -40.75
N PHE D 237 -14.41 0.80 -41.77
CA PHE D 237 -15.60 1.61 -41.61
C PHE D 237 -16.55 1.39 -42.77
N ASP D 238 -17.84 1.57 -42.49
CA ASP D 238 -18.86 1.49 -43.53
C ASP D 238 -19.01 2.85 -44.20
N ALA D 239 -19.93 2.93 -45.17
CA ALA D 239 -20.00 4.09 -46.05
C ALA D 239 -20.36 5.37 -45.31
N ASP D 240 -21.17 5.27 -44.25
CA ASP D 240 -21.56 6.47 -43.51
C ASP D 240 -20.33 7.14 -42.88
N PHE D 241 -19.37 6.35 -42.41
CA PHE D 241 -18.16 6.91 -41.83
C PHE D 241 -17.21 7.44 -42.91
N THR D 242 -16.97 6.64 -43.96
CA THR D 242 -15.99 7.04 -44.96
C THR D 242 -16.47 8.21 -45.80
N ASP D 243 -17.79 8.37 -45.98
CA ASP D 243 -18.31 9.55 -46.64
C ASP D 243 -17.90 10.82 -45.90
N VAL D 244 -17.94 10.79 -44.57
CA VAL D 244 -17.50 11.94 -43.78
C VAL D 244 -15.99 12.12 -43.89
N ILE D 245 -15.24 11.02 -43.82
CA ILE D 245 -13.79 11.10 -43.90
C ILE D 245 -13.35 11.66 -45.26
N GLU D 246 -13.94 11.13 -46.34
CA GLU D 246 -13.60 11.63 -47.66
C GLU D 246 -14.00 13.08 -47.85
N GLN D 247 -15.09 13.50 -47.20
CA GLN D 247 -15.45 14.92 -47.22
C GLN D 247 -14.43 15.75 -46.46
N ASP D 248 -13.86 15.20 -45.38
CA ASP D 248 -12.82 15.90 -44.64
C ASP D 248 -11.57 16.11 -45.48
N TYR D 249 -11.21 15.12 -46.30
CA TYR D 249 -10.07 15.29 -47.19
C TYR D 249 -10.34 16.38 -48.22
N ARG D 250 -11.56 16.42 -48.75
CA ARG D 250 -11.90 17.43 -49.75
C ARG D 250 -11.92 18.82 -49.13
N ASP D 251 -12.43 18.96 -47.91
CA ASP D 251 -12.43 20.24 -47.23
C ASP D 251 -11.03 20.74 -46.93
N HIS D 252 -10.05 19.85 -46.91
CA HIS D 252 -8.65 20.24 -46.68
C HIS D 252 -7.82 20.20 -47.95
N GLY D 253 -8.46 20.17 -49.13
CA GLY D 253 -7.73 20.31 -50.37
C GLY D 253 -7.01 19.08 -50.87
N VAL D 254 -7.41 17.89 -50.43
CA VAL D 254 -6.81 16.65 -50.90
C VAL D 254 -7.60 16.16 -52.11
N GLN D 255 -6.89 15.87 -53.20
CA GLN D 255 -7.53 15.35 -54.41
C GLN D 255 -7.75 13.84 -54.23
N LEU D 256 -9.02 13.43 -54.19
CA LEU D 256 -9.38 12.03 -54.08
C LEU D 256 -9.53 11.44 -55.48
N ALA D 257 -8.84 10.33 -55.73
CA ALA D 257 -8.89 9.63 -57.01
C ALA D 257 -9.26 8.17 -56.77
N LEU D 258 -10.41 7.96 -56.14
CA LEU D 258 -10.88 6.62 -55.85
C LEU D 258 -11.46 5.96 -57.10
N GLY D 259 -11.49 4.63 -57.08
CA GLY D 259 -11.98 3.89 -58.22
C GLY D 259 -11.13 4.02 -59.47
N GLU D 260 -9.84 4.31 -59.30
CA GLU D 260 -8.91 4.47 -60.41
C GLU D 260 -7.74 3.52 -60.24
N THR D 261 -7.37 2.86 -61.33
CA THR D 261 -6.30 1.87 -61.33
C THR D 261 -5.06 2.44 -62.01
N VAL D 262 -3.95 2.50 -61.26
CA VAL D 262 -2.70 2.99 -61.82
C VAL D 262 -2.23 2.06 -62.92
N GLU D 263 -1.83 2.62 -64.05
CA GLU D 263 -1.39 1.85 -65.20
C GLU D 263 0.10 1.94 -65.49
N SER D 264 0.74 3.08 -65.19
CA SER D 264 2.15 3.24 -65.49
C SER D 264 2.71 4.43 -64.74
N PHE D 265 4.01 4.37 -64.45
CA PHE D 265 4.78 5.49 -63.92
C PHE D 265 5.80 5.90 -64.97
N THR D 266 5.86 7.19 -65.27
CA THR D 266 6.78 7.70 -66.28
C THR D 266 7.61 8.83 -65.69
N ASP D 267 8.93 8.65 -65.67
CA ASP D 267 9.83 9.70 -65.23
C ASP D 267 9.88 10.81 -66.27
N SER D 268 9.92 12.05 -65.78
CA SER D 268 9.95 13.21 -66.66
C SER D 268 10.81 14.29 -66.02
N ALA D 269 11.28 15.23 -66.86
CA ALA D 269 12.09 16.32 -66.37
C ALA D 269 11.34 17.21 -65.39
N THR D 270 10.01 17.20 -65.43
CA THR D 270 9.20 17.98 -64.52
C THR D 270 8.75 17.20 -63.29
N GLY D 271 9.01 15.90 -63.23
CA GLY D 271 8.66 15.10 -62.07
C GLY D 271 8.29 13.67 -62.41
N LEU D 272 7.17 13.19 -61.88
CA LEU D 272 6.70 11.84 -62.12
C LEU D 272 5.28 11.90 -62.63
N THR D 273 5.00 11.19 -63.72
CA THR D 273 3.68 11.17 -64.34
C THR D 273 3.02 9.83 -64.05
N ILE D 274 1.94 9.85 -63.28
CA ILE D 274 1.16 8.67 -62.95
C ILE D 274 -0.09 8.67 -63.83
N LYS D 275 -0.28 7.58 -64.57
CA LYS D 275 -1.42 7.44 -65.46
C LYS D 275 -2.33 6.34 -64.95
N THR D 276 -3.56 6.71 -64.59
CA THR D 276 -4.57 5.74 -64.21
C THR D 276 -5.43 5.41 -65.44
N ASP D 277 -6.45 4.58 -65.24
CA ASP D 277 -7.37 4.29 -66.33
C ASP D 277 -8.39 5.40 -66.56
N LYS D 278 -8.41 6.42 -65.70
CA LYS D 278 -9.38 7.51 -65.82
C LYS D 278 -8.74 8.89 -65.94
N ASN D 279 -7.47 9.06 -65.58
CA ASN D 279 -6.88 10.38 -65.51
C ASN D 279 -5.37 10.25 -65.54
N SER D 280 -4.68 11.39 -65.49
CA SER D 280 -3.23 11.45 -65.45
C SER D 280 -2.81 12.51 -64.44
N TYR D 281 -1.80 12.18 -63.63
CA TYR D 281 -1.34 13.05 -62.56
C TYR D 281 0.17 13.21 -62.64
N GLU D 282 0.65 14.42 -62.34
CA GLU D 282 2.08 14.70 -62.28
C GLU D 282 2.44 15.06 -60.85
N THR D 283 3.45 14.39 -60.30
CA THR D 283 3.82 14.56 -58.91
C THR D 283 5.33 14.52 -58.77
N ASP D 284 5.80 14.99 -57.62
CA ASP D 284 7.21 14.93 -57.27
C ASP D 284 7.59 13.65 -56.53
N LEU D 285 6.63 13.01 -55.86
CA LEU D 285 6.92 11.83 -55.07
C LEU D 285 5.66 10.97 -54.99
N ALA D 286 5.84 9.67 -55.08
CA ALA D 286 4.75 8.70 -54.95
C ALA D 286 5.09 7.70 -53.85
N ILE D 287 4.12 7.38 -53.01
CA ILE D 287 4.30 6.46 -51.89
C ILE D 287 3.33 5.30 -52.08
N LEU D 288 3.87 4.08 -52.09
CA LEU D 288 3.03 2.89 -52.23
C LEU D 288 2.46 2.50 -50.87
N CYS D 289 1.14 2.40 -50.79
CA CYS D 289 0.45 2.04 -49.54
C CYS D 289 -0.73 1.14 -49.86
N ILE D 290 -0.49 0.07 -50.63
CA ILE D 290 -1.57 -0.78 -51.09
C ILE D 290 -1.57 -2.14 -50.38
N GLY D 291 -0.98 -2.21 -49.19
CA GLY D 291 -1.10 -3.39 -48.36
C GLY D 291 0.25 -4.06 -48.14
N PHE D 292 0.19 -5.19 -47.42
CA PHE D 292 1.36 -5.97 -47.07
C PHE D 292 1.14 -7.44 -47.42
N ARG D 293 2.25 -8.13 -47.62
CA ARG D 293 2.26 -9.55 -47.92
C ARG D 293 3.19 -10.26 -46.95
N PRO D 294 2.78 -11.40 -46.39
CA PRO D 294 3.64 -12.12 -45.45
C PRO D 294 4.98 -12.47 -46.09
N ASN D 295 6.06 -12.19 -45.35
CA ASN D 295 7.41 -12.47 -45.82
C ASN D 295 7.82 -13.86 -45.34
N THR D 296 7.25 -14.88 -45.98
CA THR D 296 7.35 -16.25 -45.52
C THR D 296 7.86 -17.21 -46.60
N ASP D 297 8.54 -16.70 -47.64
CA ASP D 297 9.03 -17.59 -48.69
C ASP D 297 10.07 -18.58 -48.17
N LEU D 298 10.74 -18.27 -47.06
CA LEU D 298 11.69 -19.21 -46.48
C LEU D 298 11.04 -20.53 -46.07
N LEU D 299 9.74 -20.54 -45.81
CA LEU D 299 9.04 -21.74 -45.38
C LEU D 299 7.93 -22.15 -46.32
N LYS D 300 7.83 -21.54 -47.51
CA LYS D 300 6.76 -21.90 -48.44
C LYS D 300 6.90 -23.35 -48.87
N GLY D 301 5.78 -24.08 -48.83
CA GLY D 301 5.79 -25.49 -49.12
C GLY D 301 6.23 -26.37 -47.98
N LYS D 302 6.60 -25.79 -46.83
CA LYS D 302 7.08 -26.56 -45.69
C LYS D 302 6.15 -26.50 -44.48
N VAL D 303 5.33 -25.45 -44.36
CA VAL D 303 4.31 -25.35 -43.34
C VAL D 303 3.00 -24.90 -43.99
N ASP D 304 1.90 -25.25 -43.34
CA ASP D 304 0.59 -24.85 -43.85
C ASP D 304 0.46 -23.33 -43.86
N MET D 305 -0.04 -22.79 -44.97
CA MET D 305 -0.13 -21.35 -45.15
C MET D 305 -1.49 -20.96 -45.71
N ALA D 306 -1.93 -19.76 -45.34
CA ALA D 306 -3.08 -19.14 -45.96
C ALA D 306 -2.77 -18.84 -47.42
N PRO D 307 -3.80 -18.62 -48.25
CA PRO D 307 -3.53 -18.36 -49.69
C PRO D 307 -2.59 -17.19 -49.95
N ASN D 308 -2.55 -16.20 -49.06
CA ASN D 308 -1.64 -15.07 -49.23
C ASN D 308 -0.24 -15.36 -48.69
N GLY D 309 -0.02 -16.53 -48.09
CA GLY D 309 1.26 -16.89 -47.53
C GLY D 309 1.36 -16.79 -46.02
N ALA D 310 0.29 -16.37 -45.34
CA ALA D 310 0.33 -16.25 -43.89
C ALA D 310 0.39 -17.63 -43.24
N ILE D 311 1.35 -17.80 -42.33
CA ILE D 311 1.54 -19.09 -41.67
C ILE D 311 0.38 -19.37 -40.73
N ILE D 312 -0.25 -20.52 -40.91
CA ILE D 312 -1.36 -20.94 -40.05
C ILE D 312 -0.80 -21.58 -38.78
N THR D 313 -1.36 -21.21 -37.64
CA THR D 313 -0.93 -21.72 -36.35
C THR D 313 -2.13 -22.30 -35.60
N ASP D 314 -1.84 -23.07 -34.56
CA ASP D 314 -2.89 -23.49 -33.64
C ASP D 314 -3.10 -22.40 -32.60
N ASP D 315 -3.78 -22.72 -31.50
CA ASP D 315 -4.03 -21.73 -30.47
C ASP D 315 -2.81 -21.41 -29.62
N TYR D 316 -1.67 -22.05 -29.87
CA TYR D 316 -0.45 -21.80 -29.11
C TYR D 316 0.69 -21.31 -29.99
N MET D 317 0.37 -20.84 -31.20
CA MET D 317 1.31 -20.25 -32.15
C MET D 317 2.25 -21.28 -32.78
N ARG D 318 1.89 -22.56 -32.77
CA ARG D 318 2.67 -23.59 -33.43
C ARG D 318 2.13 -23.80 -34.84
N SER D 319 3.04 -23.83 -35.82
CA SER D 319 2.66 -24.08 -37.20
C SER D 319 2.33 -25.57 -37.37
N SER D 320 2.14 -25.99 -38.62
CA SER D 320 1.99 -27.41 -38.90
C SER D 320 3.24 -28.20 -38.51
N ASN D 321 4.40 -27.52 -38.43
CA ASN D 321 5.60 -28.13 -37.87
C ASN D 321 5.67 -27.74 -36.39
N PRO D 322 5.56 -28.69 -35.47
CA PRO D 322 5.45 -28.33 -34.04
C PRO D 322 6.70 -27.70 -33.45
N ASP D 323 7.82 -27.69 -34.16
CA ASP D 323 9.03 -27.03 -33.69
C ASP D 323 9.22 -25.65 -34.28
N ILE D 324 8.29 -25.19 -35.12
CA ILE D 324 8.36 -23.88 -35.76
C ILE D 324 7.16 -23.06 -35.30
N PHE D 325 7.43 -21.97 -34.60
CA PHE D 325 6.40 -21.02 -34.18
C PHE D 325 6.34 -19.87 -35.18
N ALA D 326 5.22 -19.15 -35.14
CA ALA D 326 5.02 -17.97 -35.99
C ALA D 326 4.22 -16.94 -35.21
N ALA D 327 4.66 -15.69 -35.27
CA ALA D 327 4.01 -14.61 -34.56
C ALA D 327 4.14 -13.32 -35.36
N GLY D 328 3.07 -12.52 -35.37
CA GLY D 328 3.11 -11.23 -36.03
C GLY D 328 2.71 -11.25 -37.49
N ASP D 329 3.28 -10.34 -38.27
CA ASP D 329 2.89 -10.18 -39.68
C ASP D 329 3.20 -11.40 -40.53
N SER D 330 3.98 -12.35 -40.03
CA SER D 330 4.22 -13.58 -40.77
C SER D 330 3.11 -14.60 -40.61
N ALA D 331 2.21 -14.41 -39.66
CA ALA D 331 1.22 -15.41 -39.31
C ALA D 331 -0.19 -14.90 -39.59
N ALA D 332 -1.12 -15.84 -39.67
CA ALA D 332 -2.54 -15.54 -39.66
C ALA D 332 -3.05 -15.55 -38.23
N VAL D 333 -4.19 -14.91 -38.02
CA VAL D 333 -4.79 -14.82 -36.69
C VAL D 333 -6.20 -15.36 -36.75
N HIS D 334 -6.67 -15.86 -35.60
CA HIS D 334 -8.05 -16.31 -35.45
C HIS D 334 -8.96 -15.10 -35.31
N TYR D 335 -9.80 -14.85 -36.31
CA TYR D 335 -10.73 -13.74 -36.29
C TYR D 335 -11.98 -14.16 -35.52
N ASN D 336 -12.16 -13.59 -34.32
CA ASN D 336 -13.28 -13.99 -33.47
C ASN D 336 -14.65 -13.77 -34.10
N PRO D 337 -14.96 -12.63 -34.72
CA PRO D 337 -16.32 -12.45 -35.26
C PRO D 337 -16.74 -13.48 -36.29
N THR D 338 -15.79 -14.08 -37.03
CA THR D 338 -16.11 -15.12 -37.99
C THR D 338 -15.62 -16.50 -37.58
N HIS D 339 -14.75 -16.59 -36.56
CA HIS D 339 -14.17 -17.86 -36.11
C HIS D 339 -13.36 -18.53 -37.21
N GLN D 340 -12.88 -17.75 -38.17
CA GLN D 340 -12.00 -18.24 -39.23
C GLN D 340 -10.66 -17.54 -39.15
N ASN D 341 -9.67 -18.13 -39.81
CA ASN D 341 -8.37 -17.50 -39.89
C ASN D 341 -8.43 -16.29 -40.82
N ALA D 342 -7.57 -15.31 -40.53
CA ALA D 342 -7.51 -14.09 -41.33
C ALA D 342 -6.11 -13.52 -41.25
N TYR D 343 -5.79 -12.63 -42.18
CA TYR D 343 -4.52 -11.91 -42.17
C TYR D 343 -4.79 -10.48 -41.73
N ILE D 344 -4.36 -10.15 -40.52
CA ILE D 344 -4.57 -8.82 -39.95
C ILE D 344 -3.22 -8.32 -39.44
N PRO D 345 -2.44 -7.63 -40.27
CA PRO D 345 -1.10 -7.21 -39.85
C PRO D 345 -1.13 -5.95 -38.99
N LEU D 346 -1.31 -6.13 -37.68
CA LEU D 346 -1.30 -5.03 -36.73
C LEU D 346 -0.27 -5.30 -35.65
N ALA D 347 0.28 -4.23 -35.08
CA ALA D 347 1.26 -4.37 -34.02
C ALA D 347 0.66 -5.04 -32.78
N THR D 348 -0.65 -4.87 -32.58
CA THR D 348 -1.32 -5.51 -31.44
C THR D 348 -1.17 -7.02 -31.49
N ASN D 349 -1.35 -7.61 -32.67
CA ASN D 349 -1.18 -9.06 -32.81
C ASN D 349 0.27 -9.47 -32.66
N ALA D 350 1.19 -8.64 -33.15
CA ALA D 350 2.61 -9.00 -33.11
C ALA D 350 3.13 -9.10 -31.69
N VAL D 351 2.76 -8.12 -30.84
CA VAL D 351 3.26 -8.14 -29.46
C VAL D 351 2.55 -9.21 -28.65
N ARG D 352 1.29 -9.52 -28.97
CA ARG D 352 0.57 -10.56 -28.25
C ARG D 352 1.05 -11.95 -28.66
N GLN D 353 1.09 -12.23 -29.96
CA GLN D 353 1.55 -13.54 -30.42
C GLN D 353 3.00 -13.79 -30.05
N GLY D 354 3.83 -12.74 -30.01
CA GLY D 354 5.20 -12.90 -29.58
C GLY D 354 5.30 -13.35 -28.13
N ILE D 355 4.44 -12.81 -27.27
CA ILE D 355 4.41 -13.22 -25.87
C ILE D 355 4.01 -14.70 -25.77
N LEU D 356 3.02 -15.11 -26.57
CA LEU D 356 2.55 -16.49 -26.50
C LEU D 356 3.62 -17.48 -26.96
N VAL D 357 4.47 -17.09 -27.91
CA VAL D 357 5.57 -17.97 -28.32
C VAL D 357 6.50 -18.24 -27.14
N GLY D 358 6.78 -17.20 -26.35
CA GLY D 358 7.66 -17.39 -25.20
C GLY D 358 7.05 -18.25 -24.10
N LYS D 359 5.72 -18.29 -24.01
CA LYS D 359 5.06 -19.09 -22.99
C LYS D 359 4.72 -20.50 -23.46
N ASN D 360 4.65 -20.72 -24.77
CA ASN D 360 4.34 -22.03 -25.32
C ASN D 360 5.55 -22.66 -26.01
N LEU D 361 6.75 -22.16 -25.73
CA LEU D 361 7.95 -22.66 -26.40
C LEU D 361 8.19 -24.12 -26.09
N VAL D 362 7.94 -24.54 -24.85
CA VAL D 362 8.16 -25.91 -24.42
C VAL D 362 6.90 -26.75 -24.50
N LYS D 363 5.77 -26.21 -24.04
CA LYS D 363 4.51 -26.95 -24.06
C LYS D 363 3.37 -25.94 -24.05
N PRO D 364 2.19 -26.31 -24.54
CA PRO D 364 1.03 -25.41 -24.49
C PRO D 364 0.72 -24.97 -23.07
N THR D 365 0.78 -23.67 -22.85
CA THR D 365 0.55 -23.09 -21.52
C THR D 365 -0.50 -21.99 -21.52
N VAL D 366 -0.49 -21.11 -22.52
CA VAL D 366 -1.47 -20.02 -22.61
C VAL D 366 -2.08 -20.06 -24.00
N LYS D 367 -3.41 -20.05 -24.06
CA LYS D 367 -4.14 -20.14 -25.31
C LYS D 367 -4.31 -18.75 -25.92
N TYR D 368 -4.31 -18.69 -27.25
CA TYR D 368 -4.54 -17.45 -27.97
C TYR D 368 -6.02 -17.08 -27.94
N MET D 369 -6.31 -15.83 -27.60
CA MET D 369 -7.68 -15.37 -27.45
C MET D 369 -8.30 -14.88 -28.76
N GLY D 370 -7.60 -15.01 -29.88
CA GLY D 370 -8.09 -14.45 -31.11
C GLY D 370 -7.94 -12.93 -31.10
N THR D 371 -8.59 -12.31 -32.07
CA THR D 371 -8.57 -10.85 -32.17
C THR D 371 -9.86 -10.36 -32.81
N GLN D 372 -10.13 -9.07 -32.61
CA GLN D 372 -11.25 -8.39 -33.25
C GLN D 372 -10.79 -7.39 -34.29
N SER D 373 -9.48 -7.26 -34.53
CA SER D 373 -8.92 -6.26 -35.43
C SER D 373 -9.30 -4.85 -34.99
N SER D 374 -9.26 -4.61 -33.69
CA SER D 374 -9.58 -3.29 -33.14
C SER D 374 -8.52 -2.28 -33.59
N SER D 375 -8.98 -1.12 -34.07
CA SER D 375 -8.08 -0.10 -34.57
C SER D 375 -8.69 1.27 -34.37
N GLY D 376 -7.88 2.29 -34.57
CA GLY D 376 -8.33 3.66 -34.42
C GLY D 376 -7.41 4.63 -35.12
N LEU D 377 -7.98 5.72 -35.62
CA LEU D 377 -7.21 6.73 -36.33
C LEU D 377 -7.54 8.11 -35.77
N ALA D 378 -6.63 9.04 -36.00
CA ALA D 378 -6.84 10.46 -35.72
C ALA D 378 -6.59 11.22 -37.01
N LEU D 379 -7.66 11.67 -37.67
CA LEU D 379 -7.57 12.39 -38.93
C LEU D 379 -8.33 13.69 -38.80
N TYR D 380 -7.65 14.80 -39.06
CA TYR D 380 -8.25 16.14 -39.06
C TYR D 380 -9.07 16.39 -37.80
N ASP D 381 -8.44 16.15 -36.65
CA ASP D 381 -8.99 16.35 -35.32
C ASP D 381 -10.15 15.41 -34.99
N ARG D 382 -10.45 14.44 -35.84
CA ARG D 382 -11.48 13.45 -35.55
C ARG D 382 -10.84 12.17 -35.03
N THR D 383 -11.45 11.59 -34.01
CA THR D 383 -11.10 10.26 -33.56
C THR D 383 -12.03 9.26 -34.24
N ILE D 384 -11.44 8.31 -34.98
CA ILE D 384 -12.19 7.35 -35.77
C ILE D 384 -11.69 5.97 -35.38
N VAL D 385 -12.52 5.21 -34.68
CA VAL D 385 -12.13 3.92 -34.15
C VAL D 385 -13.19 2.88 -34.54
N SER D 386 -12.79 1.61 -34.48
CA SER D 386 -13.68 0.54 -34.89
C SER D 386 -13.15 -0.78 -34.35
N THR D 387 -14.02 -1.79 -34.36
CA THR D 387 -13.63 -3.14 -33.98
C THR D 387 -14.61 -4.12 -34.63
N GLY D 388 -14.11 -5.32 -34.91
CA GLY D 388 -14.98 -6.33 -35.49
C GLY D 388 -15.36 -6.04 -36.94
N LEU D 389 -16.46 -6.65 -37.35
CA LEU D 389 -16.89 -6.62 -38.74
C LEU D 389 -17.66 -5.34 -39.05
N THR D 390 -17.40 -4.80 -40.24
CA THR D 390 -18.31 -3.82 -40.82
C THR D 390 -19.50 -4.54 -41.45
N LEU D 391 -20.54 -3.77 -41.77
CA LEU D 391 -21.69 -4.37 -42.45
C LEU D 391 -21.31 -4.86 -43.85
N ALA D 392 -20.46 -4.10 -44.54
CA ALA D 392 -20.02 -4.51 -45.88
C ALA D 392 -19.32 -5.86 -45.83
N ALA D 393 -18.31 -5.99 -44.96
CA ALA D 393 -17.58 -7.24 -44.86
C ALA D 393 -18.49 -8.39 -44.44
N ALA D 394 -19.45 -8.12 -43.56
CA ALA D 394 -20.36 -9.17 -43.09
C ALA D 394 -21.21 -9.70 -44.24
N LYS D 395 -21.85 -8.79 -44.99
CA LYS D 395 -22.65 -9.22 -46.13
C LYS D 395 -21.78 -9.78 -47.26
N GLN D 396 -20.57 -9.26 -47.41
CA GLN D 396 -19.66 -9.78 -48.43
C GLN D 396 -19.30 -11.22 -48.16
N GLN D 397 -19.30 -11.63 -46.89
CA GLN D 397 -19.03 -13.01 -46.51
C GLN D 397 -20.30 -13.82 -46.28
N GLY D 398 -21.46 -13.28 -46.67
CA GLY D 398 -22.71 -13.99 -46.55
C GLY D 398 -23.26 -14.13 -45.15
N LEU D 399 -22.66 -13.47 -44.17
CA LEU D 399 -23.15 -13.58 -42.80
C LEU D 399 -24.48 -12.86 -42.63
N ASN D 400 -25.33 -13.42 -41.78
CA ASN D 400 -26.60 -12.78 -41.42
C ASN D 400 -26.30 -11.58 -40.52
N ALA D 401 -26.45 -10.37 -41.06
CA ALA D 401 -26.02 -9.18 -40.34
C ALA D 401 -26.92 -8.00 -40.67
N GLU D 402 -27.14 -7.15 -39.67
CA GLU D 402 -27.82 -5.89 -39.82
C GLU D 402 -27.03 -4.81 -39.09
N GLN D 403 -27.35 -3.55 -39.38
CA GLN D 403 -26.58 -2.42 -38.89
C GLN D 403 -27.54 -1.33 -38.42
N VAL D 404 -27.12 -0.62 -37.37
CA VAL D 404 -27.80 0.58 -36.92
C VAL D 404 -26.78 1.72 -36.88
N ILE D 405 -27.22 2.92 -37.25
CA ILE D 405 -26.37 4.11 -37.24
C ILE D 405 -27.04 5.15 -36.34
N VAL D 406 -26.29 5.64 -35.36
CA VAL D 406 -26.80 6.60 -34.38
C VAL D 406 -25.82 7.77 -34.29
N GLU D 407 -26.35 8.98 -34.29
CA GLU D 407 -25.58 10.18 -34.01
C GLU D 407 -26.21 10.90 -32.82
N ASP D 408 -25.38 11.25 -31.85
CA ASP D 408 -25.85 11.90 -30.64
C ASP D 408 -24.70 12.66 -30.00
N ASN D 409 -25.03 13.70 -29.24
CA ASN D 409 -24.01 14.38 -28.46
C ASN D 409 -23.55 13.47 -27.33
N TYR D 410 -22.24 13.34 -27.15
CA TYR D 410 -21.72 12.34 -26.24
C TYR D 410 -22.04 12.67 -24.78
N ARG D 411 -22.18 13.94 -24.46
CA ARG D 411 -22.54 14.37 -23.11
C ARG D 411 -23.59 15.46 -23.21
N PRO D 412 -24.36 15.70 -22.14
CA PRO D 412 -25.54 16.58 -22.25
C PRO D 412 -25.20 17.98 -22.71
N GLU D 413 -26.22 18.65 -23.27
CA GLU D 413 -26.06 19.96 -23.90
C GLU D 413 -25.91 21.10 -22.90
N PHE D 414 -26.40 20.93 -21.66
CA PHE D 414 -26.26 22.02 -20.69
C PHE D 414 -24.81 22.22 -20.26
N MET D 415 -23.92 21.27 -20.56
CA MET D 415 -22.53 21.41 -20.23
C MET D 415 -21.91 22.56 -21.02
N PRO D 416 -20.77 23.09 -20.58
CA PRO D 416 -20.12 24.19 -21.33
C PRO D 416 -19.86 23.84 -22.78
N SER D 417 -19.55 22.58 -23.08
CA SER D 417 -19.38 22.14 -24.46
C SER D 417 -19.78 20.68 -24.56
N THR D 418 -20.11 20.28 -25.78
CA THR D 418 -20.40 18.87 -26.08
C THR D 418 -19.98 18.62 -27.53
N GLU D 419 -20.12 17.37 -27.96
CA GLU D 419 -19.65 17.00 -29.28
C GLU D 419 -20.49 15.86 -29.83
N PRO D 420 -20.88 15.91 -31.11
CA PRO D 420 -21.58 14.78 -31.70
C PRO D 420 -20.64 13.60 -31.91
N VAL D 421 -21.14 12.40 -31.63
CA VAL D 421 -20.41 11.16 -31.90
C VAL D 421 -21.27 10.32 -32.83
N LEU D 422 -20.74 10.00 -34.00
CA LEU D 422 -21.39 9.10 -34.94
C LEU D 422 -20.99 7.67 -34.61
N MET D 423 -22.00 6.82 -34.45
CA MET D 423 -21.78 5.45 -33.98
C MET D 423 -22.40 4.45 -34.94
N SER D 424 -21.80 3.26 -34.97
CA SER D 424 -22.26 2.16 -35.80
C SER D 424 -22.18 0.87 -34.99
N LEU D 425 -23.19 0.01 -35.17
CA LEU D 425 -23.21 -1.29 -34.52
C LEU D 425 -23.67 -2.34 -35.52
N VAL D 426 -22.87 -3.38 -35.72
CA VAL D 426 -23.17 -4.46 -36.63
C VAL D 426 -23.46 -5.71 -35.82
N PHE D 427 -24.57 -6.36 -36.10
CA PHE D 427 -25.05 -7.43 -35.24
C PHE D 427 -25.84 -8.44 -36.06
N ASP D 428 -25.90 -9.68 -35.56
CA ASP D 428 -26.72 -10.74 -36.11
C ASP D 428 -28.16 -10.51 -35.68
N PRO D 429 -29.07 -10.22 -36.60
CA PRO D 429 -30.44 -9.87 -36.20
C PRO D 429 -31.23 -11.02 -35.60
N ASP D 430 -30.75 -12.25 -35.69
CA ASP D 430 -31.47 -13.39 -35.15
C ASP D 430 -30.90 -13.91 -33.83
N THR D 431 -29.58 -13.93 -33.69
CA THR D 431 -28.96 -14.29 -32.42
C THR D 431 -28.66 -13.09 -31.53
N HIS D 432 -28.75 -11.88 -32.09
CA HIS D 432 -28.44 -10.61 -31.43
C HIS D 432 -26.96 -10.46 -31.09
N ARG D 433 -26.12 -11.40 -31.51
CA ARG D 433 -24.69 -11.30 -31.23
C ARG D 433 -24.09 -10.08 -31.92
N ILE D 434 -23.31 -9.31 -31.17
CA ILE D 434 -22.61 -8.16 -31.74
C ILE D 434 -21.49 -8.66 -32.64
N LEU D 435 -21.48 -8.19 -33.89
CA LEU D 435 -20.45 -8.56 -34.85
C LEU D 435 -19.36 -7.51 -34.99
N GLY D 436 -19.67 -6.26 -34.70
CA GLY D 436 -18.68 -5.20 -34.83
C GLY D 436 -19.32 -3.87 -34.51
N GLY D 437 -18.47 -2.85 -34.47
CA GLY D 437 -18.93 -1.50 -34.16
C GLY D 437 -17.84 -0.49 -34.43
N ALA D 438 -18.25 0.77 -34.45
CA ALA D 438 -17.32 1.85 -34.74
C ALA D 438 -17.88 3.15 -34.17
N LEU D 439 -16.98 4.08 -33.86
CA LEU D 439 -17.36 5.39 -33.33
C LEU D 439 -16.50 6.46 -33.97
N MET D 440 -17.09 7.63 -34.17
CA MET D 440 -16.39 8.77 -34.78
C MET D 440 -16.84 10.04 -34.09
N SER D 441 -15.87 10.84 -33.64
CA SER D 441 -16.16 12.09 -32.94
C SER D 441 -14.87 12.88 -32.80
N LYS D 442 -15.03 14.19 -32.60
CA LYS D 442 -13.88 15.02 -32.25
C LYS D 442 -13.49 14.89 -30.78
N TYR D 443 -14.37 14.31 -29.96
CA TYR D 443 -14.03 13.89 -28.61
C TYR D 443 -13.43 12.49 -28.66
N ASP D 444 -12.38 12.28 -27.86
CA ASP D 444 -11.64 11.03 -27.90
C ASP D 444 -12.48 9.85 -27.43
N VAL D 445 -13.15 9.18 -28.36
CA VAL D 445 -13.98 8.01 -28.06
C VAL D 445 -13.22 6.71 -28.32
N SER D 446 -11.90 6.76 -28.34
CA SER D 446 -11.11 5.60 -28.75
C SER D 446 -11.32 4.41 -27.80
N GLN D 447 -11.34 4.68 -26.49
CA GLN D 447 -11.46 3.59 -25.53
C GLN D 447 -12.79 2.86 -25.65
N SER D 448 -13.82 3.50 -26.21
CA SER D 448 -15.10 2.82 -26.38
C SER D 448 -15.00 1.65 -27.36
N ALA D 449 -14.11 1.76 -28.35
CA ALA D 449 -13.89 0.62 -29.25
C ALA D 449 -13.32 -0.58 -28.49
N ASN D 450 -12.48 -0.33 -27.49
CA ASN D 450 -11.99 -1.42 -26.65
C ASN D 450 -13.10 -2.03 -25.81
N THR D 451 -14.07 -1.21 -25.36
CA THR D 451 -15.24 -1.76 -24.70
C THR D 451 -16.00 -2.70 -25.61
N LEU D 452 -16.18 -2.31 -26.88
CA LEU D 452 -16.84 -3.18 -27.85
C LEU D 452 -16.02 -4.44 -28.11
N SER D 453 -14.69 -4.34 -28.09
CA SER D 453 -13.85 -5.51 -28.29
C SER D 453 -14.06 -6.54 -27.18
N VAL D 454 -14.22 -6.08 -25.94
CA VAL D 454 -14.48 -7.00 -24.83
C VAL D 454 -15.85 -7.64 -24.99
N CYS D 455 -16.84 -6.89 -25.47
CA CYS D 455 -18.15 -7.47 -25.74
C CYS D 455 -18.06 -8.61 -26.74
N ILE D 456 -17.36 -8.36 -27.86
CA ILE D 456 -17.25 -9.39 -28.90
C ILE D 456 -16.44 -10.58 -28.39
N GLN D 457 -15.42 -10.32 -27.56
CA GLN D 457 -14.65 -11.41 -26.98
C GLN D 457 -15.53 -12.33 -26.15
N ASN D 458 -16.47 -11.76 -25.40
CA ASN D 458 -17.36 -12.53 -24.55
C ASN D 458 -18.67 -12.91 -25.24
N GLU D 459 -18.78 -12.70 -26.55
CA GLU D 459 -19.95 -13.09 -27.34
C GLU D 459 -21.22 -12.42 -26.82
N ASN D 460 -21.12 -11.14 -26.48
CA ASN D 460 -22.26 -10.43 -25.93
C ASN D 460 -23.23 -10.02 -27.02
N THR D 461 -24.48 -9.80 -26.62
CA THR D 461 -25.55 -9.42 -27.54
C THR D 461 -25.83 -7.93 -27.44
N ILE D 462 -26.67 -7.45 -28.37
CA ILE D 462 -27.10 -6.06 -28.30
C ILE D 462 -27.98 -5.80 -27.09
N ASP D 463 -28.60 -6.85 -26.54
CA ASP D 463 -29.36 -6.70 -25.30
C ASP D 463 -28.43 -6.49 -24.11
N ASP D 464 -27.29 -7.20 -24.11
CA ASP D 464 -26.30 -6.99 -23.05
C ASP D 464 -25.78 -5.56 -23.07
N LEU D 465 -25.38 -5.09 -24.25
CA LEU D 465 -24.80 -3.75 -24.35
C LEU D 465 -25.85 -2.66 -24.13
N ALA D 466 -27.13 -2.98 -24.38
CA ALA D 466 -28.18 -1.99 -24.18
C ALA D 466 -28.41 -1.65 -22.72
N MET D 467 -28.05 -2.54 -21.79
CA MET D 467 -28.41 -2.38 -20.40
C MET D 467 -27.26 -2.58 -19.42
N VAL D 468 -26.07 -2.99 -19.90
CA VAL D 468 -24.96 -3.24 -18.98
C VAL D 468 -24.60 -1.96 -18.26
N ASP D 469 -24.19 -2.10 -16.99
CA ASP D 469 -23.90 -0.94 -16.16
C ASP D 469 -22.73 -0.15 -16.70
N MET D 470 -22.94 1.15 -16.87
CA MET D 470 -21.89 2.10 -17.26
C MET D 470 -22.09 3.38 -16.47
N LEU D 471 -20.99 4.05 -16.13
CA LEU D 471 -21.06 5.22 -15.27
C LEU D 471 -21.80 6.36 -15.95
N PHE D 472 -22.45 7.19 -15.14
CA PHE D 472 -23.06 8.43 -15.60
C PHE D 472 -22.49 9.61 -14.82
N GLN D 473 -21.99 10.59 -15.55
CA GLN D 473 -21.63 11.90 -15.04
C GLN D 473 -21.60 12.86 -16.23
N PRO D 474 -22.30 14.00 -16.15
CA PRO D 474 -22.41 14.87 -17.33
C PRO D 474 -21.08 15.31 -17.91
N ASN D 475 -19.99 15.24 -17.15
CA ASN D 475 -18.67 15.49 -17.74
C ASN D 475 -18.33 14.48 -18.82
N PHE D 476 -18.96 13.31 -18.80
CA PHE D 476 -18.56 12.20 -19.66
C PHE D 476 -19.66 11.68 -20.57
N ASP D 477 -20.91 11.64 -20.11
CA ASP D 477 -21.97 11.03 -20.93
C ASP D 477 -23.33 11.42 -20.36
N ARG D 478 -24.37 10.89 -20.99
CA ARG D 478 -25.75 11.00 -20.53
C ARG D 478 -26.05 9.92 -19.50
N PRO D 479 -27.22 9.97 -18.85
CA PRO D 479 -27.57 8.87 -17.92
C PRO D 479 -27.36 7.48 -18.49
N PHE D 480 -27.74 7.25 -19.75
CA PHE D 480 -27.28 6.09 -20.48
C PHE D 480 -26.06 6.47 -21.30
N ASN D 481 -24.99 5.68 -21.18
CA ASN D 481 -23.80 5.92 -21.99
C ASN D 481 -24.15 5.75 -23.47
N TYR D 482 -23.42 6.47 -24.33
CA TYR D 482 -23.70 6.42 -25.77
C TYR D 482 -23.57 5.01 -26.34
N LEU D 483 -22.81 4.13 -25.68
CA LEU D 483 -22.77 2.74 -26.13
C LEU D 483 -24.07 2.02 -25.79
N ASN D 484 -24.66 2.33 -24.62
CA ASN D 484 -25.98 1.80 -24.31
C ASN D 484 -27.02 2.31 -25.30
N ILE D 485 -26.99 3.61 -25.59
CA ILE D 485 -27.93 4.20 -26.54
C ILE D 485 -27.77 3.57 -27.91
N LEU D 486 -26.51 3.32 -28.32
CA LEU D 486 -26.25 2.67 -29.60
C LEU D 486 -26.93 1.30 -29.67
N ALA D 487 -26.73 0.48 -28.65
CA ALA D 487 -27.32 -0.86 -28.66
C ALA D 487 -28.83 -0.83 -28.51
N GLN D 488 -29.36 0.17 -27.80
CA GLN D 488 -30.82 0.28 -27.67
C GLN D 488 -31.47 0.61 -29.00
N ALA D 489 -30.81 1.41 -29.85
CA ALA D 489 -31.34 1.67 -31.18
C ALA D 489 -31.32 0.41 -32.04
N ALA D 490 -30.31 -0.45 -31.85
CA ALA D 490 -30.31 -1.74 -32.53
C ALA D 490 -31.48 -2.61 -32.07
N GLN D 491 -31.81 -2.54 -30.78
CA GLN D 491 -32.99 -3.25 -30.27
C GLN D 491 -34.27 -2.74 -30.93
N ALA D 492 -34.34 -1.43 -31.16
CA ALA D 492 -35.54 -0.87 -31.79
C ALA D 492 -35.66 -1.32 -33.24
N LYS D 493 -34.55 -1.31 -33.99
CA LYS D 493 -34.59 -1.76 -35.38
C LYS D 493 -34.97 -3.23 -35.48
N VAL D 494 -34.49 -4.05 -34.53
CA VAL D 494 -34.85 -5.46 -34.52
C VAL D 494 -36.31 -5.64 -34.11
N ALA D 495 -36.81 -4.78 -33.21
CA ALA D 495 -38.20 -4.93 -32.76
C ALA D 495 -39.19 -4.49 -33.82
N GLN D 496 -38.83 -3.52 -34.65
CA GLN D 496 -39.75 -3.03 -35.67
C GLN D 496 -39.94 -4.03 -36.81
N SER D 497 -39.05 -5.00 -36.95
CA SER D 497 -39.15 -5.99 -38.02
C SER D 497 -40.06 -7.16 -37.64
N VAL D 498 -40.16 -7.49 -36.36
CA VAL D 498 -41.04 -8.56 -35.94
C VAL D 498 -42.50 -8.17 -36.09
N ASN D 499 -42.79 -6.86 -36.14
CA ASN D 499 -44.15 -6.40 -36.35
C ASN D 499 -44.40 -6.13 -37.84
PA FAD E . 37.64 -10.95 10.23
O1A FAD E . 38.84 -11.43 11.11
O2A FAD E . 36.47 -11.86 10.44
O5B FAD E . 38.03 -10.95 8.74
C5B FAD E . 39.40 -10.71 8.42
C4B FAD E . 39.82 -11.50 7.08
O4B FAD E . 40.86 -10.93 6.57
C3B FAD E . 40.24 -12.92 7.44
O3B FAD E . 39.39 -13.83 6.84
C2B FAD E . 41.68 -13.07 6.90
O2B FAD E . 41.82 -14.38 6.22
C1B FAD E . 41.83 -12.12 6.06
N9A FAD E . 43.15 -11.68 6.06
C8A FAD E . 43.90 -11.25 7.12
N7A FAD E . 45.14 -10.92 6.64
C5A FAD E . 45.15 -11.15 5.28
C6A FAD E . 46.13 -10.98 4.31
N6A FAD E . 47.49 -10.52 4.33
N1A FAD E . 45.86 -11.28 3.02
C2A FAD E . 44.63 -11.74 2.66
N3A FAD E . 43.65 -11.91 3.62
C4A FAD E . 43.92 -11.61 4.92
N1 FAD E . 30.44 -10.28 17.19
C2 FAD E . 29.10 -9.80 17.50
O2 FAD E . 28.80 -8.70 17.30
N3 FAD E . 28.12 -10.72 18.10
C4 FAD E . 28.48 -12.07 18.34
O4 FAD E . 27.70 -12.80 18.80
C4X FAD E . 29.86 -12.54 18.00
N5 FAD E . 30.23 -13.89 18.26
C5X FAD E . 31.57 -14.36 17.93
C6 FAD E . 31.93 -15.68 18.17
C7 FAD E . 33.20 -16.11 17.87
C7M FAD E . 33.36 -17.59 18.22
C8 FAD E . 34.12 -15.22 17.30
C8M FAD E . 35.49 -15.55 16.93
C9 FAD E . 33.76 -13.89 17.06
C9A FAD E . 32.51 -13.46 17.37
N10 FAD E . 32.14 -12.08 17.11
C10 FAD E . 30.81 -11.62 17.43
C1' FAD E . 33.12 -11.15 16.53
C2' FAD E . 32.92 -11.02 15.04
O2' FAD E . 32.88 -12.30 14.45
C3' FAD E . 34.12 -10.24 14.48
O3' FAD E . 34.07 -8.95 14.92
C4' FAD E . 34.09 -10.26 12.91
O4' FAD E . 34.54 -11.46 12.46
C5' FAD E . 34.99 -9.16 12.39
O5' FAD E . 34.77 -8.98 11.02
P FAD E . 36.02 -8.61 10.12
O1P FAD E . 35.72 -8.95 8.66
O2P FAD E . 36.35 -7.12 10.27
O3P FAD E . 37.27 -9.47 10.69
O1 OXY F . 30.01 -13.37 14.74
O2 OXY F . 29.69 -13.24 13.58
C1 EDO G . 29.51 -20.55 0.42
O1 EDO G . 30.18 -21.57 1.15
C2 EDO G . 30.50 -19.44 0.06
O2 EDO G . 30.82 -18.69 1.24
C1 EDO H . 23.09 -11.24 7.00
O1 EDO H . 21.94 -10.75 7.71
C2 EDO H . 24.12 -10.12 6.89
O2 EDO H . 23.54 -9.01 6.20
C1 EDO I . 28.97 -10.22 21.37
O1 EDO I . 29.39 -9.90 22.70
C2 EDO I . 27.55 -10.77 21.39
O2 EDO I . 26.61 -9.70 21.38
C1 EDO J . 17.23 -13.13 37.95
O1 EDO J . 18.25 -13.86 38.65
C2 EDO J . 17.68 -12.86 36.53
O2 EDO J . 17.76 -14.10 35.81
PA FAD K . -9.71 7.49 35.50
O1A FAD K . -10.99 7.79 34.65
O2A FAD K . -9.39 6.03 35.44
O5B FAD K . -9.94 7.91 36.97
C5B FAD K . -10.83 9.00 37.22
C4B FAD K . -11.52 8.86 38.65
O4B FAD K . -12.01 10.01 39.01
C3B FAD K . -12.71 7.91 38.56
O3B FAD K . -12.55 6.85 39.44
C2B FAD K . -13.94 8.76 38.96
O2B FAD K . -14.87 7.95 39.78
C1B FAD K . -13.46 9.73 39.63
N9A FAD K . -14.28 10.87 39.49
C8A FAD K . -14.65 11.48 38.32
N7A FAD K . -15.43 12.55 38.65
C5A FAD K . -15.54 12.60 40.03
C6A FAD K . -16.20 13.47 40.88
N6A FAD K . -17.01 14.63 40.68
N1A FAD K . -16.12 13.28 42.22
C2A FAD K . -15.40 12.24 42.73
N3A FAD K . -14.75 11.39 41.88
C4A FAD K . -14.82 11.56 40.53
N1 FAD K . -4.01 2.38 29.01
C2 FAD K . -2.69 1.85 28.69
O2 FAD K . -1.76 2.55 28.72
N3 FAD K . -2.53 0.44 28.31
C4 FAD K . -3.65 -0.41 28.28
O4 FAD K . -3.54 -1.53 27.98
C4X FAD K . -5.01 0.14 28.61
N5 FAD K . -6.14 -0.71 28.57
C5X FAD K . -7.47 -0.19 28.90
C6 FAD K . -8.59 -1.02 28.86
C7 FAD K . -9.82 -0.52 29.17
C7M FAD K . -10.90 -1.61 29.06
C8 FAD K . -9.96 0.82 29.53
C8M FAD K . -11.21 1.49 29.88
C9 FAD K . -8.85 1.67 29.57
C9A FAD K . -7.61 1.17 29.25
N10 FAD K . -6.46 2.04 29.31
C10 FAD K . -5.16 1.52 28.97
C1' FAD K . -6.62 3.46 29.67
C2' FAD K . -6.31 3.71 31.13
O2' FAD K . -6.95 2.75 31.93
C3' FAD K . -6.83 5.11 31.50
O3' FAD K . -6.16 6.04 30.78
C4' FAD K . -6.62 5.38 33.03
O4' FAD K . -7.65 4.84 33.74
C5' FAD K . -6.56 6.86 33.27
O5' FAD K . -6.27 7.08 34.63
P FAD K . -6.97 8.30 35.35
O1P FAD K . -6.87 8.10 36.88
O2P FAD K . -6.30 9.62 34.95
O3P FAD K . -8.52 8.33 34.87
O1 OXY L . -5.35 0.47 32.92
O2 OXY L . -4.95 0.08 31.85
C1 EDO M . 2.02 0.77 39.47
O1 EDO M . 3.16 1.14 40.26
C2 EDO M . 1.91 -0.76 39.44
O2 EDO M . 3.09 -1.31 38.84
C1 EDO N . -23.69 -11.70 18.09
O1 EDO N . -24.76 -12.64 18.10
C2 EDO N . -22.39 -12.44 17.87
O2 EDO N . -22.39 -13.05 16.58
C1 EDO O . 3.52 -10.78 11.61
O1 EDO O . 3.12 -11.91 12.38
C2 EDO O . 4.02 -11.22 10.24
O2 EDO O . 2.92 -11.69 9.46
PA FAD P . -35.76 10.20 -6.76
O1A FAD P . -35.56 10.39 -5.20
O2A FAD P . -34.87 11.16 -7.49
O5B FAD P . -37.23 10.46 -7.16
C5B FAD P . -38.27 9.91 -6.34
C4B FAD P . -39.58 10.82 -6.37
O4B FAD P . -40.53 10.23 -5.73
C3B FAD P . -39.34 12.12 -5.64
O3B FAD P . -39.45 13.19 -6.50
C2B FAD P . -40.44 12.20 -4.55
O2B FAD P . -40.97 13.58 -4.47
C1B FAD P . -41.34 11.39 -4.96
N9A FAD P . -42.04 10.85 -3.88
C8A FAD P . -41.53 10.21 -2.78
N7A FAD P . -42.58 9.84 -1.99
C5A FAD P . -43.74 10.26 -2.60
C6A FAD P . -45.07 10.15 -2.24
N6A FAD P . -45.76 9.57 -1.11
N1A FAD P . -46.04 10.65 -3.04
C2A FAD P . -45.71 11.27 -4.21
N3A FAD P . -44.39 11.38 -4.57
C4A FAD P . -43.42 10.88 -3.77
N1 FAD P . -26.28 9.41 -9.99
C2 FAD P . -25.38 9.03 -11.09
O2 FAD P . -25.48 8.00 -11.60
N3 FAD P . -24.35 9.97 -11.54
C4 FAD P . -24.23 11.23 -10.92
O4 FAD P . -23.40 11.99 -11.28
C4X FAD P . -25.16 11.59 -9.81
N5 FAD P . -25.03 12.88 -9.18
C5X FAD P . -25.93 13.25 -8.09
C6 FAD P . -25.80 14.51 -7.49
C7 FAD P . -26.64 14.85 -6.46
C7M FAD P . -26.33 16.26 -5.95
C8 FAD P . -27.63 13.95 -6.03
C8M FAD P . -28.58 14.19 -4.98
C9 FAD P . -27.76 12.70 -6.64
C9A FAD P . -26.92 12.35 -7.66
N10 FAD P . -27.05 11.05 -8.29
C10 FAD P . -26.16 10.68 -9.37
C1' FAD P . -28.08 10.12 -7.83
C2' FAD P . -29.32 10.15 -8.69
O2' FAD P . -29.71 11.49 -8.89
C3' FAD P . -30.44 9.40 -7.98
O3' FAD P . -30.14 8.07 -7.94
C4' FAD P . -31.79 9.61 -8.75
O4' FAD P . -32.37 10.78 -8.35
C5' FAD P . -32.72 8.47 -8.43
O5' FAD P . -33.87 8.58 -9.21
P FAD P . -35.25 8.09 -8.60
O1P FAD P . -36.41 8.59 -9.49
O2P FAD P . -35.28 6.56 -8.51
O3P FAD P . -35.36 8.71 -7.11
O1 OXY Q . -27.94 12.73 -11.29
O2 OXY Q . -28.99 12.96 -11.84
C1 EDO R . -3.21 10.94 -11.53
O1 EDO R . -3.52 12.04 -12.40
C2 EDO R . -1.70 10.74 -11.49
O2 EDO R . -1.07 11.91 -10.96
PA FAD S . 7.79 -6.84 -39.11
O1A FAD S . 7.71 -6.91 -40.68
O2A FAD S . 7.74 -5.41 -38.67
O5B FAD S . 9.11 -7.48 -38.63
C5B FAD S . 9.74 -8.41 -39.50
C4B FAD S . 11.33 -8.35 -39.38
O4B FAD S . 11.82 -9.50 -39.76
C3B FAD S . 11.88 -7.30 -40.34
O3B FAD S . 12.62 -6.37 -39.64
C2B FAD S . 12.78 -8.07 -41.33
O2B FAD S . 14.00 -7.30 -41.60
C1B FAD S . 13.07 -9.17 -40.74
N9A FAD S . 13.20 -10.21 -41.67
C8A FAD S . 12.29 -10.63 -42.61
N7A FAD S . 12.85 -11.67 -43.30
C5A FAD S . 14.12 -11.89 -42.80
C6A FAD S . 15.11 -12.80 -43.13
N6A FAD S . 15.21 -13.85 -44.11
N1A FAD S . 16.27 -12.79 -42.45
C2A FAD S . 16.49 -11.90 -41.45
N3A FAD S . 15.51 -10.99 -41.12
C4A FAD S . 14.33 -10.99 -41.80
N1 FAD S . -0.27 -1.57 -36.19
C2 FAD S . -1.14 -1.18 -35.09
O2 FAD S . -1.59 -1.98 -34.39
N3 FAD S . -1.44 0.24 -34.88
C4 FAD S . -0.89 1.22 -35.74
O4 FAD S . -1.13 2.36 -35.56
C4X FAD S . 0.00 0.79 -36.85
N5 FAD S . 0.57 1.77 -37.72
C5X FAD S . 1.44 1.36 -38.82
C6 FAD S . 1.99 2.32 -39.68
C7 FAD S . 2.81 1.93 -40.70
C7M FAD S . 3.29 3.14 -41.51
C8 FAD S . 3.08 0.57 -40.89
C8M FAD S . 3.93 0.02 -41.94
C9 FAD S . 2.54 -0.39 -40.05
C9A FAD S . 1.73 -0.01 -39.03
N10 FAD S . 1.16 -1.00 -38.13
C10 FAD S . 0.29 -0.59 -37.05
C1' FAD S . 1.44 -2.42 -38.34
C2' FAD S . 2.62 -2.89 -37.49
O2' FAD S . 3.70 -1.99 -37.61
C3' FAD S . 3.06 -4.27 -38.01
O3' FAD S . 2.04 -5.16 -37.83
C4' FAD S . 4.33 -4.75 -37.24
O4' FAD S . 5.45 -4.25 -37.85
C5' FAD S . 4.38 -6.26 -37.28
O5' FAD S . 5.38 -6.72 -36.42
P FAD S . 6.30 -7.91 -36.95
O1P FAD S . 7.62 -7.92 -36.18
O2P FAD S . 5.57 -9.25 -36.79
O3P FAD S . 6.55 -7.63 -38.52
O1 OXY T . 3.08 0.47 -35.66
O2 OXY T . 3.95 -0.02 -34.98
C1 EDO U . -31.85 11.65 -20.77
O1 EDO U . -32.56 10.41 -20.91
C2 EDO U . -30.77 11.71 -21.84
O2 EDO U . -29.79 12.68 -21.46
C1 EDO V . 6.43 -1.45 -26.13
O1 EDO V . 6.24 -2.23 -24.94
C2 EDO V . 6.48 0.02 -25.76
O2 EDO V . 5.26 0.39 -25.10
C1 EDO W . -4.34 1.76 -35.95
O1 EDO W . -5.05 1.11 -34.88
C2 EDO W . -4.19 0.80 -37.12
O2 EDO W . -5.37 0.82 -37.91
C1 EDO X . -34.28 -4.20 -22.47
O1 EDO X . -33.31 -4.98 -23.18
C2 EDO X . -34.02 -2.71 -22.68
O2 EDO X . -34.24 -2.37 -24.06
#